data_1T5O
#
_entry.id   1T5O
#
_cell.length_a   105.575
_cell.length_b   110.202
_cell.length_c   141.498
_cell.angle_alpha   90.00
_cell.angle_beta   90.00
_cell.angle_gamma   90.00
#
_symmetry.space_group_name_H-M   'P 21 21 21'
#
loop_
_entity.id
_entity.type
_entity.pdbx_description
1 polymer 'Translation initiation factor eIF2B, subunit delta'
2 water water
#
_entity_poly.entity_id   1
_entity_poly.type   'polypeptide(L)'
_entity_poly.pdbx_seq_one_letter_code
;MSLRSIFWDDGLKLIDQTKLPEKLEVIECRNVEELADAIKKLAVRGAPALEAAGAYGIALAAREREFADVDELKEHLKKA
ADFLASTRPTAVNLFVGIERALNAALKGESVEEVKELALREAEKLAEEDVERNRKMGEYGAELLEDGDVVLTYCNAGRLA
TVDWGTALGVVRSAVEQGKEIRVIACETRPLNQGSRLTCWELMEDGIDVTLITDSMVGIVMQKGMVDKVIVGADRIVRDA
VFNKIGTYTVSVVAKHHNIPFYVAAPKATFDWERTAKDVVIEERPREELIFCGKRQIAPLNVKVYNPAFDPTPLENVTAL
ITEYGVIYPPYEVNVPKVLKFEGGSHHHHHH
;
_entity_poly.pdbx_strand_id   A,B,C,D
#
# COMPACT_ATOMS: atom_id res chain seq x y z
N SER A 2 -34.61 -23.11 -17.40
CA SER A 2 -34.58 -23.20 -15.91
C SER A 2 -35.80 -22.51 -15.25
N LEU A 3 -35.97 -22.75 -13.96
CA LEU A 3 -37.07 -22.18 -13.20
C LEU A 3 -36.74 -20.81 -12.59
N ARG A 4 -37.76 -19.98 -12.39
CA ARG A 4 -37.54 -18.69 -11.72
C ARG A 4 -37.49 -19.14 -10.25
N SER A 5 -36.86 -18.36 -9.38
CA SER A 5 -36.73 -18.77 -7.98
C SER A 5 -38.05 -18.73 -7.21
N ILE A 6 -38.99 -17.92 -7.70
CA ILE A 6 -40.30 -17.79 -7.09
C ILE A 6 -41.22 -17.32 -8.21
N PHE A 7 -42.39 -17.94 -8.34
CA PHE A 7 -43.32 -17.59 -9.40
C PHE A 7 -44.77 -18.03 -9.12
N TRP A 8 -45.66 -17.68 -10.03
CA TRP A 8 -47.07 -18.05 -9.88
C TRP A 8 -47.45 -19.02 -10.99
N ASP A 9 -47.96 -20.17 -10.59
CA ASP A 9 -48.38 -21.22 -11.51
C ASP A 9 -49.44 -21.95 -10.73
N ASP A 10 -50.66 -21.45 -10.79
CA ASP A 10 -51.78 -22.00 -10.05
C ASP A 10 -51.38 -21.97 -8.58
N GLY A 11 -50.89 -20.82 -8.15
CA GLY A 11 -50.47 -20.67 -6.77
C GLY A 11 -49.02 -20.27 -6.68
N LEU A 12 -48.62 -19.79 -5.51
CA LEU A 12 -47.25 -19.36 -5.27
C LEU A 12 -46.27 -20.51 -5.20
N LYS A 13 -45.31 -20.55 -6.11
CA LYS A 13 -44.31 -21.61 -6.12
C LYS A 13 -42.91 -21.00 -5.87
N LEU A 14 -42.08 -21.71 -5.10
CA LEU A 14 -40.71 -21.27 -4.79
C LEU A 14 -39.75 -22.45 -4.87
N ILE A 15 -38.53 -22.17 -5.28
CA ILE A 15 -37.50 -23.20 -5.30
C ILE A 15 -37.12 -23.25 -3.82
N ASP A 16 -37.11 -24.44 -3.23
CA ASP A 16 -36.76 -24.57 -1.81
C ASP A 16 -35.23 -24.59 -1.67
N GLN A 17 -34.64 -23.41 -1.51
CA GLN A 17 -33.19 -23.32 -1.41
C GLN A 17 -32.55 -24.06 -0.25
N THR A 18 -33.30 -24.29 0.82
CA THR A 18 -32.75 -25.03 1.96
C THR A 18 -32.43 -26.47 1.55
N LYS A 19 -32.96 -26.92 0.41
CA LYS A 19 -32.75 -28.29 -0.08
C LYS A 19 -31.51 -28.41 -0.95
N LEU A 20 -31.03 -27.27 -1.43
CA LEU A 20 -29.85 -27.23 -2.28
C LEU A 20 -28.62 -27.49 -1.43
N PRO A 21 -27.54 -28.02 -2.02
CA PRO A 21 -27.38 -28.39 -3.44
C PRO A 21 -27.82 -29.82 -3.79
N GLU A 22 -28.12 -30.63 -2.79
CA GLU A 22 -28.50 -32.02 -3.01
C GLU A 22 -29.75 -32.25 -3.84
N LYS A 23 -30.77 -31.43 -3.66
CA LYS A 23 -32.00 -31.62 -4.42
C LYS A 23 -32.68 -30.34 -4.83
N LEU A 24 -33.22 -30.34 -6.03
CA LEU A 24 -33.98 -29.20 -6.55
C LEU A 24 -35.41 -29.57 -6.22
N GLU A 25 -36.02 -28.80 -5.32
CA GLU A 25 -37.38 -29.02 -4.90
C GLU A 25 -38.23 -27.76 -5.00
N VAL A 26 -39.36 -27.85 -5.70
CA VAL A 26 -40.24 -26.71 -5.82
C VAL A 26 -41.36 -26.89 -4.79
N ILE A 27 -41.52 -25.92 -3.89
CA ILE A 27 -42.57 -26.03 -2.91
C ILE A 27 -43.71 -25.05 -3.22
N GLU A 28 -44.86 -25.34 -2.63
CA GLU A 28 -46.06 -24.56 -2.83
C GLU A 28 -46.47 -23.86 -1.53
N CYS A 29 -46.68 -22.55 -1.61
CA CYS A 29 -47.13 -21.80 -0.46
C CYS A 29 -48.61 -21.59 -0.75
N ARG A 30 -49.46 -22.19 0.07
CA ARG A 30 -50.90 -22.06 -0.12
C ARG A 30 -51.50 -21.09 0.90
N ASN A 31 -50.66 -20.60 1.82
CA ASN A 31 -51.12 -19.63 2.80
C ASN A 31 -50.02 -18.69 3.31
N VAL A 32 -50.45 -17.61 3.95
CA VAL A 32 -49.58 -16.58 4.50
C VAL A 32 -48.45 -17.13 5.36
N GLU A 33 -48.82 -17.95 6.33
CA GLU A 33 -47.86 -18.53 7.26
C GLU A 33 -46.76 -19.34 6.58
N GLU A 34 -47.12 -20.11 5.55
CA GLU A 34 -46.13 -20.91 4.85
C GLU A 34 -45.05 -20.06 4.19
N LEU A 35 -45.48 -19.00 3.51
CA LEU A 35 -44.56 -18.11 2.85
C LEU A 35 -43.68 -17.48 3.92
N ALA A 36 -44.32 -17.01 5.00
CA ALA A 36 -43.57 -16.39 6.08
C ALA A 36 -42.48 -17.33 6.61
N ASP A 37 -42.79 -18.60 6.79
CA ASP A 37 -41.75 -19.47 7.32
C ASP A 37 -40.71 -19.75 6.25
N ALA A 38 -41.13 -19.75 4.99
CA ALA A 38 -40.20 -20.00 3.91
C ALA A 38 -39.18 -18.86 3.94
N ILE A 39 -39.68 -17.65 4.18
CA ILE A 39 -38.85 -16.47 4.26
C ILE A 39 -37.88 -16.61 5.45
N LYS A 40 -38.41 -17.05 6.59
CA LYS A 40 -37.61 -17.22 7.80
C LYS A 40 -36.52 -18.27 7.64
N LYS A 41 -36.85 -19.40 6.99
CA LYS A 41 -35.88 -20.49 6.80
C LYS A 41 -34.89 -20.18 5.69
N LEU A 42 -35.06 -19.03 5.05
CA LEU A 42 -34.21 -18.65 3.93
C LEU A 42 -34.46 -19.57 2.73
N ALA A 43 -35.68 -20.11 2.62
CA ALA A 43 -36.00 -20.94 1.47
C ALA A 43 -36.08 -19.98 0.27
N VAL A 44 -36.44 -18.72 0.56
CA VAL A 44 -36.48 -17.65 -0.45
C VAL A 44 -35.51 -16.64 0.12
N ARG A 45 -34.67 -16.05 -0.72
CA ARG A 45 -33.69 -15.07 -0.27
C ARG A 45 -33.25 -14.23 -1.44
N GLY A 46 -32.67 -13.08 -1.14
CA GLY A 46 -32.25 -12.16 -2.18
C GLY A 46 -33.28 -11.07 -2.21
N ALA A 47 -32.85 -9.81 -2.25
CA ALA A 47 -33.77 -8.67 -2.26
C ALA A 47 -34.94 -8.78 -3.24
N PRO A 48 -34.66 -8.97 -4.54
CA PRO A 48 -35.74 -9.08 -5.52
C PRO A 48 -36.67 -10.26 -5.24
N ALA A 49 -36.10 -11.38 -4.81
CA ALA A 49 -36.88 -12.56 -4.51
C ALA A 49 -37.84 -12.22 -3.38
N LEU A 50 -37.34 -11.46 -2.40
CA LEU A 50 -38.16 -11.09 -1.25
C LEU A 50 -39.20 -10.06 -1.62
N GLU A 51 -38.90 -9.25 -2.63
CA GLU A 51 -39.86 -8.24 -3.06
C GLU A 51 -41.00 -8.98 -3.71
N ALA A 52 -40.64 -9.93 -4.58
CA ALA A 52 -41.64 -10.73 -5.28
C ALA A 52 -42.42 -11.56 -4.26
N ALA A 53 -41.75 -12.01 -3.19
CA ALA A 53 -42.44 -12.78 -2.16
C ALA A 53 -43.49 -11.90 -1.48
N GLY A 54 -43.12 -10.66 -1.18
CA GLY A 54 -44.05 -9.73 -0.56
C GLY A 54 -45.28 -9.51 -1.41
N ALA A 55 -45.08 -9.26 -2.71
CA ALA A 55 -46.19 -9.03 -3.65
C ALA A 55 -47.05 -10.27 -3.89
N TYR A 56 -46.42 -11.41 -4.12
CA TYR A 56 -47.20 -12.63 -4.33
C TYR A 56 -47.92 -12.96 -3.03
N GLY A 57 -47.34 -12.51 -1.91
CA GLY A 57 -47.95 -12.77 -0.62
C GLY A 57 -49.36 -12.20 -0.57
N ILE A 58 -49.49 -10.96 -1.05
CA ILE A 58 -50.78 -10.26 -1.09
C ILE A 58 -51.74 -10.95 -2.06
N ALA A 59 -51.23 -11.40 -3.21
CA ALA A 59 -52.07 -12.11 -4.18
C ALA A 59 -52.53 -13.41 -3.52
N LEU A 60 -51.62 -14.01 -2.76
CA LEU A 60 -51.93 -15.24 -2.06
C LEU A 60 -52.99 -14.97 -0.98
N ALA A 61 -52.72 -13.99 -0.12
CA ALA A 61 -53.66 -13.67 0.95
C ALA A 61 -55.07 -13.40 0.44
N ALA A 62 -55.18 -12.84 -0.77
CA ALA A 62 -56.47 -12.52 -1.35
C ALA A 62 -57.15 -13.72 -1.99
N ARG A 63 -56.42 -14.83 -2.11
CA ARG A 63 -56.95 -16.03 -2.72
C ARG A 63 -57.07 -17.16 -1.70
N GLU A 64 -56.33 -17.01 -0.59
CA GLU A 64 -56.31 -17.99 0.50
C GLU A 64 -57.63 -18.76 0.53
N ARG A 65 -58.70 -18.07 0.91
CA ARG A 65 -60.04 -18.65 0.94
C ARG A 65 -60.96 -17.76 0.11
N GLU A 66 -62.17 -18.22 -0.16
CA GLU A 66 -63.11 -17.42 -0.93
C GLU A 66 -63.67 -16.25 -0.11
N PHE A 67 -64.19 -15.26 -0.81
CA PHE A 67 -64.78 -14.08 -0.16
C PHE A 67 -66.04 -13.67 -0.92
N ALA A 68 -67.12 -13.41 -0.19
CA ALA A 68 -68.36 -12.98 -0.81
C ALA A 68 -68.38 -11.44 -0.87
N ASP A 69 -67.84 -10.80 0.17
CA ASP A 69 -67.78 -9.34 0.25
C ASP A 69 -66.37 -8.74 0.17
N VAL A 70 -66.24 -7.74 -0.69
CA VAL A 70 -64.97 -7.05 -0.94
C VAL A 70 -64.31 -6.40 0.26
N ASP A 71 -65.05 -5.55 0.97
CA ASP A 71 -64.47 -4.87 2.13
C ASP A 71 -63.87 -5.80 3.16
N GLU A 72 -64.39 -7.02 3.23
CA GLU A 72 -63.88 -8.01 4.16
C GLU A 72 -62.54 -8.48 3.61
N LEU A 73 -62.51 -8.67 2.29
CA LEU A 73 -61.30 -9.09 1.59
C LEU A 73 -60.22 -8.06 1.86
N LYS A 74 -60.51 -6.79 1.55
CA LYS A 74 -59.57 -5.70 1.76
C LYS A 74 -59.02 -5.64 3.19
N GLU A 75 -59.91 -5.73 4.17
CA GLU A 75 -59.51 -5.69 5.56
C GLU A 75 -58.49 -6.79 5.81
N HIS A 76 -58.78 -7.99 5.27
CA HIS A 76 -57.89 -9.14 5.41
C HIS A 76 -56.52 -8.85 4.79
N LEU A 77 -56.50 -8.21 3.63
CA LEU A 77 -55.23 -7.91 2.97
C LEU A 77 -54.35 -6.99 3.83
N LYS A 78 -54.94 -5.98 4.45
CA LYS A 78 -54.17 -5.08 5.29
C LYS A 78 -53.55 -5.85 6.46
N LYS A 79 -54.29 -6.83 6.95
CA LYS A 79 -53.82 -7.65 8.05
C LYS A 79 -52.67 -8.55 7.58
N ALA A 80 -52.86 -9.19 6.43
CA ALA A 80 -51.85 -10.07 5.86
C ALA A 80 -50.57 -9.27 5.54
N ALA A 81 -50.74 -8.06 5.00
CA ALA A 81 -49.63 -7.20 4.67
C ALA A 81 -48.83 -6.92 5.94
N ASP A 82 -49.54 -6.62 7.01
CA ASP A 82 -48.95 -6.33 8.33
C ASP A 82 -48.22 -7.55 8.86
N PHE A 83 -48.86 -8.71 8.75
CA PHE A 83 -48.27 -9.95 9.21
C PHE A 83 -47.00 -10.32 8.44
N LEU A 84 -47.05 -10.25 7.12
CA LEU A 84 -45.88 -10.61 6.32
C LEU A 84 -44.71 -9.67 6.48
N ALA A 85 -44.98 -8.37 6.54
CA ALA A 85 -43.89 -7.41 6.71
C ALA A 85 -43.20 -7.58 8.07
N SER A 86 -43.97 -8.02 9.07
CA SER A 86 -43.44 -8.24 10.40
C SER A 86 -42.44 -9.40 10.44
N THR A 87 -42.40 -10.22 9.39
CA THR A 87 -41.45 -11.33 9.38
C THR A 87 -40.07 -10.71 9.57
N ARG A 88 -39.94 -9.48 9.11
CA ARG A 88 -38.71 -8.70 9.26
C ARG A 88 -39.02 -7.29 8.79
N PRO A 89 -39.36 -6.41 9.75
CA PRO A 89 -39.72 -5.00 9.57
C PRO A 89 -38.70 -4.18 8.82
N THR A 90 -37.45 -4.62 8.91
CA THR A 90 -36.31 -3.97 8.28
C THR A 90 -36.07 -4.33 6.80
N ALA A 91 -36.79 -5.33 6.28
CA ALA A 91 -36.62 -5.73 4.89
C ALA A 91 -37.30 -4.73 3.98
N VAL A 92 -36.51 -3.82 3.41
CA VAL A 92 -37.01 -2.77 2.52
C VAL A 92 -37.72 -3.32 1.29
N ASN A 93 -37.12 -4.36 0.68
CA ASN A 93 -37.69 -4.98 -0.51
C ASN A 93 -38.95 -5.75 -0.22
N LEU A 94 -38.96 -6.45 0.89
CA LEU A 94 -40.14 -7.19 1.29
C LEU A 94 -41.25 -6.16 1.52
N PHE A 95 -40.87 -5.04 2.13
CA PHE A 95 -41.81 -3.95 2.39
C PHE A 95 -42.34 -3.38 1.09
N VAL A 96 -41.45 -3.14 0.13
CA VAL A 96 -41.86 -2.57 -1.14
C VAL A 96 -42.86 -3.49 -1.86
N GLY A 97 -42.54 -4.79 -1.88
CA GLY A 97 -43.41 -5.75 -2.54
C GLY A 97 -44.80 -5.78 -1.91
N ILE A 98 -44.82 -5.84 -0.59
CA ILE A 98 -46.07 -5.85 0.19
C ILE A 98 -46.93 -4.61 -0.12
N GLU A 99 -46.34 -3.42 0.09
CA GLU A 99 -47.08 -2.18 -0.13
C GLU A 99 -47.50 -1.92 -1.57
N ARG A 100 -46.69 -2.35 -2.53
CA ARG A 100 -47.08 -2.12 -3.92
C ARG A 100 -48.23 -3.00 -4.38
N ALA A 101 -48.23 -4.24 -3.88
CA ALA A 101 -49.26 -5.20 -4.21
C ALA A 101 -50.56 -4.83 -3.51
N LEU A 102 -50.45 -4.42 -2.25
CA LEU A 102 -51.61 -4.02 -1.45
C LEU A 102 -52.27 -2.79 -2.05
N ASN A 103 -51.45 -1.78 -2.31
CA ASN A 103 -51.89 -0.50 -2.88
C ASN A 103 -52.69 -0.78 -4.15
N ALA A 104 -52.20 -1.69 -4.99
CA ALA A 104 -52.88 -2.00 -6.25
C ALA A 104 -54.17 -2.78 -6.07
N ALA A 105 -54.12 -3.79 -5.21
CA ALA A 105 -55.29 -4.64 -4.98
C ALA A 105 -56.44 -3.84 -4.38
N LEU A 106 -56.14 -3.00 -3.40
CA LEU A 106 -57.17 -2.20 -2.76
C LEU A 106 -57.90 -1.29 -3.75
N LYS A 107 -57.33 -1.11 -4.92
CA LYS A 107 -57.93 -0.29 -5.97
C LYS A 107 -59.11 -1.00 -6.64
N GLY A 108 -59.27 -2.29 -6.37
CA GLY A 108 -60.37 -3.05 -6.94
C GLY A 108 -61.68 -2.72 -6.23
N GLU A 109 -62.80 -2.84 -6.95
CA GLU A 109 -64.10 -2.55 -6.39
C GLU A 109 -64.98 -3.79 -6.23
N SER A 110 -64.45 -4.94 -6.61
CA SER A 110 -65.17 -6.21 -6.48
C SER A 110 -64.16 -7.25 -6.04
N VAL A 111 -64.64 -8.38 -5.55
CA VAL A 111 -63.75 -9.43 -5.09
C VAL A 111 -62.81 -9.92 -6.20
N GLU A 112 -63.33 -10.14 -7.41
CA GLU A 112 -62.48 -10.57 -8.54
C GLU A 112 -61.42 -9.51 -8.86
N GLU A 113 -61.85 -8.27 -9.03
CA GLU A 113 -60.92 -7.18 -9.31
C GLU A 113 -59.75 -7.16 -8.33
N VAL A 114 -60.06 -7.18 -7.04
CA VAL A 114 -59.03 -7.15 -6.01
C VAL A 114 -58.09 -8.33 -6.14
N LYS A 115 -58.65 -9.49 -6.47
CA LYS A 115 -57.85 -10.69 -6.65
C LYS A 115 -56.91 -10.58 -7.86
N GLU A 116 -57.47 -10.18 -9.00
CA GLU A 116 -56.71 -10.02 -10.23
C GLU A 116 -55.67 -8.91 -10.11
N LEU A 117 -56.06 -7.76 -9.56
CA LEU A 117 -55.12 -6.66 -9.43
C LEU A 117 -53.94 -7.00 -8.54
N ALA A 118 -54.19 -7.76 -7.47
CA ALA A 118 -53.12 -8.14 -6.56
C ALA A 118 -52.11 -8.97 -7.35
N LEU A 119 -52.59 -10.05 -7.97
CA LEU A 119 -51.74 -10.95 -8.75
C LEU A 119 -51.03 -10.26 -9.90
N ARG A 120 -51.73 -9.36 -10.58
CA ARG A 120 -51.17 -8.65 -11.71
C ARG A 120 -49.99 -7.72 -11.31
N GLU A 121 -50.12 -7.04 -10.18
CA GLU A 121 -49.04 -6.16 -9.70
C GLU A 121 -47.82 -7.03 -9.33
N ALA A 122 -48.08 -8.14 -8.62
CA ALA A 122 -47.02 -9.04 -8.22
C ALA A 122 -46.29 -9.61 -9.44
N GLU A 123 -47.04 -10.01 -10.47
CA GLU A 123 -46.41 -10.56 -11.66
C GLU A 123 -45.60 -9.51 -12.41
N LYS A 124 -46.08 -8.27 -12.39
CA LYS A 124 -45.40 -7.18 -13.06
C LYS A 124 -44.07 -6.88 -12.35
N LEU A 125 -44.09 -6.87 -11.02
CA LEU A 125 -42.89 -6.60 -10.26
C LEU A 125 -41.85 -7.68 -10.49
N ALA A 126 -42.27 -8.94 -10.58
CA ALA A 126 -41.33 -10.04 -10.80
C ALA A 126 -40.73 -9.94 -12.21
N GLU A 127 -41.57 -9.60 -13.18
CA GLU A 127 -41.14 -9.45 -14.57
C GLU A 127 -40.14 -8.31 -14.71
N GLU A 128 -40.40 -7.22 -13.99
CA GLU A 128 -39.50 -6.07 -14.02
C GLU A 128 -38.15 -6.43 -13.42
N ASP A 129 -38.12 -7.29 -12.39
CA ASP A 129 -36.83 -7.68 -11.83
C ASP A 129 -36.04 -8.47 -12.87
N VAL A 130 -36.72 -9.35 -13.58
CA VAL A 130 -36.01 -10.15 -14.58
C VAL A 130 -35.45 -9.21 -15.67
N GLU A 131 -36.26 -8.28 -16.14
CA GLU A 131 -35.83 -7.35 -17.18
C GLU A 131 -34.66 -6.49 -16.72
N ARG A 132 -34.72 -6.01 -15.47
CA ARG A 132 -33.64 -5.21 -14.86
C ARG A 132 -32.29 -5.97 -14.85
N ASN A 133 -32.35 -7.25 -14.48
CA ASN A 133 -31.14 -8.08 -14.40
C ASN A 133 -30.55 -8.37 -15.76
N ARG A 134 -31.40 -8.60 -16.76
CA ARG A 134 -30.93 -8.85 -18.13
C ARG A 134 -30.29 -7.56 -18.70
N LYS A 135 -30.92 -6.42 -18.43
CA LYS A 135 -30.39 -5.15 -18.93
C LYS A 135 -29.01 -4.89 -18.26
N MET A 136 -28.98 -5.07 -16.93
CA MET A 136 -27.75 -4.89 -16.14
C MET A 136 -26.69 -5.86 -16.68
N GLY A 137 -27.12 -7.08 -16.97
CA GLY A 137 -26.24 -8.10 -17.50
C GLY A 137 -25.58 -7.70 -18.83
N GLU A 138 -26.38 -7.16 -19.75
CA GLU A 138 -25.89 -6.73 -21.06
C GLU A 138 -24.85 -5.63 -20.89
N TYR A 139 -25.10 -4.69 -20.00
CA TYR A 139 -24.15 -3.61 -19.72
C TYR A 139 -22.88 -4.21 -19.14
N GLY A 140 -23.03 -5.12 -18.18
CA GLY A 140 -21.85 -5.73 -17.56
C GLY A 140 -21.07 -6.64 -18.47
N ALA A 141 -21.76 -7.37 -19.36
CA ALA A 141 -21.10 -8.29 -20.28
C ALA A 141 -20.02 -7.60 -21.12
N GLU A 142 -20.20 -6.30 -21.38
CA GLU A 142 -19.23 -5.54 -22.13
C GLU A 142 -17.87 -5.45 -21.40
N LEU A 143 -17.87 -5.77 -20.10
CA LEU A 143 -16.63 -5.74 -19.28
C LEU A 143 -15.96 -7.11 -19.23
N LEU A 144 -16.57 -8.08 -19.90
CA LEU A 144 -16.02 -9.42 -19.89
C LEU A 144 -15.53 -9.76 -21.30
N GLU A 145 -14.40 -10.45 -21.37
CA GLU A 145 -13.80 -10.87 -22.62
C GLU A 145 -13.77 -12.39 -22.72
N ASP A 146 -13.72 -12.88 -23.95
CA ASP A 146 -13.68 -14.34 -24.18
C ASP A 146 -12.49 -14.91 -23.41
N GLY A 147 -12.71 -16.00 -22.68
CA GLY A 147 -11.63 -16.62 -21.94
C GLY A 147 -11.44 -16.13 -20.50
N ASP A 148 -12.18 -15.09 -20.14
CA ASP A 148 -12.07 -14.54 -18.79
C ASP A 148 -12.47 -15.52 -17.71
N VAL A 149 -11.75 -15.47 -16.59
CA VAL A 149 -12.08 -16.27 -15.43
C VAL A 149 -12.55 -15.24 -14.39
N VAL A 150 -13.79 -15.42 -13.93
CA VAL A 150 -14.38 -14.51 -12.97
C VAL A 150 -14.49 -15.08 -11.55
N LEU A 151 -13.93 -14.38 -10.56
CA LEU A 151 -14.05 -14.82 -9.17
C LEU A 151 -15.28 -14.11 -8.61
N THR A 152 -16.13 -14.83 -7.90
CA THR A 152 -17.29 -14.19 -7.34
C THR A 152 -17.38 -14.53 -5.85
N TYR A 153 -18.32 -13.91 -5.15
CA TYR A 153 -18.45 -14.14 -3.71
C TYR A 153 -19.93 -14.22 -3.37
N CYS A 154 -20.25 -15.00 -2.35
CA CYS A 154 -21.62 -15.23 -1.94
C CYS A 154 -22.48 -15.83 -3.08
N ASN A 155 -23.67 -15.26 -3.31
CA ASN A 155 -24.54 -15.80 -4.36
C ASN A 155 -25.45 -14.73 -4.92
N ALA A 156 -24.91 -13.92 -5.84
CA ALA A 156 -25.65 -12.84 -6.48
C ALA A 156 -26.08 -13.40 -7.85
N GLY A 157 -26.88 -14.45 -7.80
CA GLY A 157 -27.35 -15.10 -9.02
C GLY A 157 -28.86 -15.17 -9.14
N ARG A 158 -29.33 -16.16 -9.91
CA ARG A 158 -30.76 -16.30 -10.16
C ARG A 158 -31.56 -16.84 -8.99
N LEU A 159 -30.89 -17.38 -7.97
CA LEU A 159 -31.65 -17.86 -6.83
C LEU A 159 -31.99 -16.66 -5.93
N ALA A 160 -31.09 -15.66 -5.92
CA ALA A 160 -31.22 -14.45 -5.13
C ALA A 160 -32.15 -13.40 -5.78
N THR A 161 -32.51 -13.63 -7.03
CA THR A 161 -33.39 -12.71 -7.72
C THR A 161 -34.53 -13.57 -8.25
N VAL A 162 -35.41 -13.00 -9.06
CA VAL A 162 -36.51 -13.79 -9.64
C VAL A 162 -35.88 -14.69 -10.71
N ASP A 163 -34.97 -14.11 -11.47
CA ASP A 163 -34.23 -14.84 -12.50
C ASP A 163 -33.00 -14.04 -13.01
N TRP A 164 -32.10 -14.76 -13.67
CA TRP A 164 -30.88 -14.23 -14.30
C TRP A 164 -29.75 -13.87 -13.34
N GLY A 165 -30.08 -13.09 -12.32
CA GLY A 165 -29.10 -12.68 -11.32
C GLY A 165 -28.47 -11.32 -11.56
N THR A 166 -27.70 -10.84 -10.58
CA THR A 166 -27.02 -9.56 -10.76
C THR A 166 -25.57 -9.85 -11.20
N ALA A 167 -24.68 -10.18 -10.27
CA ALA A 167 -23.29 -10.49 -10.65
C ALA A 167 -23.17 -11.71 -11.59
N LEU A 168 -23.91 -12.77 -11.28
CA LEU A 168 -23.91 -13.97 -12.12
C LEU A 168 -24.76 -13.73 -13.38
N GLY A 169 -25.60 -12.68 -13.34
CA GLY A 169 -26.39 -12.32 -14.50
C GLY A 169 -25.44 -11.73 -15.54
N VAL A 170 -24.38 -11.07 -15.08
CA VAL A 170 -23.37 -10.49 -15.98
C VAL A 170 -22.60 -11.62 -16.66
N VAL A 171 -22.33 -12.66 -15.89
CA VAL A 171 -21.66 -13.84 -16.43
C VAL A 171 -22.63 -14.49 -17.43
N ARG A 172 -23.90 -14.67 -17.06
CA ARG A 172 -24.82 -15.29 -18.03
C ARG A 172 -24.93 -14.48 -19.32
N SER A 173 -24.96 -13.16 -19.24
CA SER A 173 -25.06 -12.38 -20.46
C SER A 173 -23.83 -12.55 -21.36
N ALA A 174 -22.64 -12.64 -20.75
CA ALA A 174 -21.45 -12.80 -21.57
C ALA A 174 -21.41 -14.19 -22.21
N VAL A 175 -21.83 -15.20 -21.46
CA VAL A 175 -21.85 -16.57 -21.98
C VAL A 175 -22.81 -16.61 -23.18
N GLU A 176 -23.96 -15.94 -23.05
CA GLU A 176 -24.95 -15.87 -24.11
C GLU A 176 -24.35 -15.25 -25.38
N GLN A 177 -23.41 -14.32 -25.23
CA GLN A 177 -22.76 -13.70 -26.38
C GLN A 177 -21.73 -14.64 -27.03
N GLY A 178 -21.54 -15.81 -26.45
CA GLY A 178 -20.60 -16.77 -27.01
C GLY A 178 -19.19 -16.61 -26.45
N LYS A 179 -19.05 -15.80 -25.40
CA LYS A 179 -17.73 -15.61 -24.77
C LYS A 179 -17.55 -16.77 -23.84
N GLU A 180 -16.38 -17.38 -23.82
CA GLU A 180 -16.14 -18.47 -22.91
C GLU A 180 -15.76 -17.81 -21.59
N ILE A 181 -16.56 -18.05 -20.56
CA ILE A 181 -16.32 -17.49 -19.24
C ILE A 181 -16.33 -18.63 -18.22
N ARG A 182 -15.37 -18.62 -17.30
CA ARG A 182 -15.32 -19.62 -16.24
C ARG A 182 -15.40 -18.86 -14.91
N VAL A 183 -15.93 -19.50 -13.88
CA VAL A 183 -16.08 -18.83 -12.60
C VAL A 183 -15.34 -19.51 -11.47
N ILE A 184 -14.75 -18.72 -10.57
CA ILE A 184 -14.15 -19.29 -9.40
C ILE A 184 -15.04 -18.75 -8.28
N ALA A 185 -15.65 -19.65 -7.52
CA ALA A 185 -16.57 -19.25 -6.45
C ALA A 185 -16.05 -19.50 -5.04
N CYS A 186 -16.06 -18.48 -4.20
CA CYS A 186 -15.66 -18.64 -2.80
C CYS A 186 -16.79 -19.30 -2.03
N GLU A 187 -16.48 -20.29 -1.18
CA GLU A 187 -17.52 -21.01 -0.47
C GLU A 187 -18.42 -20.08 0.32
N THR A 188 -17.85 -18.97 0.79
CA THR A 188 -18.56 -17.94 1.55
C THR A 188 -19.05 -18.38 2.95
N ARG A 189 -18.12 -18.46 3.89
CA ARG A 189 -18.47 -18.82 5.27
C ARG A 189 -19.25 -17.67 5.93
N PRO A 190 -20.01 -17.95 7.01
CA PRO A 190 -20.20 -19.25 7.64
C PRO A 190 -21.44 -20.02 7.14
N LEU A 191 -22.22 -19.44 6.22
CA LEU A 191 -23.42 -20.11 5.72
C LEU A 191 -23.25 -20.83 4.41
N ASN A 192 -22.08 -20.68 3.79
CA ASN A 192 -21.75 -21.34 2.52
C ASN A 192 -22.67 -21.11 1.33
N GLN A 193 -23.07 -19.87 1.12
CA GLN A 193 -23.93 -19.57 -0.02
C GLN A 193 -23.19 -19.85 -1.33
N GLY A 194 -21.88 -19.67 -1.32
CA GLY A 194 -21.07 -19.89 -2.50
C GLY A 194 -21.01 -21.34 -2.94
N SER A 195 -20.80 -22.25 -2.00
CA SER A 195 -20.71 -23.66 -2.38
C SER A 195 -22.09 -24.30 -2.55
N ARG A 196 -23.03 -23.92 -1.69
CA ARG A 196 -24.38 -24.45 -1.74
C ARG A 196 -25.24 -23.95 -2.89
N LEU A 197 -25.22 -22.64 -3.11
CA LEU A 197 -26.07 -22.01 -4.10
C LEU A 197 -25.38 -21.61 -5.41
N THR A 198 -24.28 -20.87 -5.33
CA THR A 198 -23.63 -20.44 -6.55
C THR A 198 -23.12 -21.59 -7.40
N CYS A 199 -22.46 -22.57 -6.78
CA CYS A 199 -21.96 -23.67 -7.55
C CYS A 199 -23.14 -24.46 -8.19
N TRP A 200 -24.24 -24.56 -7.46
CA TRP A 200 -25.40 -25.27 -7.97
C TRP A 200 -26.00 -24.60 -9.21
N GLU A 201 -26.35 -23.32 -9.09
CA GLU A 201 -26.96 -22.66 -10.25
C GLU A 201 -26.03 -22.54 -11.44
N LEU A 202 -24.71 -22.48 -11.23
CA LEU A 202 -23.83 -22.37 -12.38
C LEU A 202 -23.70 -23.75 -13.03
N MET A 203 -23.52 -24.79 -12.23
CA MET A 203 -23.39 -26.12 -12.83
C MET A 203 -24.70 -26.51 -13.53
N GLU A 204 -25.82 -26.08 -12.96
CA GLU A 204 -27.13 -26.41 -13.52
C GLU A 204 -27.26 -25.79 -14.90
N ASP A 205 -26.68 -24.60 -15.07
CA ASP A 205 -26.74 -23.88 -16.34
C ASP A 205 -25.55 -24.13 -17.27
N GLY A 206 -24.67 -25.06 -16.91
CA GLY A 206 -23.53 -25.38 -17.75
C GLY A 206 -22.41 -24.37 -17.78
N ILE A 207 -22.27 -23.58 -16.72
CA ILE A 207 -21.18 -22.60 -16.66
C ILE A 207 -20.06 -23.18 -15.79
N ASP A 208 -18.84 -23.21 -16.31
CA ASP A 208 -17.70 -23.76 -15.56
C ASP A 208 -17.50 -23.01 -14.24
N VAL A 209 -17.34 -23.76 -13.17
CA VAL A 209 -17.12 -23.18 -11.85
C VAL A 209 -16.19 -24.08 -11.03
N THR A 210 -15.26 -23.43 -10.32
CA THR A 210 -14.32 -24.10 -9.43
C THR A 210 -14.55 -23.48 -8.04
N LEU A 211 -14.69 -24.35 -7.05
CA LEU A 211 -14.97 -23.99 -5.65
C LEU A 211 -13.68 -23.89 -4.86
N ILE A 212 -13.54 -22.81 -4.09
CA ILE A 212 -12.34 -22.60 -3.25
C ILE A 212 -12.82 -22.06 -1.95
N THR A 213 -11.96 -22.08 -0.94
CA THR A 213 -12.30 -21.50 0.34
C THR A 213 -12.16 -19.97 0.16
N ASP A 214 -12.76 -19.18 1.05
CA ASP A 214 -12.64 -17.72 0.96
C ASP A 214 -11.20 -17.25 1.10
N SER A 215 -10.47 -17.92 1.98
CA SER A 215 -9.08 -17.60 2.24
C SER A 215 -8.17 -17.85 1.02
N MET A 216 -8.64 -18.66 0.07
CA MET A 216 -7.83 -18.97 -1.12
C MET A 216 -7.84 -17.84 -2.13
N VAL A 217 -8.57 -16.77 -1.84
CA VAL A 217 -8.59 -15.65 -2.77
C VAL A 217 -7.16 -15.13 -2.97
N GLY A 218 -6.34 -15.20 -1.94
CA GLY A 218 -4.96 -14.74 -2.07
C GLY A 218 -4.12 -15.55 -3.06
N ILE A 219 -4.07 -16.87 -2.87
CA ILE A 219 -3.26 -17.67 -3.78
C ILE A 219 -3.75 -17.67 -5.23
N VAL A 220 -5.06 -17.63 -5.44
CA VAL A 220 -5.53 -17.65 -6.83
C VAL A 220 -5.12 -16.38 -7.58
N MET A 221 -5.13 -15.24 -6.90
CA MET A 221 -4.71 -14.01 -7.56
C MET A 221 -3.21 -13.98 -7.69
N GLN A 222 -2.55 -14.53 -6.69
CA GLN A 222 -1.11 -14.59 -6.68
C GLN A 222 -0.67 -15.41 -7.89
N LYS A 223 -1.42 -16.45 -8.21
CA LYS A 223 -1.09 -17.30 -9.35
C LYS A 223 -1.64 -16.82 -10.68
N GLY A 224 -2.33 -15.68 -10.69
CA GLY A 224 -2.86 -15.17 -11.94
C GLY A 224 -4.01 -15.96 -12.52
N MET A 225 -4.77 -16.65 -11.67
CA MET A 225 -5.90 -17.44 -12.12
C MET A 225 -7.19 -16.61 -12.31
N VAL A 226 -7.19 -15.36 -11.86
CA VAL A 226 -8.38 -14.52 -11.95
C VAL A 226 -8.23 -13.29 -12.82
N ASP A 227 -9.17 -13.09 -13.74
CA ASP A 227 -9.14 -11.92 -14.62
C ASP A 227 -9.98 -10.79 -14.05
N LYS A 228 -11.07 -11.12 -13.37
CA LYS A 228 -11.89 -10.07 -12.82
C LYS A 228 -12.69 -10.61 -11.67
N VAL A 229 -13.16 -9.70 -10.82
CA VAL A 229 -14.00 -10.07 -9.70
C VAL A 229 -15.34 -9.39 -9.93
N ILE A 230 -16.44 -10.11 -9.72
CA ILE A 230 -17.77 -9.48 -9.81
C ILE A 230 -18.59 -9.98 -8.63
N VAL A 231 -19.05 -9.05 -7.81
CA VAL A 231 -19.87 -9.39 -6.66
C VAL A 231 -21.15 -8.57 -6.71
N GLY A 232 -22.10 -8.93 -5.85
CA GLY A 232 -23.33 -8.17 -5.81
C GLY A 232 -23.20 -7.19 -4.66
N ALA A 233 -24.33 -6.61 -4.23
CA ALA A 233 -24.34 -5.65 -3.13
C ALA A 233 -25.63 -5.72 -2.36
N ASP A 234 -25.55 -5.46 -1.05
CA ASP A 234 -26.77 -5.43 -0.27
C ASP A 234 -27.20 -3.99 -0.14
N ARG A 235 -26.24 -3.09 -0.18
CA ARG A 235 -26.54 -1.68 -0.04
C ARG A 235 -25.35 -0.84 -0.43
N ILE A 236 -25.58 0.21 -1.21
CA ILE A 236 -24.50 1.06 -1.63
C ILE A 236 -24.71 2.49 -1.16
N VAL A 237 -23.80 2.98 -0.32
CA VAL A 237 -23.87 4.33 0.22
C VAL A 237 -22.78 5.16 -0.45
N ARG A 238 -22.70 6.45 -0.13
CA ARG A 238 -21.75 7.31 -0.82
C ARG A 238 -20.29 6.99 -0.74
N ASP A 239 -19.87 6.30 0.30
CA ASP A 239 -18.45 5.95 0.42
C ASP A 239 -18.22 4.45 0.51
N ALA A 240 -19.25 3.63 0.28
CA ALA A 240 -18.99 2.20 0.41
C ALA A 240 -20.04 1.24 -0.08
N VAL A 241 -19.61 0.03 -0.36
CA VAL A 241 -20.51 -1.03 -0.78
C VAL A 241 -20.65 -2.02 0.37
N PHE A 242 -21.86 -2.19 0.91
CA PHE A 242 -22.07 -3.20 1.95
C PHE A 242 -22.51 -4.50 1.26
N ASN A 243 -21.82 -5.61 1.54
CA ASN A 243 -22.18 -6.90 0.93
C ASN A 243 -21.83 -7.99 1.94
N LYS A 244 -22.17 -9.25 1.65
CA LYS A 244 -21.89 -10.37 2.56
C LYS A 244 -20.48 -10.28 3.16
N ILE A 245 -20.32 -10.46 4.48
CA ILE A 245 -18.97 -10.36 5.06
C ILE A 245 -17.96 -11.16 4.25
N GLY A 246 -16.79 -10.56 4.06
CA GLY A 246 -15.73 -11.23 3.34
C GLY A 246 -15.46 -10.50 2.05
N THR A 247 -16.50 -9.84 1.53
CA THR A 247 -16.38 -9.11 0.29
C THR A 247 -15.24 -8.07 0.37
N TYR A 248 -15.18 -7.34 1.46
CA TYR A 248 -14.12 -6.33 1.63
C TYR A 248 -12.74 -6.99 1.53
N THR A 249 -12.58 -8.14 2.20
CA THR A 249 -11.30 -8.85 2.14
C THR A 249 -10.94 -9.13 0.70
N VAL A 250 -11.87 -9.69 -0.05
CA VAL A 250 -11.61 -9.99 -1.45
C VAL A 250 -11.20 -8.71 -2.19
N SER A 251 -11.87 -7.59 -1.87
CA SER A 251 -11.54 -6.33 -2.54
C SER A 251 -10.10 -5.86 -2.25
N VAL A 252 -9.57 -6.19 -1.07
CA VAL A 252 -8.23 -5.74 -0.72
C VAL A 252 -7.19 -6.53 -1.53
N VAL A 253 -7.39 -7.84 -1.65
CA VAL A 253 -6.46 -8.68 -2.39
C VAL A 253 -6.51 -8.30 -3.88
N ALA A 254 -7.71 -8.10 -4.41
CA ALA A 254 -7.86 -7.72 -5.80
C ALA A 254 -7.16 -6.37 -6.09
N LYS A 255 -7.36 -5.40 -5.21
CA LYS A 255 -6.76 -4.08 -5.37
C LYS A 255 -5.21 -4.21 -5.42
N HIS A 256 -4.65 -4.98 -4.50
CA HIS A 256 -3.20 -5.16 -4.45
C HIS A 256 -2.66 -5.82 -5.73
N HIS A 257 -3.47 -6.69 -6.34
CA HIS A 257 -3.10 -7.38 -7.56
C HIS A 257 -3.58 -6.74 -8.84
N ASN A 258 -4.12 -5.53 -8.72
CA ASN A 258 -4.63 -4.78 -9.87
C ASN A 258 -5.65 -5.56 -10.68
N ILE A 259 -6.53 -6.28 -9.97
CA ILE A 259 -7.55 -7.06 -10.62
C ILE A 259 -8.86 -6.27 -10.58
N PRO A 260 -9.49 -6.03 -11.76
CA PRO A 260 -10.75 -5.28 -11.77
C PRO A 260 -11.77 -5.88 -10.81
N PHE A 261 -12.38 -5.02 -9.98
CA PHE A 261 -13.37 -5.46 -8.98
C PHE A 261 -14.70 -4.75 -9.30
N TYR A 262 -15.68 -5.52 -9.71
CA TYR A 262 -16.97 -4.95 -10.08
C TYR A 262 -18.08 -5.32 -9.10
N VAL A 263 -19.00 -4.38 -8.90
CA VAL A 263 -20.15 -4.63 -8.04
C VAL A 263 -21.39 -4.47 -8.95
N ALA A 264 -22.18 -5.52 -9.06
CA ALA A 264 -23.38 -5.47 -9.89
C ALA A 264 -24.58 -5.24 -8.98
N ALA A 265 -25.30 -4.14 -9.17
CA ALA A 265 -26.49 -3.88 -8.33
C ALA A 265 -27.40 -2.88 -8.99
N PRO A 266 -28.72 -3.07 -8.88
CA PRO A 266 -29.67 -2.14 -9.49
C PRO A 266 -29.78 -0.84 -8.72
N LYS A 267 -30.37 0.16 -9.36
CA LYS A 267 -30.54 1.48 -8.77
C LYS A 267 -31.14 1.41 -7.36
N ALA A 268 -32.12 0.53 -7.19
CA ALA A 268 -32.81 0.40 -5.91
C ALA A 268 -31.92 -0.03 -4.73
N THR A 269 -30.72 -0.55 -5.02
CA THR A 269 -29.83 -0.97 -3.95
C THR A 269 -29.00 0.21 -3.42
N PHE A 270 -29.00 1.32 -4.16
CA PHE A 270 -28.27 2.49 -3.73
C PHE A 270 -29.08 3.21 -2.63
N ASP A 271 -28.39 3.78 -1.65
CA ASP A 271 -29.01 4.51 -0.51
C ASP A 271 -28.07 5.73 -0.45
N TRP A 272 -28.13 6.57 -1.48
CA TRP A 272 -27.22 7.69 -1.65
C TRP A 272 -27.27 8.86 -0.70
N GLU A 273 -28.29 8.92 0.16
CA GLU A 273 -28.37 9.98 1.15
C GLU A 273 -27.44 9.62 2.34
N ARG A 274 -27.05 8.36 2.43
CA ARG A 274 -26.24 7.90 3.56
C ARG A 274 -24.76 7.71 3.24
N THR A 275 -23.97 7.55 4.31
CA THR A 275 -22.55 7.21 4.22
C THR A 275 -22.40 6.01 5.15
N ALA A 276 -21.24 5.36 5.08
CA ALA A 276 -21.03 4.17 5.87
C ALA A 276 -21.25 4.37 7.35
N LYS A 277 -20.94 5.56 7.87
CA LYS A 277 -21.12 5.80 9.29
C LYS A 277 -22.59 5.70 9.73
N ASP A 278 -23.53 5.83 8.81
CA ASP A 278 -24.95 5.74 9.18
C ASP A 278 -25.47 4.32 9.33
N VAL A 279 -24.69 3.37 8.82
CA VAL A 279 -25.12 1.97 8.78
C VAL A 279 -24.67 1.12 9.95
N VAL A 280 -25.60 0.35 10.52
CA VAL A 280 -25.20 -0.51 11.61
C VAL A 280 -25.17 -1.94 11.08
N ILE A 281 -24.06 -2.64 11.31
CA ILE A 281 -23.95 -4.02 10.85
C ILE A 281 -24.38 -4.97 11.95
N GLU A 282 -25.42 -5.74 11.65
CA GLU A 282 -25.96 -6.72 12.58
C GLU A 282 -25.07 -7.94 12.73
N GLU A 283 -25.14 -8.56 13.91
CA GLU A 283 -24.40 -9.77 14.22
C GLU A 283 -25.35 -10.92 13.90
N ARG A 284 -24.82 -12.02 13.35
CA ARG A 284 -25.62 -13.22 13.05
C ARG A 284 -25.39 -14.21 14.18
N PRO A 285 -26.26 -15.22 14.32
CA PRO A 285 -26.17 -16.23 15.37
C PRO A 285 -24.78 -16.85 15.56
N ARG A 286 -24.29 -16.86 16.78
CA ARG A 286 -22.97 -17.42 17.08
C ARG A 286 -22.87 -18.90 16.73
N GLU A 287 -23.99 -19.61 16.67
CA GLU A 287 -23.89 -21.04 16.39
C GLU A 287 -23.43 -21.36 14.97
N GLU A 288 -23.51 -20.37 14.08
CA GLU A 288 -23.08 -20.57 12.69
C GLU A 288 -21.58 -20.83 12.62
N LEU A 289 -20.85 -20.53 13.71
CA LEU A 289 -19.39 -20.78 13.74
C LEU A 289 -19.03 -21.96 14.65
N ILE A 290 -19.99 -22.44 15.43
CA ILE A 290 -19.75 -23.49 16.41
C ILE A 290 -20.08 -24.90 15.92
N PHE A 291 -21.06 -24.98 15.03
CA PHE A 291 -21.49 -26.24 14.47
C PHE A 291 -21.50 -26.13 12.95
N CYS A 292 -21.28 -27.25 12.29
CA CYS A 292 -21.33 -27.30 10.83
C CYS A 292 -22.07 -28.59 10.53
N GLY A 293 -23.33 -28.45 10.13
CA GLY A 293 -24.14 -29.62 9.91
C GLY A 293 -24.43 -29.85 11.38
N LYS A 294 -24.14 -31.02 11.92
CA LYS A 294 -24.37 -31.22 13.35
C LYS A 294 -23.05 -31.58 14.01
N ARG A 295 -21.96 -31.31 13.28
CA ARG A 295 -20.62 -31.59 13.78
C ARG A 295 -20.17 -30.33 14.54
N GLN A 296 -19.71 -30.51 15.78
CA GLN A 296 -19.26 -29.37 16.57
C GLN A 296 -17.86 -29.03 16.09
N ILE A 297 -17.65 -27.80 15.59
CA ILE A 297 -16.31 -27.41 15.12
C ILE A 297 -15.57 -26.41 16.00
N ALA A 298 -16.16 -26.02 17.13
CA ALA A 298 -15.54 -25.08 18.05
C ALA A 298 -16.01 -25.38 19.48
N PRO A 299 -15.28 -24.88 20.49
CA PRO A 299 -15.74 -25.13 21.86
C PRO A 299 -17.11 -24.48 21.97
N LEU A 300 -18.03 -25.14 22.69
CA LEU A 300 -19.41 -24.64 22.82
C LEU A 300 -19.55 -23.22 23.34
N ASN A 301 -18.70 -22.82 24.28
CA ASN A 301 -18.79 -21.50 24.88
C ASN A 301 -17.80 -20.48 24.35
N VAL A 302 -17.23 -20.74 23.19
CA VAL A 302 -16.27 -19.80 22.64
C VAL A 302 -16.99 -18.50 22.25
N LYS A 303 -16.32 -17.39 22.45
CA LYS A 303 -16.83 -16.07 22.06
C LYS A 303 -16.72 -15.99 20.53
N VAL A 304 -17.76 -15.51 19.89
CA VAL A 304 -17.81 -15.40 18.43
C VAL A 304 -18.13 -13.96 17.96
N TYR A 305 -17.43 -13.50 16.93
CA TYR A 305 -17.73 -12.19 16.32
C TYR A 305 -18.19 -12.64 14.94
N ASN A 306 -19.47 -12.40 14.63
CA ASN A 306 -20.05 -12.86 13.37
C ASN A 306 -20.85 -11.78 12.62
N PRO A 307 -20.18 -10.67 12.20
CA PRO A 307 -20.90 -9.62 11.47
C PRO A 307 -21.52 -10.17 10.18
N ALA A 308 -22.69 -9.65 9.80
CA ALA A 308 -23.37 -10.15 8.60
C ALA A 308 -22.79 -9.59 7.30
N PHE A 309 -22.26 -8.39 7.36
CA PHE A 309 -21.69 -7.74 6.18
C PHE A 309 -20.44 -6.99 6.55
N ASP A 310 -19.76 -6.49 5.51
CA ASP A 310 -18.64 -5.58 5.71
C ASP A 310 -18.76 -4.48 4.65
N PRO A 311 -18.11 -3.35 4.89
CA PRO A 311 -18.15 -2.25 3.94
C PRO A 311 -16.88 -2.27 3.07
N THR A 312 -17.05 -2.23 1.75
CA THR A 312 -15.93 -2.19 0.84
C THR A 312 -15.85 -0.72 0.37
N PRO A 313 -14.72 -0.03 0.63
CA PRO A 313 -14.62 1.37 0.20
C PRO A 313 -14.73 1.46 -1.33
N LEU A 314 -15.38 2.51 -1.83
CA LEU A 314 -15.54 2.64 -3.27
C LEU A 314 -14.20 2.78 -3.99
N GLU A 315 -13.15 3.13 -3.24
CA GLU A 315 -11.82 3.25 -3.81
C GLU A 315 -11.35 1.87 -4.32
N ASN A 316 -11.93 0.80 -3.80
CA ASN A 316 -11.57 -0.56 -4.22
C ASN A 316 -12.56 -1.12 -5.25
N VAL A 317 -13.43 -0.26 -5.78
CA VAL A 317 -14.41 -0.70 -6.79
C VAL A 317 -14.06 -0.04 -8.12
N THR A 318 -13.77 -0.87 -9.12
CA THR A 318 -13.38 -0.40 -10.46
C THR A 318 -14.57 0.24 -11.17
N ALA A 319 -15.75 -0.36 -10.99
CA ALA A 319 -16.95 0.20 -11.60
C ALA A 319 -18.17 -0.48 -11.01
N LEU A 320 -19.30 0.22 -11.06
CA LEU A 320 -20.57 -0.31 -10.61
C LEU A 320 -21.34 -0.68 -11.89
N ILE A 321 -21.94 -1.87 -11.91
CA ILE A 321 -22.72 -2.31 -13.05
C ILE A 321 -24.18 -2.27 -12.63
N THR A 322 -24.96 -1.39 -13.25
CA THR A 322 -26.39 -1.22 -12.91
C THR A 322 -27.27 -1.39 -14.15
N GLU A 323 -28.60 -1.34 -13.99
CA GLU A 323 -29.49 -1.49 -15.15
C GLU A 323 -29.55 -0.17 -15.93
N TYR A 324 -28.89 0.84 -15.39
CA TYR A 324 -28.82 2.16 -16.01
C TYR A 324 -27.49 2.32 -16.73
N GLY A 325 -26.62 1.31 -16.60
CA GLY A 325 -25.33 1.37 -17.25
C GLY A 325 -24.17 1.15 -16.28
N VAL A 326 -22.96 1.15 -16.83
CA VAL A 326 -21.75 0.97 -16.00
C VAL A 326 -21.34 2.35 -15.47
N ILE A 327 -21.08 2.45 -14.17
CA ILE A 327 -20.70 3.71 -13.55
C ILE A 327 -19.24 3.69 -13.07
N TYR A 328 -18.47 4.68 -13.47
CA TYR A 328 -17.06 4.74 -13.09
C TYR A 328 -16.77 5.88 -12.12
N PRO A 329 -15.57 5.87 -11.49
CA PRO A 329 -15.20 6.93 -10.55
C PRO A 329 -14.99 8.21 -11.38
N PRO A 330 -15.19 9.39 -10.79
CA PRO A 330 -15.60 9.65 -9.39
C PRO A 330 -17.10 9.37 -9.20
N TYR A 331 -17.43 8.50 -8.26
CA TYR A 331 -18.80 8.13 -7.99
C TYR A 331 -19.68 9.29 -7.52
N GLU A 332 -19.10 10.23 -6.77
CA GLU A 332 -19.83 11.39 -6.27
C GLU A 332 -20.43 12.16 -7.45
N VAL A 333 -19.73 12.12 -8.58
CA VAL A 333 -20.22 12.79 -9.78
C VAL A 333 -21.07 11.85 -10.64
N ASN A 334 -20.56 10.66 -10.92
CA ASN A 334 -21.24 9.74 -11.83
C ASN A 334 -22.42 8.91 -11.38
N VAL A 335 -22.52 8.64 -10.09
CA VAL A 335 -23.65 7.87 -9.60
C VAL A 335 -24.94 8.69 -9.80
N PRO A 336 -24.96 9.96 -9.36
CA PRO A 336 -26.18 10.77 -9.56
C PRO A 336 -26.50 10.94 -11.04
N LYS A 337 -25.45 11.16 -11.83
CA LYS A 337 -25.63 11.33 -13.27
C LYS A 337 -26.24 10.10 -13.96
N VAL A 338 -25.62 8.94 -13.77
CA VAL A 338 -26.11 7.72 -14.41
C VAL A 338 -27.47 7.21 -13.89
N LEU A 339 -27.68 7.28 -12.58
CA LEU A 339 -28.92 6.80 -12.00
C LEU A 339 -30.03 7.85 -12.08
N LYS A 340 -29.69 8.98 -12.68
CA LYS A 340 -30.60 10.10 -12.87
C LYS A 340 -31.24 10.60 -11.59
N PHE A 341 -30.44 10.88 -10.57
CA PHE A 341 -30.95 11.40 -9.31
C PHE A 341 -31.40 12.84 -9.58
N SER B 2 -1.06 -27.45 32.31
CA SER B 2 -1.84 -28.25 31.31
C SER B 2 -0.96 -29.40 30.80
N LEU B 3 -1.57 -30.36 30.10
CA LEU B 3 -0.83 -31.52 29.59
C LEU B 3 -0.02 -31.29 28.31
N ARG B 4 1.16 -31.91 28.25
CA ARG B 4 1.99 -31.87 27.04
C ARG B 4 1.13 -32.62 26.01
N SER B 5 1.36 -32.39 24.71
CA SER B 5 0.55 -33.06 23.69
C SER B 5 0.91 -34.54 23.53
N ILE B 6 2.13 -34.89 23.89
CA ILE B 6 2.61 -36.26 23.86
C ILE B 6 3.70 -36.28 24.92
N PHE B 7 3.70 -37.30 25.77
CA PHE B 7 4.68 -37.36 26.85
C PHE B 7 4.81 -38.74 27.48
N TRP B 8 5.80 -38.86 28.37
CA TRP B 8 6.03 -40.11 29.04
C TRP B 8 5.83 -40.01 30.54
N ASP B 9 4.94 -40.83 31.06
CA ASP B 9 4.73 -40.92 32.50
C ASP B 9 4.35 -42.38 32.71
N ASP B 10 5.36 -43.20 32.97
CA ASP B 10 5.17 -44.64 33.15
C ASP B 10 4.41 -45.17 31.94
N GLY B 11 4.90 -44.83 30.75
CA GLY B 11 4.26 -45.27 29.52
C GLY B 11 3.98 -44.03 28.67
N LEU B 12 3.80 -44.25 27.36
CA LEU B 12 3.54 -43.20 26.37
C LEU B 12 2.10 -42.73 26.41
N LYS B 13 1.91 -41.44 26.53
CA LYS B 13 0.56 -40.88 26.53
C LYS B 13 0.49 -39.70 25.58
N LEU B 14 -0.66 -39.52 24.93
CA LEU B 14 -0.83 -38.43 23.99
C LEU B 14 -2.28 -37.96 23.94
N ILE B 15 -2.47 -36.65 23.78
CA ILE B 15 -3.81 -36.10 23.69
C ILE B 15 -4.38 -36.56 22.35
N ASP B 16 -5.60 -37.07 22.36
CA ASP B 16 -6.24 -37.52 21.12
C ASP B 16 -6.86 -36.29 20.48
N GLN B 17 -6.18 -35.71 19.51
CA GLN B 17 -6.68 -34.50 18.88
C GLN B 17 -7.95 -34.65 18.07
N THR B 18 -8.25 -35.87 17.66
CA THR B 18 -9.44 -36.14 16.86
C THR B 18 -10.72 -35.85 17.65
N LYS B 19 -10.61 -35.89 18.96
CA LYS B 19 -11.73 -35.67 19.90
C LYS B 19 -12.01 -34.20 20.22
N LEU B 20 -11.03 -33.35 19.96
CA LEU B 20 -11.21 -31.92 20.23
C LEU B 20 -12.16 -31.37 19.18
N PRO B 21 -12.94 -30.33 19.51
CA PRO B 21 -12.98 -29.62 20.80
C PRO B 21 -13.98 -30.17 21.81
N GLU B 22 -14.81 -31.13 21.38
CA GLU B 22 -15.84 -31.69 22.26
C GLU B 22 -15.28 -32.21 23.56
N LYS B 23 -14.18 -32.95 23.50
CA LYS B 23 -13.63 -33.47 24.73
C LYS B 23 -12.16 -33.80 24.73
N LEU B 24 -11.60 -33.78 25.93
CA LEU B 24 -10.20 -34.06 26.17
C LEU B 24 -10.06 -35.54 26.50
N GLU B 25 -9.34 -36.28 25.68
CA GLU B 25 -9.10 -37.69 25.92
C GLU B 25 -7.63 -37.96 25.68
N VAL B 26 -7.00 -38.65 26.63
CA VAL B 26 -5.59 -39.01 26.50
C VAL B 26 -5.51 -40.47 26.11
N ILE B 27 -4.67 -40.77 25.12
CA ILE B 27 -4.49 -42.15 24.67
C ILE B 27 -3.22 -42.67 25.32
N GLU B 28 -3.29 -43.87 25.85
CA GLU B 28 -2.12 -44.50 26.45
C GLU B 28 -1.70 -45.54 25.41
N CYS B 29 -0.45 -45.51 24.97
CA CYS B 29 0.00 -46.47 23.97
C CYS B 29 0.84 -47.52 24.67
N ARG B 30 0.29 -48.72 24.78
CA ARG B 30 0.97 -49.81 25.45
C ARG B 30 1.97 -50.52 24.56
N ASN B 31 1.82 -50.37 23.25
CA ASN B 31 2.73 -51.02 22.32
C ASN B 31 2.84 -50.17 21.05
N VAL B 32 3.73 -50.59 20.16
CA VAL B 32 3.95 -49.85 18.93
C VAL B 32 2.71 -49.77 18.05
N GLU B 33 1.92 -50.84 17.95
CA GLU B 33 0.74 -50.80 17.09
C GLU B 33 -0.23 -49.69 17.53
N GLU B 34 -0.44 -49.54 18.83
CA GLU B 34 -1.38 -48.50 19.28
C GLU B 34 -0.86 -47.10 18.89
N LEU B 35 0.45 -46.90 18.95
CA LEU B 35 1.04 -45.62 18.59
C LEU B 35 0.83 -45.42 17.09
N ALA B 36 1.04 -46.47 16.30
CA ALA B 36 0.83 -46.38 14.85
C ALA B 36 -0.61 -46.05 14.53
N ASP B 37 -1.54 -46.63 15.26
CA ASP B 37 -2.96 -46.37 15.00
C ASP B 37 -3.20 -44.88 15.27
N ALA B 38 -2.66 -44.38 16.38
CA ALA B 38 -2.83 -42.97 16.78
C ALA B 38 -2.30 -41.98 15.75
N ILE B 39 -1.10 -42.28 15.25
CA ILE B 39 -0.43 -41.49 14.22
C ILE B 39 -1.31 -41.53 12.95
N LYS B 40 -1.77 -42.72 12.59
CA LYS B 40 -2.58 -42.86 11.39
C LYS B 40 -3.90 -42.12 11.42
N LYS B 41 -4.60 -42.12 12.56
CA LYS B 41 -5.88 -41.41 12.65
C LYS B 41 -5.69 -39.89 12.90
N LEU B 42 -4.45 -39.47 13.01
CA LEU B 42 -4.15 -38.06 13.23
C LEU B 42 -4.40 -37.61 14.66
N ALA B 43 -4.22 -38.52 15.63
CA ALA B 43 -4.38 -38.16 17.03
C ALA B 43 -3.15 -37.31 17.39
N VAL B 44 -2.04 -37.55 16.69
CA VAL B 44 -0.79 -36.80 16.89
C VAL B 44 -0.65 -35.81 15.74
N ARG B 45 -0.35 -34.57 16.05
CA ARG B 45 -0.28 -33.56 15.00
C ARG B 45 0.87 -32.61 15.13
N GLY B 46 1.46 -32.26 13.99
CA GLY B 46 2.55 -31.31 14.03
C GLY B 46 3.91 -31.97 13.98
N ALA B 47 4.79 -31.35 13.22
CA ALA B 47 6.13 -31.83 13.00
C ALA B 47 6.92 -32.20 14.26
N PRO B 48 6.97 -31.31 15.27
CA PRO B 48 7.73 -31.65 16.48
C PRO B 48 7.06 -32.78 17.28
N ALA B 49 5.73 -32.81 17.27
CA ALA B 49 5.02 -33.85 17.99
C ALA B 49 5.21 -35.20 17.29
N LEU B 50 5.30 -35.17 15.97
CA LEU B 50 5.53 -36.40 15.21
C LEU B 50 6.97 -36.86 15.38
N GLU B 51 7.91 -35.93 15.48
CA GLU B 51 9.30 -36.31 15.70
C GLU B 51 9.40 -36.97 17.08
N ALA B 52 8.69 -36.42 18.06
CA ALA B 52 8.71 -37.00 19.39
C ALA B 52 7.99 -38.37 19.36
N ALA B 53 6.88 -38.47 18.63
CA ALA B 53 6.14 -39.72 18.54
C ALA B 53 7.02 -40.85 17.98
N GLY B 54 7.81 -40.51 16.97
CA GLY B 54 8.72 -41.48 16.37
C GLY B 54 9.80 -41.93 17.34
N ALA B 55 10.33 -41.00 18.12
CA ALA B 55 11.37 -41.33 19.09
C ALA B 55 10.78 -42.11 20.24
N TYR B 56 9.63 -41.70 20.74
CA TYR B 56 8.97 -42.44 21.81
C TYR B 56 8.58 -43.83 21.27
N GLY B 57 8.30 -43.91 19.96
CA GLY B 57 7.96 -45.18 19.34
C GLY B 57 9.05 -46.23 19.57
N ILE B 58 10.30 -45.79 19.44
CA ILE B 58 11.43 -46.67 19.66
C ILE B 58 11.60 -47.02 21.15
N ALA B 59 11.37 -46.04 22.02
CA ALA B 59 11.46 -46.31 23.45
C ALA B 59 10.37 -47.33 23.81
N LEU B 60 9.23 -47.22 23.15
CA LEU B 60 8.09 -48.11 23.38
C LEU B 60 8.39 -49.53 22.86
N ALA B 61 8.97 -49.62 21.67
CA ALA B 61 9.31 -50.90 21.07
C ALA B 61 10.27 -51.68 21.98
N ALA B 62 11.07 -50.94 22.73
CA ALA B 62 12.07 -51.52 23.62
C ALA B 62 11.43 -52.03 24.91
N ARG B 63 10.20 -51.64 25.16
CA ARG B 63 9.50 -52.03 26.39
C ARG B 63 8.29 -52.94 26.16
N GLU B 64 7.92 -53.01 24.89
CA GLU B 64 6.82 -53.77 24.33
C GLU B 64 6.67 -55.24 24.79
N ARG B 65 7.79 -55.91 24.94
CA ARG B 65 7.86 -57.30 25.37
C ARG B 65 9.26 -57.42 25.92
N GLU B 66 9.53 -58.54 26.57
CA GLU B 66 10.85 -58.75 27.18
C GLU B 66 11.84 -59.33 26.22
N PHE B 67 13.09 -58.99 26.41
CA PHE B 67 14.15 -59.52 25.58
C PHE B 67 15.22 -60.10 26.49
N ALA B 68 15.55 -61.34 26.22
CA ALA B 68 16.55 -62.03 27.00
C ALA B 68 17.92 -61.72 26.43
N ASP B 69 17.93 -61.27 25.17
CA ASP B 69 19.15 -60.97 24.45
C ASP B 69 19.20 -59.54 23.86
N VAL B 70 20.34 -58.86 24.00
CA VAL B 70 20.48 -57.51 23.49
C VAL B 70 20.36 -57.44 21.97
N ASP B 71 20.93 -58.43 21.29
CA ASP B 71 20.86 -58.44 19.84
C ASP B 71 19.42 -58.62 19.32
N GLU B 72 18.60 -59.40 20.04
CA GLU B 72 17.20 -59.59 19.64
C GLU B 72 16.46 -58.26 19.83
N LEU B 73 16.71 -57.59 20.95
CA LEU B 73 16.08 -56.30 21.18
C LEU B 73 16.49 -55.33 20.07
N LYS B 74 17.79 -55.27 19.77
CA LYS B 74 18.24 -54.35 18.72
C LYS B 74 17.60 -54.66 17.38
N GLU B 75 17.48 -55.94 17.01
CA GLU B 75 16.85 -56.21 15.72
C GLU B 75 15.40 -55.76 15.75
N HIS B 76 14.75 -56.00 16.88
CA HIS B 76 13.34 -55.61 17.09
C HIS B 76 13.16 -54.11 16.91
N LEU B 77 14.09 -53.30 17.43
CA LEU B 77 13.98 -51.87 17.28
C LEU B 77 14.06 -51.46 15.79
N LYS B 78 14.88 -52.16 15.00
CA LYS B 78 15.00 -51.85 13.58
C LYS B 78 13.68 -52.15 12.87
N LYS B 79 13.06 -53.29 13.20
CA LYS B 79 11.79 -53.62 12.58
C LYS B 79 10.75 -52.56 12.99
N ALA B 80 10.73 -52.21 14.26
CA ALA B 80 9.78 -51.21 14.73
C ALA B 80 10.02 -49.87 14.03
N ALA B 81 11.29 -49.50 13.84
CA ALA B 81 11.61 -48.24 13.18
C ALA B 81 11.02 -48.22 11.75
N ASP B 82 11.22 -49.31 11.02
CA ASP B 82 10.71 -49.41 9.65
C ASP B 82 9.18 -49.34 9.60
N PHE B 83 8.52 -50.05 10.51
CA PHE B 83 7.06 -50.03 10.55
C PHE B 83 6.54 -48.63 10.88
N LEU B 84 7.06 -48.00 11.93
CA LEU B 84 6.58 -46.69 12.31
C LEU B 84 6.72 -45.69 11.19
N ALA B 85 7.87 -45.69 10.51
CA ALA B 85 8.07 -44.74 9.43
C ALA B 85 7.06 -44.96 8.32
N SER B 86 6.69 -46.23 8.12
CA SER B 86 5.74 -46.57 7.07
C SER B 86 4.29 -46.16 7.39
N THR B 87 3.99 -45.79 8.62
CA THR B 87 2.61 -45.39 8.92
C THR B 87 2.26 -44.12 8.14
N ARG B 88 3.23 -43.22 7.99
CA ARG B 88 3.10 -41.95 7.23
C ARG B 88 4.46 -41.80 6.54
N PRO B 89 4.64 -42.50 5.42
CA PRO B 89 5.90 -42.46 4.68
C PRO B 89 6.42 -41.11 4.19
N THR B 90 5.57 -40.11 4.08
CA THR B 90 6.06 -38.80 3.65
C THR B 90 6.35 -37.89 4.85
N ALA B 91 6.05 -38.36 6.06
CA ALA B 91 6.28 -37.56 7.27
C ALA B 91 7.77 -37.55 7.66
N VAL B 92 8.50 -36.59 7.12
CA VAL B 92 9.94 -36.48 7.36
C VAL B 92 10.34 -36.37 8.82
N ASN B 93 9.59 -35.62 9.60
CA ASN B 93 9.94 -35.44 11.00
C ASN B 93 9.75 -36.71 11.82
N LEU B 94 8.71 -37.47 11.50
CA LEU B 94 8.47 -38.76 12.17
C LEU B 94 9.75 -39.60 11.93
N PHE B 95 10.18 -39.65 10.67
CA PHE B 95 11.35 -40.44 10.30
C PHE B 95 12.55 -39.99 11.10
N VAL B 96 12.69 -38.69 11.26
CA VAL B 96 13.82 -38.14 12.00
C VAL B 96 13.86 -38.59 13.45
N GLY B 97 12.72 -38.48 14.15
CA GLY B 97 12.66 -38.90 15.54
C GLY B 97 12.98 -40.39 15.68
N ILE B 98 12.50 -41.17 14.74
CA ILE B 98 12.74 -42.60 14.73
C ILE B 98 14.22 -42.89 14.58
N GLU B 99 14.86 -42.25 13.60
CA GLU B 99 16.28 -42.51 13.38
C GLU B 99 17.16 -42.06 14.55
N ARG B 100 16.87 -40.90 15.12
CA ARG B 100 17.70 -40.44 16.25
C ARG B 100 17.54 -41.37 17.47
N ALA B 101 16.30 -41.77 17.75
CA ALA B 101 16.03 -42.67 18.86
C ALA B 101 16.70 -44.02 18.62
N LEU B 102 16.58 -44.54 17.41
CA LEU B 102 17.19 -45.82 17.10
C LEU B 102 18.71 -45.72 17.23
N ASN B 103 19.31 -44.69 16.63
CA ASN B 103 20.77 -44.53 16.70
C ASN B 103 21.28 -44.44 18.14
N ALA B 104 20.58 -43.73 19.00
CA ALA B 104 21.02 -43.60 20.39
C ALA B 104 20.80 -44.92 21.14
N ALA B 105 19.69 -45.59 20.85
CA ALA B 105 19.40 -46.85 21.52
C ALA B 105 20.43 -47.91 21.15
N LEU B 106 20.87 -47.91 19.90
CA LEU B 106 21.86 -48.89 19.45
C LEU B 106 23.18 -48.80 20.16
N LYS B 107 23.43 -47.70 20.86
CA LYS B 107 24.68 -47.53 21.59
C LYS B 107 24.67 -48.32 22.90
N GLY B 108 23.50 -48.77 23.32
CA GLY B 108 23.41 -49.57 24.53
C GLY B 108 24.11 -50.90 24.30
N GLU B 109 24.71 -51.46 25.34
CA GLU B 109 25.41 -52.73 25.21
C GLU B 109 24.74 -53.84 25.97
N SER B 110 23.59 -53.54 26.57
CA SER B 110 22.79 -54.53 27.30
C SER B 110 21.33 -54.15 27.09
N VAL B 111 20.43 -55.09 27.42
CA VAL B 111 19.00 -54.85 27.26
C VAL B 111 18.62 -53.61 28.07
N GLU B 112 19.03 -53.58 29.33
CA GLU B 112 18.71 -52.44 30.19
C GLU B 112 19.22 -51.12 29.61
N GLU B 113 20.47 -51.09 29.15
CA GLU B 113 21.05 -49.87 28.56
C GLU B 113 20.34 -49.40 27.30
N VAL B 114 19.99 -50.35 26.43
CA VAL B 114 19.30 -50.01 25.19
C VAL B 114 17.97 -49.35 25.51
N LYS B 115 17.20 -49.97 26.41
CA LYS B 115 15.92 -49.40 26.82
C LYS B 115 16.11 -48.01 27.40
N GLU B 116 17.10 -47.89 28.26
CA GLU B 116 17.37 -46.64 28.93
C GLU B 116 17.72 -45.54 27.93
N LEU B 117 18.65 -45.83 27.03
CA LEU B 117 19.09 -44.87 26.05
C LEU B 117 18.02 -44.48 25.06
N ALA B 118 17.12 -45.42 24.74
CA ALA B 118 16.04 -45.15 23.82
C ALA B 118 15.12 -44.07 24.41
N LEU B 119 14.69 -44.27 25.67
CA LEU B 119 13.81 -43.31 26.31
C LEU B 119 14.54 -42.00 26.54
N ARG B 120 15.80 -42.08 26.96
CA ARG B 120 16.58 -40.86 27.19
C ARG B 120 16.57 -39.95 25.95
N GLU B 121 16.80 -40.54 24.77
CA GLU B 121 16.84 -39.77 23.54
C GLU B 121 15.44 -39.21 23.20
N ALA B 122 14.39 -40.02 23.35
CA ALA B 122 13.05 -39.53 23.06
C ALA B 122 12.76 -38.33 23.98
N GLU B 123 13.00 -38.53 25.28
CA GLU B 123 12.77 -37.46 26.24
C GLU B 123 13.60 -36.21 25.93
N LYS B 124 14.80 -36.40 25.40
CA LYS B 124 15.69 -35.30 25.07
C LYS B 124 15.14 -34.48 23.89
N LEU B 125 14.67 -35.17 22.85
CA LEU B 125 14.15 -34.49 21.69
C LEU B 125 12.85 -33.78 22.06
N ALA B 126 12.02 -34.41 22.88
CA ALA B 126 10.76 -33.79 23.26
C ALA B 126 11.05 -32.51 24.05
N GLU B 127 12.01 -32.61 24.96
CA GLU B 127 12.46 -31.50 25.80
C GLU B 127 13.06 -30.38 24.96
N GLU B 128 13.83 -30.71 23.93
CA GLU B 128 14.43 -29.70 23.09
C GLU B 128 13.35 -28.88 22.35
N ASP B 129 12.25 -29.52 21.98
CA ASP B 129 11.17 -28.79 21.35
C ASP B 129 10.54 -27.83 22.35
N VAL B 130 10.23 -28.31 23.55
CA VAL B 130 9.62 -27.42 24.56
C VAL B 130 10.53 -26.22 24.82
N GLU B 131 11.81 -26.48 24.99
CA GLU B 131 12.80 -25.44 25.28
C GLU B 131 12.89 -24.42 24.15
N ARG B 132 12.90 -24.92 22.93
CA ARG B 132 12.95 -24.15 21.70
C ARG B 132 11.78 -23.16 21.67
N ASN B 133 10.59 -23.67 22.04
CA ASN B 133 9.37 -22.88 22.02
C ASN B 133 9.30 -21.83 23.12
N ARG B 134 9.89 -22.12 24.27
CA ARG B 134 9.91 -21.18 25.38
C ARG B 134 10.85 -20.02 25.05
N LYS B 135 12.02 -20.33 24.47
CA LYS B 135 12.99 -19.31 24.11
C LYS B 135 12.43 -18.37 23.04
N MET B 136 11.83 -18.99 22.04
CA MET B 136 11.18 -18.29 20.93
C MET B 136 10.10 -17.38 21.53
N GLY B 137 9.32 -17.92 22.45
CA GLY B 137 8.25 -17.15 23.06
C GLY B 137 8.77 -15.95 23.82
N GLU B 138 9.85 -16.16 24.55
CA GLU B 138 10.47 -15.07 25.30
C GLU B 138 10.98 -13.98 24.36
N TYR B 139 11.67 -14.35 23.28
CA TYR B 139 12.13 -13.29 22.37
C TYR B 139 10.94 -12.58 21.74
N GLY B 140 9.95 -13.35 21.33
CA GLY B 140 8.77 -12.81 20.69
C GLY B 140 7.88 -11.92 21.58
N ALA B 141 7.77 -12.28 22.86
CA ALA B 141 6.94 -11.52 23.79
C ALA B 141 7.36 -10.07 23.87
N GLU B 142 8.61 -9.79 23.56
CA GLU B 142 9.10 -8.43 23.63
C GLU B 142 8.44 -7.57 22.56
N LEU B 143 7.84 -8.22 21.57
CA LEU B 143 7.15 -7.52 20.49
C LEU B 143 5.71 -7.16 20.88
N LEU B 144 5.23 -7.75 21.98
CA LEU B 144 3.86 -7.50 22.42
C LEU B 144 3.79 -6.61 23.64
N GLU B 145 2.73 -5.84 23.76
CA GLU B 145 2.57 -4.99 24.91
C GLU B 145 1.23 -5.25 25.56
N ASP B 146 1.12 -4.85 26.81
CA ASP B 146 -0.08 -5.02 27.60
C ASP B 146 -1.31 -4.50 26.83
N GLY B 147 -2.37 -5.30 26.81
CA GLY B 147 -3.58 -4.93 26.10
C GLY B 147 -3.61 -5.25 24.61
N ASP B 148 -2.57 -5.89 24.07
CA ASP B 148 -2.56 -6.21 22.64
C ASP B 148 -3.57 -7.28 22.30
N VAL B 149 -4.20 -7.14 21.13
CA VAL B 149 -5.11 -8.14 20.64
C VAL B 149 -4.31 -8.75 19.49
N VAL B 150 -4.08 -10.05 19.55
CA VAL B 150 -3.30 -10.74 18.53
C VAL B 150 -4.16 -11.60 17.64
N LEU B 151 -4.06 -11.38 16.33
CA LEU B 151 -4.81 -12.20 15.40
C LEU B 151 -3.90 -13.36 14.98
N THR B 152 -4.42 -14.59 15.00
CA THR B 152 -3.63 -15.74 14.56
C THR B 152 -4.39 -16.48 13.46
N TYR B 153 -3.72 -17.49 12.89
CA TYR B 153 -4.26 -18.28 11.82
C TYR B 153 -3.87 -19.74 12.06
N CYS B 154 -4.71 -20.66 11.60
CA CYS B 154 -4.50 -22.10 11.80
C CYS B 154 -4.25 -22.39 13.29
N ASN B 155 -3.32 -23.29 13.59
CA ASN B 155 -2.99 -23.63 14.97
C ASN B 155 -1.51 -23.90 15.17
N ALA B 156 -0.79 -22.87 15.60
CA ALA B 156 0.64 -23.00 15.87
C ALA B 156 0.81 -22.93 17.39
N GLY B 157 0.17 -23.87 18.08
CA GLY B 157 0.21 -23.87 19.53
C GLY B 157 0.78 -25.12 20.16
N ARG B 158 0.30 -25.42 21.35
CA ARG B 158 0.80 -26.56 22.08
C ARG B 158 0.32 -27.89 21.48
N LEU B 159 -0.76 -27.86 20.70
CA LEU B 159 -1.22 -29.11 20.09
C LEU B 159 -0.23 -29.55 18.97
N ALA B 160 0.13 -28.59 18.11
CA ALA B 160 1.06 -28.77 16.98
C ALA B 160 2.55 -28.96 17.36
N THR B 161 2.86 -28.92 18.64
CA THR B 161 4.23 -29.10 19.09
C THR B 161 4.13 -29.99 20.33
N VAL B 162 5.26 -30.20 21.00
CA VAL B 162 5.27 -31.00 22.22
C VAL B 162 4.57 -30.17 23.30
N ASP B 163 4.88 -28.88 23.34
CA ASP B 163 4.24 -27.99 24.31
C ASP B 163 4.57 -26.53 24.02
N TRP B 164 3.83 -25.65 24.67
CA TRP B 164 3.98 -24.19 24.57
C TRP B 164 3.53 -23.60 23.23
N GLY B 165 4.05 -24.13 22.13
CA GLY B 165 3.70 -23.65 20.81
C GLY B 165 4.68 -22.63 20.24
N THR B 166 4.49 -22.27 18.97
CA THR B 166 5.36 -21.29 18.37
C THR B 166 4.67 -19.93 18.41
N ALA B 167 3.75 -19.67 17.49
CA ALA B 167 3.02 -18.40 17.49
C ALA B 167 2.23 -18.25 18.80
N LEU B 168 1.54 -19.30 19.24
CA LEU B 168 0.80 -19.18 20.49
C LEU B 168 1.76 -19.24 21.68
N GLY B 169 2.98 -19.75 21.46
CA GLY B 169 3.96 -19.75 22.53
C GLY B 169 4.36 -18.31 22.85
N VAL B 170 4.39 -17.43 21.83
CA VAL B 170 4.75 -16.02 22.06
C VAL B 170 3.65 -15.40 22.91
N VAL B 171 2.40 -15.71 22.58
CA VAL B 171 1.25 -15.23 23.35
C VAL B 171 1.36 -15.75 24.80
N ARG B 172 1.66 -17.02 24.99
CA ARG B 172 1.83 -17.57 26.36
C ARG B 172 2.98 -16.90 27.12
N SER B 173 4.09 -16.64 26.45
CA SER B 173 5.23 -16.02 27.10
C SER B 173 4.88 -14.60 27.53
N ALA B 174 4.14 -13.88 26.69
CA ALA B 174 3.76 -12.49 27.01
C ALA B 174 2.78 -12.45 28.18
N VAL B 175 1.81 -13.36 28.19
CA VAL B 175 0.84 -13.45 29.24
C VAL B 175 1.53 -13.78 30.58
N GLU B 176 2.52 -14.67 30.52
CA GLU B 176 3.23 -15.05 31.72
C GLU B 176 3.99 -13.81 32.21
N GLN B 177 4.28 -12.87 31.31
CA GLN B 177 4.94 -11.63 31.71
C GLN B 177 3.97 -10.68 32.42
N GLY B 178 2.69 -11.05 32.44
CA GLY B 178 1.72 -10.18 33.07
C GLY B 178 0.99 -9.27 32.10
N LYS B 179 1.34 -9.36 30.82
CA LYS B 179 0.67 -8.54 29.83
C LYS B 179 -0.71 -9.10 29.54
N GLU B 180 -1.70 -8.23 29.42
CA GLU B 180 -3.05 -8.69 29.08
C GLU B 180 -2.98 -8.93 27.56
N ILE B 181 -3.19 -10.16 27.11
CA ILE B 181 -3.18 -10.42 25.66
C ILE B 181 -4.47 -11.13 25.33
N ARG B 182 -5.13 -10.67 24.28
CA ARG B 182 -6.36 -11.30 23.83
C ARG B 182 -6.07 -11.77 22.41
N VAL B 183 -6.73 -12.85 22.00
CA VAL B 183 -6.51 -13.41 20.69
C VAL B 183 -7.77 -13.44 19.82
N ILE B 184 -7.59 -13.19 18.54
CA ILE B 184 -8.69 -13.33 17.60
C ILE B 184 -8.21 -14.50 16.73
N ALA B 185 -8.98 -15.56 16.64
CA ALA B 185 -8.59 -16.74 15.85
C ALA B 185 -9.48 -17.00 14.64
N CYS B 186 -8.86 -17.07 13.47
CA CYS B 186 -9.60 -17.38 12.23
C CYS B 186 -9.89 -18.88 12.25
N GLU B 187 -11.14 -19.27 11.92
CA GLU B 187 -11.51 -20.70 11.95
C GLU B 187 -10.60 -21.58 11.14
N THR B 188 -10.00 -21.01 10.09
CA THR B 188 -9.04 -21.69 9.21
C THR B 188 -9.65 -22.85 8.37
N ARG B 189 -10.42 -22.51 7.35
CA ARG B 189 -11.02 -23.50 6.46
C ARG B 189 -9.91 -24.17 5.63
N PRO B 190 -10.16 -25.39 5.10
CA PRO B 190 -11.40 -26.15 5.25
C PRO B 190 -11.41 -27.19 6.39
N LEU B 191 -10.30 -27.37 7.10
CA LEU B 191 -10.27 -28.37 8.17
C LEU B 191 -10.54 -27.77 9.56
N ASN B 192 -10.68 -26.45 9.61
CA ASN B 192 -10.99 -25.75 10.84
C ASN B 192 -10.03 -25.92 12.01
N GLN B 193 -8.73 -25.89 11.73
CA GLN B 193 -7.78 -26.03 12.82
C GLN B 193 -7.95 -24.88 13.80
N GLY B 194 -8.42 -23.74 13.28
CA GLY B 194 -8.61 -22.55 14.10
C GLY B 194 -9.63 -22.70 15.19
N SER B 195 -10.82 -23.15 14.77
CA SER B 195 -11.90 -23.32 15.72
C SER B 195 -11.79 -24.59 16.56
N ARG B 196 -11.33 -25.71 15.98
CA ARG B 196 -11.23 -26.95 16.70
C ARG B 196 -10.10 -26.99 17.72
N LEU B 197 -8.95 -26.44 17.33
CA LEU B 197 -7.76 -26.52 18.16
C LEU B 197 -7.27 -25.24 18.84
N THR B 198 -7.14 -24.16 18.08
CA THR B 198 -6.66 -22.93 18.66
C THR B 198 -7.59 -22.40 19.74
N CYS B 199 -8.88 -22.39 19.48
CA CYS B 199 -9.84 -21.90 20.46
C CYS B 199 -9.84 -22.82 21.66
N TRP B 200 -9.69 -24.11 21.41
CA TRP B 200 -9.69 -25.05 22.50
C TRP B 200 -8.52 -24.84 23.43
N GLU B 201 -7.29 -24.82 22.91
CA GLU B 201 -6.16 -24.69 23.81
C GLU B 201 -6.03 -23.35 24.52
N LEU B 202 -6.46 -22.27 23.87
CA LEU B 202 -6.38 -20.97 24.53
C LEU B 202 -7.45 -20.91 25.63
N MET B 203 -8.64 -21.43 25.35
CA MET B 203 -9.69 -21.40 26.37
C MET B 203 -9.29 -22.29 27.54
N GLU B 204 -8.71 -23.44 27.24
CA GLU B 204 -8.27 -24.37 28.26
C GLU B 204 -7.24 -23.69 29.18
N ASP B 205 -6.41 -22.84 28.60
CA ASP B 205 -5.37 -22.15 29.35
C ASP B 205 -5.74 -20.76 29.91
N GLY B 206 -7.00 -20.36 29.78
CA GLY B 206 -7.41 -19.08 30.31
C GLY B 206 -7.06 -17.85 29.48
N ILE B 207 -6.71 -18.02 28.20
CA ILE B 207 -6.37 -16.87 27.36
C ILE B 207 -7.61 -16.46 26.55
N ASP B 208 -8.01 -15.18 26.62
CA ASP B 208 -9.18 -14.69 25.89
C ASP B 208 -9.04 -14.95 24.40
N VAL B 209 -10.08 -15.50 23.78
CA VAL B 209 -10.03 -15.76 22.35
C VAL B 209 -11.42 -15.58 21.76
N THR B 210 -11.48 -14.90 20.63
CA THR B 210 -12.73 -14.67 19.92
C THR B 210 -12.57 -15.32 18.56
N LEU B 211 -13.59 -16.09 18.16
CA LEU B 211 -13.59 -16.82 16.90
C LEU B 211 -14.26 -16.07 15.75
N ILE B 212 -13.62 -16.05 14.59
CA ILE B 212 -14.17 -15.38 13.41
C ILE B 212 -13.95 -16.26 12.17
N THR B 213 -14.63 -15.97 11.05
CA THR B 213 -14.34 -16.74 9.85
C THR B 213 -13.05 -16.14 9.28
N ASP B 214 -12.43 -16.83 8.34
CA ASP B 214 -11.19 -16.35 7.72
C ASP B 214 -11.44 -15.06 6.97
N SER B 215 -12.61 -14.94 6.36
CA SER B 215 -12.93 -13.76 5.57
C SER B 215 -13.12 -12.49 6.38
N MET B 216 -13.29 -12.64 7.69
CA MET B 216 -13.48 -11.49 8.56
C MET B 216 -12.16 -10.79 8.95
N VAL B 217 -11.03 -11.28 8.43
CA VAL B 217 -9.76 -10.61 8.73
C VAL B 217 -9.88 -9.17 8.24
N GLY B 218 -10.60 -8.97 7.15
CA GLY B 218 -10.75 -7.61 6.64
C GLY B 218 -11.48 -6.64 7.55
N ILE B 219 -12.69 -6.98 7.98
CA ILE B 219 -13.45 -6.05 8.81
C ILE B 219 -12.84 -5.83 10.18
N VAL B 220 -12.25 -6.90 10.72
CA VAL B 220 -11.64 -6.88 12.02
C VAL B 220 -10.47 -5.88 12.02
N MET B 221 -9.73 -5.80 10.91
CA MET B 221 -8.64 -4.83 10.81
C MET B 221 -9.19 -3.45 10.45
N GLN B 222 -10.23 -3.41 9.62
CA GLN B 222 -10.86 -2.14 9.27
C GLN B 222 -11.30 -1.43 10.54
N LYS B 223 -11.82 -2.19 11.49
CA LYS B 223 -12.30 -1.62 12.74
C LYS B 223 -11.21 -1.48 13.81
N GLY B 224 -9.96 -1.74 13.46
CA GLY B 224 -8.89 -1.64 14.44
C GLY B 224 -8.97 -2.57 15.64
N MET B 225 -9.56 -3.74 15.46
CA MET B 225 -9.68 -4.69 16.56
C MET B 225 -8.37 -5.48 16.76
N VAL B 226 -7.46 -5.39 15.79
CA VAL B 226 -6.19 -6.15 15.84
C VAL B 226 -4.97 -5.27 15.95
N ASP B 227 -4.11 -5.59 16.90
CA ASP B 227 -2.87 -4.86 17.11
C ASP B 227 -1.70 -5.52 16.42
N LYS B 228 -1.69 -6.85 16.41
CA LYS B 228 -0.56 -7.58 15.84
C LYS B 228 -1.06 -8.91 15.29
N VAL B 229 -0.33 -9.47 14.34
CA VAL B 229 -0.65 -10.81 13.80
C VAL B 229 0.56 -11.70 14.04
N ILE B 230 0.31 -12.92 14.51
CA ILE B 230 1.41 -13.87 14.69
C ILE B 230 0.93 -15.22 14.19
N VAL B 231 1.65 -15.79 13.23
CA VAL B 231 1.31 -17.09 12.66
C VAL B 231 2.56 -17.94 12.72
N GLY B 232 2.40 -19.25 12.50
CA GLY B 232 3.51 -20.16 12.47
C GLY B 232 3.97 -20.31 11.03
N ALA B 233 4.71 -21.39 10.75
CA ALA B 233 5.19 -21.65 9.41
C ALA B 233 5.45 -23.14 9.24
N ASP B 234 5.32 -23.62 8.01
CA ASP B 234 5.60 -25.02 7.73
C ASP B 234 6.98 -25.09 7.10
N ARG B 235 7.32 -24.07 6.33
CA ARG B 235 8.63 -24.03 5.70
C ARG B 235 8.97 -22.60 5.31
N ILE B 236 10.18 -22.15 5.63
CA ILE B 236 10.59 -20.80 5.28
C ILE B 236 11.76 -20.88 4.28
N VAL B 237 11.52 -20.44 3.05
CA VAL B 237 12.56 -20.45 2.05
C VAL B 237 13.09 -19.03 1.89
N ARG B 238 14.06 -18.86 1.00
CA ARG B 238 14.72 -17.55 0.84
C ARG B 238 13.83 -16.36 0.52
N ASP B 239 12.71 -16.59 -0.15
CA ASP B 239 11.84 -15.47 -0.49
C ASP B 239 10.38 -15.60 0.00
N ALA B 240 10.11 -16.59 0.85
CA ALA B 240 8.73 -16.79 1.28
C ALA B 240 8.55 -17.68 2.48
N VAL B 241 7.40 -17.51 3.12
CA VAL B 241 7.01 -18.34 4.23
C VAL B 241 5.83 -19.20 3.72
N PHE B 242 5.95 -20.52 3.79
CA PHE B 242 4.84 -21.39 3.41
C PHE B 242 4.14 -21.76 4.71
N ASN B 243 2.82 -21.61 4.74
CA ASN B 243 2.05 -21.94 5.91
C ASN B 243 0.64 -22.31 5.49
N LYS B 244 -0.18 -22.75 6.42
CA LYS B 244 -1.55 -23.13 6.10
C LYS B 244 -2.20 -22.15 5.14
N ILE B 245 -2.81 -22.69 4.08
CA ILE B 245 -3.49 -21.91 3.04
C ILE B 245 -4.37 -20.86 3.71
N GLY B 246 -4.28 -19.62 3.22
CA GLY B 246 -5.06 -18.54 3.78
C GLY B 246 -4.11 -17.57 4.49
N THR B 247 -2.95 -18.06 4.88
CA THR B 247 -1.99 -17.20 5.58
C THR B 247 -1.59 -15.99 4.73
N TYR B 248 -1.30 -16.20 3.43
CA TYR B 248 -0.93 -15.10 2.52
C TYR B 248 -2.02 -13.99 2.48
N THR B 249 -3.28 -14.38 2.40
CA THR B 249 -4.38 -13.41 2.39
C THR B 249 -4.33 -12.53 3.66
N VAL B 250 -4.13 -13.15 4.83
CA VAL B 250 -4.05 -12.36 6.06
C VAL B 250 -2.89 -11.36 5.94
N SER B 251 -1.76 -11.80 5.40
CA SER B 251 -0.59 -10.93 5.24
C SER B 251 -0.87 -9.72 4.32
N VAL B 252 -1.70 -9.91 3.30
CA VAL B 252 -2.04 -8.80 2.40
C VAL B 252 -2.89 -7.77 3.14
N VAL B 253 -3.88 -8.23 3.90
CA VAL B 253 -4.74 -7.30 4.61
C VAL B 253 -3.96 -6.58 5.73
N ALA B 254 -3.16 -7.33 6.48
CA ALA B 254 -2.38 -6.73 7.56
C ALA B 254 -1.42 -5.67 7.03
N LYS B 255 -0.78 -5.97 5.91
CA LYS B 255 0.16 -5.05 5.29
C LYS B 255 -0.53 -3.71 4.92
N HIS B 256 -1.70 -3.83 4.31
CA HIS B 256 -2.45 -2.64 3.91
C HIS B 256 -2.85 -1.79 5.12
N HIS B 257 -3.13 -2.46 6.24
CA HIS B 257 -3.52 -1.78 7.47
C HIS B 257 -2.37 -1.45 8.42
N ASN B 258 -1.13 -1.61 7.95
CA ASN B 258 0.03 -1.30 8.79
C ASN B 258 0.10 -2.06 10.11
N ILE B 259 -0.42 -3.28 10.10
CA ILE B 259 -0.43 -4.13 11.28
C ILE B 259 0.75 -5.09 11.20
N PRO B 260 1.64 -5.06 12.20
CA PRO B 260 2.81 -5.94 12.26
C PRO B 260 2.39 -7.38 11.98
N PHE B 261 3.12 -8.05 11.10
CA PHE B 261 2.80 -9.45 10.75
C PHE B 261 4.03 -10.28 11.11
N TYR B 262 3.94 -11.09 12.16
CA TYR B 262 5.10 -11.87 12.57
C TYR B 262 4.94 -13.37 12.32
N VAL B 263 6.05 -14.02 11.96
CA VAL B 263 6.09 -15.44 11.75
C VAL B 263 7.02 -16.05 12.83
N ALA B 264 6.46 -16.93 13.67
CA ALA B 264 7.26 -17.59 14.68
C ALA B 264 7.53 -19.03 14.21
N ALA B 265 8.81 -19.41 14.20
CA ALA B 265 9.22 -20.75 13.77
C ALA B 265 10.67 -21.03 14.18
N PRO B 266 10.99 -22.30 14.46
CA PRO B 266 12.37 -22.62 14.84
C PRO B 266 13.26 -22.67 13.62
N LYS B 267 14.56 -22.65 13.86
CA LYS B 267 15.56 -22.72 12.80
C LYS B 267 15.34 -23.94 11.88
N ALA B 268 14.90 -25.07 12.43
CA ALA B 268 14.72 -26.26 11.60
C ALA B 268 13.68 -26.07 10.51
N THR B 269 12.78 -25.10 10.68
CA THR B 269 11.75 -24.87 9.68
C THR B 269 12.26 -24.10 8.47
N PHE B 270 13.45 -23.52 8.59
CA PHE B 270 14.01 -22.78 7.46
C PHE B 270 14.69 -23.78 6.49
N ASP B 271 14.56 -23.49 5.20
CA ASP B 271 15.12 -24.31 4.12
C ASP B 271 15.77 -23.24 3.24
N TRP B 272 16.87 -22.70 3.71
CA TRP B 272 17.53 -21.60 3.02
C TRP B 272 18.18 -21.88 1.68
N GLU B 273 18.30 -23.13 1.25
CA GLU B 273 18.89 -23.31 -0.07
C GLU B 273 17.82 -23.42 -1.16
N ARG B 274 16.60 -23.05 -0.79
CA ARG B 274 15.47 -23.07 -1.73
C ARG B 274 14.76 -21.71 -1.82
N THR B 275 14.00 -21.54 -2.90
CA THR B 275 13.16 -20.36 -3.10
C THR B 275 11.76 -20.92 -3.39
N ALA B 276 10.74 -20.07 -3.33
CA ALA B 276 9.36 -20.52 -3.53
C ALA B 276 9.12 -21.39 -4.77
N LYS B 277 9.77 -21.04 -5.86
CA LYS B 277 9.62 -21.79 -7.10
C LYS B 277 10.13 -23.22 -6.99
N ASP B 278 10.84 -23.54 -5.91
CA ASP B 278 11.34 -24.89 -5.73
C ASP B 278 10.36 -25.74 -4.95
N VAL B 279 9.31 -25.11 -4.43
CA VAL B 279 8.31 -25.81 -3.60
C VAL B 279 7.02 -26.13 -4.31
N VAL B 280 6.58 -27.38 -4.22
CA VAL B 280 5.32 -27.74 -4.87
C VAL B 280 4.28 -27.79 -3.79
N ILE B 281 3.15 -27.16 -4.04
CA ILE B 281 2.07 -27.14 -3.07
C ILE B 281 1.12 -28.27 -3.42
N GLU B 282 0.94 -29.22 -2.51
CA GLU B 282 0.06 -30.34 -2.79
C GLU B 282 -1.41 -29.99 -2.63
N GLU B 283 -2.25 -30.70 -3.37
CA GLU B 283 -3.69 -30.51 -3.28
C GLU B 283 -4.18 -31.40 -2.16
N ARG B 284 -5.22 -30.96 -1.46
CA ARG B 284 -5.79 -31.78 -0.41
C ARG B 284 -7.11 -32.35 -0.95
N PRO B 285 -7.63 -33.43 -0.34
CA PRO B 285 -8.87 -34.09 -0.77
C PRO B 285 -10.04 -33.13 -1.07
N ARG B 286 -10.62 -33.27 -2.26
CA ARG B 286 -11.73 -32.39 -2.64
C ARG B 286 -12.92 -32.48 -1.70
N GLU B 287 -13.13 -33.64 -1.07
CA GLU B 287 -14.26 -33.82 -0.14
C GLU B 287 -14.27 -32.82 1.03
N GLU B 288 -13.10 -32.23 1.32
CA GLU B 288 -12.99 -31.26 2.40
C GLU B 288 -13.83 -30.01 2.13
N LEU B 289 -14.11 -29.75 0.86
CA LEU B 289 -14.96 -28.59 0.49
C LEU B 289 -16.41 -28.99 0.15
N ILE B 290 -16.66 -30.29 0.00
CA ILE B 290 -17.98 -30.77 -0.41
C ILE B 290 -18.87 -31.19 0.73
N PHE B 291 -18.26 -31.55 1.86
CA PHE B 291 -19.03 -31.98 3.03
C PHE B 291 -18.54 -31.35 4.31
N CYS B 292 -19.46 -31.19 5.25
CA CYS B 292 -19.18 -30.67 6.57
C CYS B 292 -19.91 -31.60 7.51
N GLY B 293 -19.15 -32.36 8.29
CA GLY B 293 -19.78 -33.35 9.14
C GLY B 293 -20.27 -34.28 8.03
N LYS B 294 -21.56 -34.59 8.02
CA LYS B 294 -22.08 -35.41 6.92
C LYS B 294 -23.11 -34.61 6.15
N ARG B 295 -23.09 -33.28 6.32
CA ARG B 295 -24.01 -32.41 5.60
C ARG B 295 -23.31 -32.03 4.30
N GLN B 296 -24.02 -32.21 3.17
CA GLN B 296 -23.50 -31.87 1.83
C GLN B 296 -23.56 -30.35 1.71
N ILE B 297 -22.44 -29.71 1.38
CA ILE B 297 -22.43 -28.25 1.26
C ILE B 297 -22.08 -27.77 -0.14
N ALA B 298 -21.80 -28.72 -1.04
CA ALA B 298 -21.50 -28.37 -2.42
C ALA B 298 -22.02 -29.49 -3.30
N PRO B 299 -22.21 -29.22 -4.60
CA PRO B 299 -22.70 -30.31 -5.47
C PRO B 299 -21.61 -31.39 -5.45
N LEU B 300 -22.04 -32.65 -5.44
CA LEU B 300 -21.10 -33.78 -5.37
C LEU B 300 -19.98 -33.78 -6.42
N ASN B 301 -20.28 -33.33 -7.64
CA ASN B 301 -19.28 -33.33 -8.70
C ASN B 301 -18.64 -31.98 -9.01
N VAL B 302 -18.74 -31.02 -8.10
CA VAL B 302 -18.15 -29.70 -8.37
C VAL B 302 -16.62 -29.76 -8.50
N LYS B 303 -16.04 -28.94 -9.37
CA LYS B 303 -14.60 -28.93 -9.48
C LYS B 303 -14.09 -28.15 -8.26
N VAL B 304 -13.04 -28.69 -7.62
CA VAL B 304 -12.47 -28.06 -6.44
C VAL B 304 -10.99 -27.76 -6.56
N TYR B 305 -10.58 -26.66 -5.97
CA TYR B 305 -9.17 -26.29 -5.93
C TYR B 305 -8.91 -26.20 -4.38
N ASN B 306 -8.11 -27.13 -3.87
CA ASN B 306 -7.82 -27.20 -2.45
C ASN B 306 -6.34 -27.30 -2.04
N PRO B 307 -5.55 -26.25 -2.33
CA PRO B 307 -4.12 -26.27 -1.97
C PRO B 307 -3.94 -26.31 -0.44
N ALA B 308 -2.89 -27.00 -0.03
CA ALA B 308 -2.57 -27.16 1.38
C ALA B 308 -1.93 -25.92 2.03
N PHE B 309 -1.17 -25.17 1.26
CA PHE B 309 -0.49 -24.01 1.81
C PHE B 309 -0.48 -22.93 0.76
N ASP B 310 0.00 -21.75 1.15
CA ASP B 310 0.23 -20.68 0.20
C ASP B 310 1.55 -20.06 0.64
N PRO B 311 2.18 -19.30 -0.25
CA PRO B 311 3.45 -18.63 0.08
C PRO B 311 3.24 -17.15 0.40
N THR B 312 3.78 -16.74 1.55
CA THR B 312 3.70 -15.35 1.96
C THR B 312 5.09 -14.76 1.65
N PRO B 313 5.15 -13.77 0.74
CA PRO B 313 6.44 -13.14 0.39
C PRO B 313 7.05 -12.58 1.66
N LEU B 314 8.38 -12.67 1.78
CA LEU B 314 9.01 -12.15 3.00
C LEU B 314 8.82 -10.61 3.16
N GLU B 315 8.50 -9.91 2.06
CA GLU B 315 8.25 -8.47 2.07
C GLU B 315 6.99 -8.18 2.90
N ASN B 316 6.15 -9.19 3.11
CA ASN B 316 4.93 -9.02 3.92
C ASN B 316 5.13 -9.48 5.36
N VAL B 317 6.35 -9.83 5.72
CA VAL B 317 6.61 -10.29 7.09
C VAL B 317 7.48 -9.27 7.81
N THR B 318 6.92 -8.70 8.88
CA THR B 318 7.58 -7.67 9.68
C THR B 318 8.82 -8.17 10.38
N ALA B 319 8.71 -9.38 10.95
CA ALA B 319 9.84 -10.01 11.62
C ALA B 319 9.60 -11.51 11.80
N LEU B 320 10.70 -12.27 11.84
CA LEU B 320 10.64 -13.72 12.10
C LEU B 320 11.06 -13.87 13.58
N ILE B 321 10.30 -14.66 14.35
CA ILE B 321 10.57 -14.92 15.77
C ILE B 321 11.09 -16.39 15.87
N THR B 322 12.35 -16.54 16.25
CA THR B 322 12.96 -17.87 16.34
C THR B 322 13.56 -18.09 17.72
N GLU B 323 14.03 -19.31 17.97
CA GLU B 323 14.64 -19.61 19.27
C GLU B 323 16.02 -18.99 19.38
N TYR B 324 16.50 -18.36 18.31
CA TYR B 324 17.80 -17.68 18.32
C TYR B 324 17.58 -16.16 18.42
N GLY B 325 16.31 -15.73 18.45
CA GLY B 325 16.00 -14.32 18.53
C GLY B 325 15.09 -13.79 17.41
N VAL B 326 14.76 -12.51 17.49
CA VAL B 326 13.94 -11.89 16.47
C VAL B 326 14.83 -11.50 15.29
N ILE B 327 14.34 -11.71 14.08
CA ILE B 327 15.13 -11.38 12.89
C ILE B 327 14.35 -10.37 12.07
N TYR B 328 15.03 -9.32 11.61
CA TYR B 328 14.43 -8.25 10.81
C TYR B 328 14.98 -8.19 9.41
N PRO B 329 14.25 -7.55 8.47
CA PRO B 329 14.74 -7.44 7.09
C PRO B 329 16.03 -6.60 7.22
N PRO B 330 16.98 -6.74 6.27
CA PRO B 330 16.89 -7.63 5.12
C PRO B 330 17.19 -9.06 5.54
N TYR B 331 16.29 -9.98 5.20
CA TYR B 331 16.45 -11.37 5.59
C TYR B 331 17.64 -12.09 4.95
N GLU B 332 17.96 -11.77 3.71
CA GLU B 332 19.10 -12.41 3.04
C GLU B 332 20.37 -12.20 3.88
N VAL B 333 20.40 -11.11 4.64
CA VAL B 333 21.54 -10.80 5.50
C VAL B 333 21.35 -11.34 6.90
N ASN B 334 20.22 -11.00 7.52
CA ASN B 334 19.99 -11.39 8.90
C ASN B 334 19.58 -12.82 9.23
N VAL B 335 18.98 -13.54 8.30
CA VAL B 335 18.62 -14.91 8.61
C VAL B 335 19.92 -15.74 8.81
N PRO B 336 20.86 -15.70 7.86
CA PRO B 336 22.09 -16.49 8.08
C PRO B 336 22.86 -16.05 9.33
N LYS B 337 22.83 -14.76 9.62
CA LYS B 337 23.53 -14.26 10.79
C LYS B 337 22.90 -14.66 12.15
N VAL B 338 21.59 -14.50 12.29
CA VAL B 338 20.95 -14.85 13.57
C VAL B 338 20.85 -16.37 13.79
N LEU B 339 20.62 -17.12 12.71
CA LEU B 339 20.47 -18.56 12.79
C LEU B 339 21.81 -19.28 12.79
N LYS B 340 22.89 -18.51 12.67
CA LYS B 340 24.26 -19.03 12.66
C LYS B 340 24.55 -19.99 11.52
N PHE B 341 24.18 -19.62 10.30
CA PHE B 341 24.45 -20.47 9.14
C PHE B 341 25.95 -20.38 8.88
N SER C 2 40.32 15.20 9.12
CA SER C 2 39.37 16.31 8.77
C SER C 2 39.23 17.26 9.97
N LEU C 3 38.60 18.41 9.74
CA LEU C 3 38.40 19.40 10.78
C LEU C 3 37.03 19.27 11.48
N ARG C 4 37.02 19.55 12.78
CA ARG C 4 35.76 19.60 13.53
C ARG C 4 35.15 20.88 12.95
N SER C 5 33.83 21.05 13.06
CA SER C 5 33.18 22.24 12.49
C SER C 5 33.54 23.53 13.26
N ILE C 6 33.85 23.38 14.53
CA ILE C 6 34.27 24.49 15.40
C ILE C 6 35.19 23.85 16.44
N PHE C 7 36.34 24.46 16.67
CA PHE C 7 37.28 23.88 17.61
C PHE C 7 38.27 24.91 18.11
N TRP C 8 39.04 24.50 19.10
CA TRP C 8 40.05 25.37 19.69
C TRP C 8 41.43 24.88 19.31
N ASP C 9 42.23 25.71 18.63
CA ASP C 9 43.59 25.31 18.30
C ASP C 9 44.43 26.22 19.18
N ASP C 10 44.85 27.36 18.67
CA ASP C 10 45.58 28.26 19.56
C ASP C 10 44.67 29.47 19.70
N GLY C 11 43.38 29.19 19.58
CA GLY C 11 42.33 30.20 19.66
C GLY C 11 41.12 29.53 19.01
N LEU C 12 39.99 30.23 18.93
CA LEU C 12 38.77 29.67 18.35
C LEU C 12 38.74 29.66 16.82
N LYS C 13 38.46 28.49 16.27
CA LYS C 13 38.37 28.34 14.81
C LYS C 13 37.10 27.60 14.40
N LEU C 14 36.56 27.95 13.24
CA LEU C 14 35.36 27.30 12.75
C LEU C 14 35.30 27.31 11.22
N ILE C 15 34.68 26.28 10.66
CA ILE C 15 34.53 26.18 9.21
C ILE C 15 33.43 27.17 8.83
N ASP C 16 33.70 28.02 7.84
CA ASP C 16 32.68 28.99 7.42
C ASP C 16 31.80 28.23 6.41
N GLN C 17 30.62 27.84 6.88
CA GLN C 17 29.69 27.09 6.06
C GLN C 17 29.14 27.88 4.88
N THR C 18 29.11 29.20 5.00
CA THR C 18 28.55 30.02 3.91
C THR C 18 29.37 29.95 2.62
N LYS C 19 30.62 29.52 2.75
CA LYS C 19 31.56 29.42 1.63
C LYS C 19 31.47 28.09 0.88
N LEU C 20 30.87 27.10 1.51
CA LEU C 20 30.72 25.78 0.86
C LEU C 20 29.62 25.88 -0.19
N PRO C 21 29.68 25.04 -1.24
CA PRO C 21 30.71 24.02 -1.46
C PRO C 21 31.95 24.49 -2.22
N GLU C 22 31.97 25.75 -2.68
CA GLU C 22 33.11 26.22 -3.48
C GLU C 22 34.46 26.18 -2.81
N LYS C 23 34.53 26.59 -1.55
CA LYS C 23 35.82 26.55 -0.90
C LYS C 23 35.72 26.37 0.58
N LEU C 24 36.72 25.69 1.11
CA LEU C 24 36.79 25.44 2.52
C LEU C 24 37.57 26.60 3.14
N GLU C 25 36.90 27.35 4.01
CA GLU C 25 37.52 28.46 4.70
C GLU C 25 37.26 28.37 6.19
N VAL C 26 38.35 28.41 6.95
CA VAL C 26 38.26 28.37 8.39
C VAL C 26 38.38 29.81 8.89
N ILE C 27 37.45 30.21 9.76
CA ILE C 27 37.48 31.55 10.35
C ILE C 27 38.15 31.49 11.71
N GLU C 28 39.13 32.37 11.94
CA GLU C 28 39.75 32.39 13.25
C GLU C 28 39.08 33.56 14.00
N CYS C 29 38.47 33.31 15.14
CA CYS C 29 37.82 34.38 15.87
C CYS C 29 38.77 34.81 16.99
N ARG C 30 39.38 35.99 16.86
CA ARG C 30 40.30 36.42 17.90
C ARG C 30 39.59 37.15 19.04
N ASN C 31 38.32 37.49 18.84
CA ASN C 31 37.56 38.13 19.90
C ASN C 31 36.11 37.74 19.77
N VAL C 32 35.32 38.06 20.79
CA VAL C 32 33.92 37.74 20.77
C VAL C 32 33.15 38.37 19.62
N GLU C 33 33.51 39.59 19.21
CA GLU C 33 32.78 40.21 18.12
C GLU C 33 32.86 39.34 16.85
N GLU C 34 34.05 38.82 16.57
CA GLU C 34 34.24 37.99 15.39
C GLU C 34 33.41 36.72 15.45
N LEU C 35 33.25 36.15 16.64
CA LEU C 35 32.44 34.94 16.79
C LEU C 35 30.97 35.33 16.54
N ALA C 36 30.54 36.44 17.13
CA ALA C 36 29.16 36.89 16.93
C ALA C 36 28.88 37.08 15.43
N ASP C 37 29.80 37.73 14.71
CA ASP C 37 29.59 37.91 13.29
C ASP C 37 29.40 36.54 12.59
N ALA C 38 30.24 35.57 12.94
CA ALA C 38 30.21 34.23 12.36
C ALA C 38 28.85 33.61 12.58
N ILE C 39 28.35 33.79 13.79
CA ILE C 39 27.06 33.24 14.16
C ILE C 39 25.94 33.90 13.38
N LYS C 40 25.94 35.24 13.33
CA LYS C 40 24.90 35.98 12.62
C LYS C 40 24.80 35.66 11.13
N LYS C 41 25.95 35.48 10.47
CA LYS C 41 25.93 35.17 9.05
C LYS C 41 25.73 33.66 8.78
N LEU C 42 25.54 32.89 9.83
CA LEU C 42 25.30 31.45 9.69
C LEU C 42 26.51 30.66 9.18
N ALA C 43 27.70 31.08 9.58
CA ALA C 43 28.93 30.40 9.22
C ALA C 43 28.93 29.15 10.10
N VAL C 44 28.36 29.30 11.29
CA VAL C 44 28.21 28.24 12.27
C VAL C 44 26.71 28.00 12.35
N ARG C 45 26.31 26.79 12.00
CA ARG C 45 24.91 26.37 11.98
C ARG C 45 24.80 24.99 12.61
N GLY C 46 23.63 24.68 13.18
CA GLY C 46 23.46 23.38 13.79
C GLY C 46 23.32 23.50 15.29
N ALA C 47 22.30 22.88 15.88
CA ALA C 47 22.12 22.97 17.31
C ALA C 47 23.35 22.58 18.14
N PRO C 48 23.96 21.42 17.87
CA PRO C 48 25.14 21.04 18.66
C PRO C 48 26.31 21.99 18.44
N ALA C 49 26.53 22.36 17.18
CA ALA C 49 27.63 23.26 16.84
C ALA C 49 27.44 24.63 17.49
N LEU C 50 26.18 25.08 17.60
CA LEU C 50 25.89 26.38 18.22
C LEU C 50 26.03 26.32 19.73
N GLU C 51 25.78 25.15 20.32
CA GLU C 51 25.94 25.04 21.76
C GLU C 51 27.43 25.19 22.06
N ALA C 52 28.26 24.57 21.22
CA ALA C 52 29.70 24.65 21.39
C ALA C 52 30.18 26.08 21.16
N ALA C 53 29.63 26.76 20.15
CA ALA C 53 30.03 28.15 19.85
C ALA C 53 29.75 29.04 21.07
N GLY C 54 28.64 28.80 21.73
CA GLY C 54 28.30 29.59 22.89
C GLY C 54 29.28 29.40 24.04
N ALA C 55 29.71 28.14 24.21
CA ALA C 55 30.66 27.80 25.26
C ALA C 55 32.05 28.34 24.90
N TYR C 56 32.48 28.16 23.66
CA TYR C 56 33.79 28.70 23.27
C TYR C 56 33.77 30.25 23.33
N GLY C 57 32.58 30.83 23.16
CA GLY C 57 32.41 32.27 23.21
C GLY C 57 32.82 32.82 24.57
N ILE C 58 32.46 32.10 25.64
CA ILE C 58 32.82 32.51 27.00
C ILE C 58 34.32 32.31 27.20
N ALA C 59 34.85 31.20 26.70
CA ALA C 59 36.28 30.91 26.82
C ALA C 59 37.09 31.99 26.10
N LEU C 60 36.57 32.44 24.97
CA LEU C 60 37.21 33.47 24.16
C LEU C 60 37.08 34.82 24.88
N ALA C 61 35.93 35.09 25.47
CA ALA C 61 35.70 36.36 26.19
C ALA C 61 36.73 36.49 27.33
N ALA C 62 37.16 35.34 27.87
CA ALA C 62 38.12 35.32 28.97
C ALA C 62 39.55 35.57 28.54
N ARG C 63 39.80 35.51 27.24
CA ARG C 63 41.14 35.71 26.69
C ARG C 63 41.28 36.89 25.74
N GLU C 64 40.17 37.43 25.23
CA GLU C 64 40.26 38.53 24.24
C GLU C 64 41.02 39.76 24.71
N ARG C 65 41.09 39.97 26.01
CA ARG C 65 41.88 41.08 26.49
C ARG C 65 42.41 40.65 27.84
N GLU C 66 43.40 41.38 28.35
CA GLU C 66 43.99 41.06 29.64
C GLU C 66 43.22 41.69 30.76
N PHE C 67 43.23 41.01 31.91
CA PHE C 67 42.55 41.49 33.09
C PHE C 67 43.53 41.42 34.24
N ALA C 68 43.49 42.41 35.10
CA ALA C 68 44.37 42.47 36.25
C ALA C 68 43.62 41.90 37.45
N ASP C 69 42.31 42.11 37.44
CA ASP C 69 41.41 41.73 38.50
C ASP C 69 40.49 40.56 38.10
N VAL C 70 40.25 39.62 39.01
CA VAL C 70 39.36 38.51 38.68
C VAL C 70 37.91 38.99 38.62
N ASP C 71 37.56 39.98 39.43
CA ASP C 71 36.18 40.45 39.38
C ASP C 71 35.87 41.18 38.09
N GLU C 72 36.87 41.86 37.54
CA GLU C 72 36.73 42.58 36.27
C GLU C 72 36.45 41.52 35.19
N LEU C 73 37.19 40.43 35.25
CA LEU C 73 37.03 39.36 34.28
C LEU C 73 35.65 38.75 34.33
N LYS C 74 35.19 38.42 35.52
CA LYS C 74 33.87 37.83 35.66
C LYS C 74 32.76 38.74 35.14
N GLU C 75 32.80 40.03 35.44
CA GLU C 75 31.74 40.92 34.93
C GLU C 75 31.82 40.97 33.42
N HIS C 76 33.04 40.94 32.89
CA HIS C 76 33.24 40.95 31.45
C HIS C 76 32.57 39.71 30.82
N LEU C 77 32.69 38.56 31.48
CA LEU C 77 32.10 37.33 30.94
C LEU C 77 30.55 37.40 30.91
N LYS C 78 29.95 37.98 31.92
CA LYS C 78 28.50 38.12 31.95
C LYS C 78 28.05 39.03 30.79
N LYS C 79 28.74 40.15 30.58
CA LYS C 79 28.39 41.05 29.48
C LYS C 79 28.53 40.29 28.17
N ALA C 80 29.58 39.50 28.06
CA ALA C 80 29.84 38.75 26.85
C ALA C 80 28.74 37.72 26.63
N ALA C 81 28.33 37.10 27.73
CA ALA C 81 27.29 36.08 27.64
C ALA C 81 26.01 36.73 27.12
N ASP C 82 25.65 37.87 27.70
CA ASP C 82 24.44 38.56 27.25
C ASP C 82 24.51 38.94 25.76
N PHE C 83 25.63 39.50 25.34
CA PHE C 83 25.82 39.87 23.94
C PHE C 83 25.69 38.69 22.97
N LEU C 84 26.44 37.62 23.23
CA LEU C 84 26.42 36.43 22.37
C LEU C 84 25.03 35.84 22.24
N ALA C 85 24.29 35.80 23.34
CA ALA C 85 22.92 35.24 23.32
C ALA C 85 22.00 36.11 22.46
N SER C 86 22.26 37.42 22.44
CA SER C 86 21.44 38.34 21.65
C SER C 86 21.67 38.22 20.15
N THR C 87 22.77 37.58 19.75
CA THR C 87 23.07 37.47 18.32
C THR C 87 22.00 36.64 17.59
N ARG C 88 21.47 35.64 18.28
CA ARG C 88 20.39 34.78 17.78
C ARG C 88 19.55 34.42 18.99
N PRO C 89 18.73 35.39 19.43
CA PRO C 89 17.80 35.42 20.56
C PRO C 89 16.96 34.17 20.79
N THR C 90 16.56 33.49 19.73
CA THR C 90 15.75 32.27 19.87
C THR C 90 16.50 30.96 19.69
N ALA C 91 17.83 31.01 19.62
CA ALA C 91 18.62 29.78 19.43
C ALA C 91 18.40 28.70 20.48
N VAL C 92 18.34 29.07 21.75
CA VAL C 92 18.14 28.10 22.83
C VAL C 92 19.41 27.29 23.13
N ASN C 93 19.94 26.61 22.11
CA ASN C 93 21.14 25.81 22.32
C ASN C 93 22.39 26.69 22.45
N LEU C 94 22.38 27.81 21.72
CA LEU C 94 23.47 28.77 21.76
C LEU C 94 23.49 29.25 23.20
N PHE C 95 22.30 29.56 23.71
CA PHE C 95 22.11 30.03 25.08
C PHE C 95 22.60 29.02 26.10
N VAL C 96 22.25 27.75 25.90
CA VAL C 96 22.69 26.70 26.82
C VAL C 96 24.21 26.63 26.91
N GLY C 97 24.88 26.66 25.76
CA GLY C 97 26.34 26.61 25.76
C GLY C 97 26.95 27.77 26.56
N ILE C 98 26.42 28.96 26.32
CA ILE C 98 26.88 30.18 27.02
C ILE C 98 26.75 30.00 28.51
N GLU C 99 25.55 29.60 28.93
CA GLU C 99 25.20 29.40 30.33
C GLU C 99 26.11 28.37 31.01
N ARG C 100 26.28 27.22 30.37
CA ARG C 100 27.14 26.18 30.94
C ARG C 100 28.57 26.66 31.13
N ALA C 101 29.11 27.30 30.11
CA ALA C 101 30.47 27.80 30.19
C ALA C 101 30.57 28.93 31.22
N LEU C 102 29.61 29.84 31.24
CA LEU C 102 29.63 30.94 32.21
C LEU C 102 29.61 30.40 33.67
N ASN C 103 28.65 29.54 33.98
CA ASN C 103 28.56 28.97 35.32
C ASN C 103 29.83 28.21 35.74
N ALA C 104 30.43 27.48 34.81
CA ALA C 104 31.67 26.74 35.09
C ALA C 104 32.83 27.72 35.32
N ALA C 105 32.94 28.73 34.45
CA ALA C 105 33.98 29.75 34.58
C ALA C 105 33.90 30.51 35.90
N LEU C 106 32.67 30.79 36.35
CA LEU C 106 32.44 31.56 37.57
C LEU C 106 32.95 30.91 38.85
N LYS C 107 33.17 29.60 38.82
CA LYS C 107 33.68 28.91 39.99
C LYS C 107 35.15 29.24 40.23
N GLY C 108 35.82 29.76 39.20
CA GLY C 108 37.22 30.12 39.32
C GLY C 108 37.43 31.23 40.36
N GLU C 109 38.55 31.21 41.06
CA GLU C 109 38.79 32.23 42.08
C GLU C 109 39.94 33.15 41.69
N SER C 110 40.48 32.97 40.50
CA SER C 110 41.57 33.80 40.01
C SER C 110 41.42 33.94 38.49
N VAL C 111 42.06 34.95 37.89
CA VAL C 111 41.98 35.17 36.46
C VAL C 111 42.40 33.91 35.71
N GLU C 112 43.48 33.31 36.17
CA GLU C 112 44.00 32.10 35.55
C GLU C 112 42.97 30.97 35.61
N GLU C 113 42.42 30.71 36.79
CA GLU C 113 41.41 29.66 36.96
C GLU C 113 40.16 29.90 36.12
N VAL C 114 39.61 31.12 36.18
CA VAL C 114 38.42 31.46 35.39
C VAL C 114 38.69 31.12 33.92
N LYS C 115 39.83 31.57 33.40
CA LYS C 115 40.20 31.31 32.02
C LYS C 115 40.31 29.82 31.69
N GLU C 116 40.86 29.02 32.61
CA GLU C 116 41.01 27.60 32.34
C GLU C 116 39.67 26.86 32.46
N LEU C 117 38.85 27.23 33.45
CA LEU C 117 37.56 26.57 33.62
C LEU C 117 36.60 26.85 32.46
N ALA C 118 36.67 28.05 31.89
CA ALA C 118 35.80 28.41 30.77
C ALA C 118 36.14 27.54 29.56
N LEU C 119 37.43 27.42 29.26
CA LEU C 119 37.84 26.63 28.11
C LEU C 119 37.64 25.14 28.36
N ARG C 120 37.91 24.69 29.58
CA ARG C 120 37.70 23.29 29.94
C ARG C 120 36.26 22.89 29.69
N GLU C 121 35.30 23.69 30.15
CA GLU C 121 33.86 23.41 29.94
C GLU C 121 33.51 23.43 28.44
N ALA C 122 34.03 24.38 27.69
CA ALA C 122 33.74 24.43 26.23
C ALA C 122 34.24 23.16 25.56
N GLU C 123 35.48 22.78 25.85
CA GLU C 123 36.08 21.59 25.29
C GLU C 123 35.31 20.33 25.70
N LYS C 124 34.82 20.31 26.93
CA LYS C 124 34.04 19.17 27.42
C LYS C 124 32.74 19.03 26.63
N LEU C 125 32.04 20.15 26.42
CA LEU C 125 30.79 20.08 25.70
C LEU C 125 30.97 19.64 24.26
N ALA C 126 32.03 20.14 23.62
CA ALA C 126 32.32 19.81 22.23
C ALA C 126 32.66 18.32 22.14
N GLU C 127 33.39 17.87 23.15
CA GLU C 127 33.81 16.48 23.28
C GLU C 127 32.63 15.53 23.44
N GLU C 128 31.70 15.90 24.30
CA GLU C 128 30.53 15.06 24.52
C GLU C 128 29.70 14.91 23.25
N ASP C 129 29.68 15.95 22.42
CA ASP C 129 28.94 15.86 21.17
C ASP C 129 29.61 14.85 20.25
N VAL C 130 30.93 14.94 20.11
CA VAL C 130 31.63 13.99 19.25
C VAL C 130 31.42 12.54 19.72
N GLU C 131 31.48 12.31 21.04
CA GLU C 131 31.33 10.94 21.58
C GLU C 131 29.93 10.39 21.35
N ARG C 132 28.96 11.27 21.54
CA ARG C 132 27.55 10.96 21.35
C ARG C 132 27.36 10.48 19.89
N ASN C 133 27.90 11.26 18.97
CA ASN C 133 27.77 10.95 17.57
C ASN C 133 28.52 9.70 17.19
N ARG C 134 29.69 9.49 17.77
CA ARG C 134 30.43 8.28 17.48
C ARG C 134 29.76 7.03 18.05
N LYS C 135 29.20 7.14 19.26
CA LYS C 135 28.50 6.02 19.87
C LYS C 135 27.29 5.67 19.03
N MET C 136 26.50 6.68 18.68
CA MET C 136 25.33 6.49 17.85
C MET C 136 25.75 5.88 16.49
N GLY C 137 26.87 6.35 15.96
CA GLY C 137 27.33 5.84 14.69
C GLY C 137 27.67 4.36 14.72
N GLU C 138 28.30 3.92 15.82
CA GLU C 138 28.68 2.52 15.98
C GLU C 138 27.43 1.65 16.12
N TYR C 139 26.45 2.08 16.90
CA TYR C 139 25.22 1.30 17.04
C TYR C 139 24.54 1.16 15.68
N GLY C 140 24.47 2.26 14.94
CA GLY C 140 23.82 2.20 13.65
C GLY C 140 24.62 1.51 12.57
N ALA C 141 25.95 1.55 12.67
CA ALA C 141 26.76 0.89 11.63
C ALA C 141 26.45 -0.60 11.58
N GLU C 142 25.97 -1.15 12.69
CA GLU C 142 25.62 -2.57 12.70
C GLU C 142 24.44 -2.85 11.75
N LEU C 143 23.66 -1.81 11.41
CA LEU C 143 22.52 -2.01 10.51
C LEU C 143 22.94 -1.90 9.05
N LEU C 144 24.24 -1.65 8.80
CA LEU C 144 24.72 -1.52 7.43
C LEU C 144 25.68 -2.65 7.06
N GLU C 145 25.63 -3.06 5.79
CA GLU C 145 26.47 -4.15 5.29
C GLU C 145 27.38 -3.60 4.21
N ASP C 146 28.53 -4.25 4.01
CA ASP C 146 29.50 -3.88 2.98
C ASP C 146 28.75 -3.89 1.64
N GLY C 147 28.95 -2.87 0.82
CA GLY C 147 28.26 -2.80 -0.45
C GLY C 147 26.94 -2.03 -0.45
N ASP C 148 26.48 -1.63 0.71
CA ASP C 148 25.22 -0.91 0.80
C ASP C 148 25.26 0.48 0.19
N VAL C 149 24.13 0.86 -0.41
CA VAL C 149 23.97 2.20 -0.94
C VAL C 149 22.95 2.83 0.00
N VAL C 150 23.35 3.91 0.66
CA VAL C 150 22.44 4.56 1.59
C VAL C 150 21.90 5.87 1.01
N LEU C 151 20.58 6.06 1.06
CA LEU C 151 19.98 7.31 0.60
C LEU C 151 19.78 8.19 1.83
N THR C 152 20.09 9.48 1.71
CA THR C 152 19.92 10.37 2.85
C THR C 152 19.20 11.65 2.41
N TYR C 153 18.85 12.50 3.38
CA TYR C 153 18.12 13.74 3.11
C TYR C 153 18.73 14.87 3.93
N CYS C 154 18.59 16.09 3.43
CA CYS C 154 19.16 17.27 4.09
C CYS C 154 20.65 17.07 4.42
N ASN C 155 21.07 17.41 5.64
CA ASN C 155 22.49 17.32 5.99
C ASN C 155 22.79 17.06 7.46
N ALA C 156 22.60 15.82 7.90
CA ALA C 156 22.85 15.47 9.28
C ALA C 156 24.27 14.91 9.37
N GLY C 157 25.24 15.80 9.15
CA GLY C 157 26.64 15.41 9.14
C GLY C 157 27.56 16.13 10.11
N ARG C 158 28.84 16.20 9.76
CA ARG C 158 29.83 16.80 10.65
C ARG C 158 29.88 18.33 10.67
N LEU C 159 29.14 18.98 9.79
CA LEU C 159 29.13 20.44 9.73
C LEU C 159 28.09 20.97 10.73
N ALA C 160 26.96 20.26 10.80
CA ALA C 160 25.87 20.62 11.69
C ALA C 160 26.10 20.18 13.14
N THR C 161 27.14 19.40 13.38
CA THR C 161 27.44 18.97 14.73
C THR C 161 28.89 19.35 14.90
N VAL C 162 29.49 19.03 16.05
CA VAL C 162 30.90 19.34 16.26
C VAL C 162 31.74 18.47 15.36
N ASP C 163 31.38 17.19 15.27
CA ASP C 163 32.07 16.24 14.40
C ASP C 163 31.24 14.96 14.23
N TRP C 164 31.60 14.22 13.20
CA TRP C 164 31.00 12.92 12.84
C TRP C 164 29.60 12.95 12.24
N GLY C 165 28.64 13.52 12.97
CA GLY C 165 27.28 13.63 12.47
C GLY C 165 26.38 12.53 13.02
N THR C 166 25.09 12.62 12.72
CA THR C 166 24.14 11.63 13.18
C THR C 166 23.93 10.65 12.03
N ALA C 167 23.07 10.97 11.07
CA ALA C 167 22.84 10.05 9.93
C ALA C 167 24.12 9.76 9.17
N LEU C 168 24.89 10.80 8.86
CA LEU C 168 26.13 10.58 8.13
C LEU C 168 27.19 9.99 9.08
N GLY C 169 26.96 10.13 10.38
CA GLY C 169 27.87 9.54 11.36
C GLY C 169 27.75 8.01 11.26
N VAL C 170 26.53 7.51 11.03
CA VAL C 170 26.35 6.07 10.88
C VAL C 170 27.13 5.60 9.64
N VAL C 171 27.03 6.35 8.54
CA VAL C 171 27.80 5.99 7.34
C VAL C 171 29.31 6.02 7.62
N ARG C 172 29.80 7.07 8.25
CA ARG C 172 31.24 7.15 8.57
C ARG C 172 31.70 5.98 9.44
N SER C 173 30.87 5.60 10.40
CA SER C 173 31.23 4.51 11.30
C SER C 173 31.30 3.19 10.55
N ALA C 174 30.37 2.95 9.62
CA ALA C 174 30.41 1.69 8.84
C ALA C 174 31.65 1.67 7.97
N VAL C 175 31.94 2.80 7.33
CA VAL C 175 33.11 2.89 6.46
C VAL C 175 34.36 2.62 7.31
N GLU C 176 34.34 3.15 8.52
CA GLU C 176 35.44 2.98 9.45
C GLU C 176 35.67 1.50 9.79
N GLN C 177 34.59 0.71 9.82
CA GLN C 177 34.69 -0.73 10.10
C GLN C 177 35.21 -1.42 8.85
N GLY C 178 35.47 -0.68 7.79
CA GLY C 178 35.95 -1.29 6.57
C GLY C 178 34.87 -1.69 5.57
N LYS C 179 33.61 -1.34 5.83
CA LYS C 179 32.51 -1.66 4.92
C LYS C 179 32.48 -0.61 3.79
N GLU C 180 32.26 -1.05 2.56
CA GLU C 180 32.19 -0.10 1.45
C GLU C 180 30.77 0.45 1.47
N ILE C 181 30.62 1.76 1.59
CA ILE C 181 29.28 2.35 1.62
C ILE C 181 29.25 3.52 0.67
N ARG C 182 28.24 3.52 -0.19
CA ARG C 182 28.04 4.56 -1.17
C ARG C 182 26.79 5.32 -0.74
N VAL C 183 26.76 6.63 -0.98
CA VAL C 183 25.61 7.44 -0.60
C VAL C 183 24.91 8.12 -1.78
N ILE C 184 23.59 8.20 -1.71
CA ILE C 184 22.82 8.93 -2.71
C ILE C 184 22.27 10.08 -1.89
N ALA C 185 22.59 11.31 -2.26
CA ALA C 185 22.10 12.46 -1.50
C ALA C 185 21.09 13.31 -2.27
N CYS C 186 19.95 13.60 -1.65
CA CYS C 186 18.91 14.43 -2.30
C CYS C 186 19.36 15.89 -2.08
N GLU C 187 19.28 16.73 -3.13
CA GLU C 187 19.74 18.12 -3.01
C GLU C 187 19.09 18.87 -1.86
N THR C 188 17.84 18.52 -1.56
CA THR C 188 17.07 19.10 -0.44
C THR C 188 16.65 20.58 -0.61
N ARG C 189 15.63 20.80 -1.43
CA ARG C 189 15.12 22.14 -1.69
C ARG C 189 14.34 22.57 -0.44
N PRO C 190 14.15 23.87 -0.25
CA PRO C 190 14.62 24.95 -1.12
C PRO C 190 15.99 25.55 -0.83
N LEU C 191 16.63 25.16 0.27
CA LEU C 191 17.95 25.69 0.63
C LEU C 191 19.13 24.90 0.12
N ASN C 192 18.87 23.69 -0.39
CA ASN C 192 19.92 22.84 -0.95
C ASN C 192 21.01 22.39 0.00
N GLN C 193 20.63 22.02 1.22
CA GLN C 193 21.61 21.56 2.20
C GLN C 193 22.25 20.26 1.69
N GLY C 194 21.50 19.46 0.94
CA GLY C 194 22.09 18.23 0.46
C GLY C 194 23.21 18.45 -0.53
N SER C 195 22.94 19.35 -1.47
CA SER C 195 23.86 19.75 -2.55
C SER C 195 25.11 20.45 -2.01
N ARG C 196 24.87 21.49 -1.23
CA ARG C 196 25.98 22.29 -0.70
C ARG C 196 26.81 21.67 0.41
N LEU C 197 26.15 21.01 1.36
CA LEU C 197 26.86 20.47 2.52
C LEU C 197 27.13 18.94 2.51
N THR C 198 26.07 18.15 2.32
CA THR C 198 26.26 16.68 2.33
C THR C 198 27.29 16.20 1.28
N CYS C 199 27.10 16.60 0.03
CA CYS C 199 28.04 16.18 -1.00
C CYS C 199 29.43 16.71 -0.70
N TRP C 200 29.51 17.92 -0.20
CA TRP C 200 30.82 18.45 0.14
C TRP C 200 31.50 17.64 1.24
N GLU C 201 30.83 17.41 2.35
CA GLU C 201 31.53 16.70 3.41
C GLU C 201 31.81 15.23 3.13
N LEU C 202 30.93 14.56 2.38
CA LEU C 202 31.17 13.17 2.05
C LEU C 202 32.33 13.07 1.06
N MET C 203 32.37 13.98 0.09
CA MET C 203 33.46 13.97 -0.88
C MET C 203 34.81 14.30 -0.20
N GLU C 204 34.79 15.25 0.71
CA GLU C 204 36.00 15.61 1.44
C GLU C 204 36.57 14.40 2.21
N ASP C 205 35.69 13.54 2.70
CA ASP C 205 36.10 12.39 3.47
C ASP C 205 36.31 11.12 2.64
N GLY C 206 36.29 11.27 1.32
CA GLY C 206 36.50 10.13 0.44
C GLY C 206 35.36 9.13 0.38
N ILE C 207 34.14 9.54 0.72
CA ILE C 207 33.00 8.65 0.67
C ILE C 207 32.23 8.92 -0.63
N ASP C 208 31.98 7.87 -1.42
CA ASP C 208 31.25 8.04 -2.67
C ASP C 208 29.85 8.58 -2.44
N VAL C 209 29.47 9.57 -3.24
CA VAL C 209 28.16 10.17 -3.14
C VAL C 209 27.65 10.62 -4.51
N THR C 210 26.39 10.34 -4.77
CA THR C 210 25.77 10.74 -6.02
C THR C 210 24.64 11.69 -5.68
N LEU C 211 24.60 12.81 -6.38
CA LEU C 211 23.60 13.85 -6.14
C LEU C 211 22.38 13.66 -7.00
N ILE C 212 21.19 13.73 -6.39
CA ILE C 212 19.97 13.65 -7.14
C ILE C 212 19.01 14.74 -6.64
N THR C 213 17.97 14.95 -7.43
CA THR C 213 16.90 15.87 -7.15
C THR C 213 16.06 15.14 -6.06
N ASP C 214 15.30 15.88 -5.26
CA ASP C 214 14.46 15.28 -4.22
C ASP C 214 13.40 14.39 -4.86
N SER C 215 12.85 14.83 -5.97
CA SER C 215 11.79 14.08 -6.67
C SER C 215 12.29 12.76 -7.22
N MET C 216 13.60 12.61 -7.31
CA MET C 216 14.18 11.40 -7.83
C MET C 216 14.18 10.24 -6.85
N VAL C 217 13.71 10.42 -5.61
CA VAL C 217 13.72 9.28 -4.70
C VAL C 217 12.87 8.18 -5.29
N GLY C 218 11.87 8.54 -6.08
CA GLY C 218 11.03 7.49 -6.63
C GLY C 218 11.73 6.55 -7.60
N ILE C 219 12.31 7.14 -8.65
CA ILE C 219 12.95 6.32 -9.66
C ILE C 219 14.13 5.52 -9.13
N VAL C 220 14.85 6.14 -8.21
CA VAL C 220 16.00 5.54 -7.61
C VAL C 220 15.57 4.27 -6.81
N MET C 221 14.45 4.32 -6.12
CA MET C 221 14.02 3.12 -5.41
C MET C 221 13.35 2.14 -6.40
N GLN C 222 12.70 2.66 -7.42
CA GLN C 222 12.10 1.80 -8.43
C GLN C 222 13.18 0.93 -9.03
N LYS C 223 14.34 1.53 -9.27
CA LYS C 223 15.46 0.83 -9.90
C LYS C 223 16.31 0.01 -8.94
N GLY C 224 15.88 -0.10 -7.69
CA GLY C 224 16.63 -0.88 -6.73
C GLY C 224 18.01 -0.33 -6.44
N MET C 225 18.21 0.97 -6.62
CA MET C 225 19.53 1.55 -6.36
C MET C 225 19.84 1.80 -4.88
N VAL C 226 18.81 1.76 -4.03
CA VAL C 226 18.96 2.04 -2.61
C VAL C 226 18.74 0.83 -1.70
N ASP C 227 19.67 0.62 -0.78
CA ASP C 227 19.57 -0.48 0.17
C ASP C 227 18.91 -0.04 1.49
N LYS C 228 19.30 1.14 1.95
CA LYS C 228 18.78 1.67 3.21
C LYS C 228 18.64 3.19 3.12
N VAL C 229 17.75 3.73 3.94
CA VAL C 229 17.59 5.19 4.04
C VAL C 229 17.94 5.59 5.47
N ILE C 230 18.77 6.62 5.66
CA ILE C 230 19.10 7.11 7.00
C ILE C 230 19.01 8.66 6.99
N VAL C 231 18.19 9.22 7.86
CA VAL C 231 18.03 10.66 7.92
C VAL C 231 18.21 11.02 9.37
N GLY C 232 18.29 12.33 9.63
CA GLY C 232 18.42 12.81 10.99
C GLY C 232 17.03 13.21 11.48
N ALA C 233 16.98 14.02 12.54
CA ALA C 233 15.70 14.49 13.09
C ALA C 233 15.91 15.82 13.77
N ASP C 234 14.85 16.64 13.80
CA ASP C 234 14.92 17.89 14.52
C ASP C 234 14.20 17.73 15.84
N ARG C 235 13.16 16.92 15.83
CA ARG C 235 12.38 16.66 17.04
C ARG C 235 11.62 15.38 16.88
N ILE C 236 11.66 14.52 17.90
CA ILE C 236 10.94 13.26 17.84
C ILE C 236 9.88 13.22 18.94
N VAL C 237 8.62 13.22 18.54
CA VAL C 237 7.54 13.15 19.50
C VAL C 237 7.00 11.74 19.54
N ARG C 238 6.03 11.50 20.40
CA ARG C 238 5.51 10.16 20.57
C ARG C 238 4.98 9.48 19.34
N ASP C 239 4.49 10.25 18.38
CA ASP C 239 3.95 9.64 17.18
C ASP C 239 4.62 10.05 15.86
N ALA C 240 5.64 10.89 15.93
CA ALA C 240 6.27 11.35 14.69
C ALA C 240 7.66 11.88 14.83
N VAL C 241 8.34 11.90 13.68
CA VAL C 241 9.68 12.43 13.56
C VAL C 241 9.57 13.70 12.71
N PHE C 242 9.96 14.83 13.29
CA PHE C 242 9.95 16.09 12.56
C PHE C 242 11.36 16.27 12.07
N ASN C 243 11.50 16.49 10.77
CA ASN C 243 12.80 16.69 10.14
C ASN C 243 12.58 17.60 8.93
N LYS C 244 13.68 18.03 8.32
CA LYS C 244 13.61 18.91 7.14
C LYS C 244 12.50 18.52 6.16
N ILE C 245 11.70 19.51 5.78
CA ILE C 245 10.60 19.31 4.82
C ILE C 245 11.02 18.38 3.68
N GLY C 246 10.16 17.42 3.35
CA GLY C 246 10.49 16.45 2.31
C GLY C 246 10.86 15.07 2.86
N THR C 247 11.20 15.02 4.14
CA THR C 247 11.56 13.74 4.77
C THR C 247 10.38 12.75 4.75
N TYR C 248 9.18 13.26 5.03
CA TYR C 248 7.99 12.40 5.03
C TYR C 248 7.77 11.76 3.64
N THR C 249 7.91 12.54 2.59
CA THR C 249 7.76 12.04 1.23
C THR C 249 8.69 10.85 1.00
N VAL C 250 9.94 11.01 1.40
CA VAL C 250 10.93 9.95 1.25
C VAL C 250 10.47 8.73 2.05
N SER C 251 9.94 8.96 3.25
CA SER C 251 9.46 7.85 4.06
C SER C 251 8.32 7.08 3.39
N VAL C 252 7.47 7.77 2.64
CA VAL C 252 6.35 7.09 1.96
C VAL C 252 6.85 6.20 0.79
N VAL C 253 7.80 6.70 0.00
CA VAL C 253 8.33 5.90 -1.12
C VAL C 253 9.13 4.72 -0.55
N ALA C 254 9.94 4.98 0.47
CA ALA C 254 10.73 3.91 1.07
C ALA C 254 9.82 2.78 1.58
N LYS C 255 8.75 3.15 2.29
CA LYS C 255 7.82 2.18 2.84
C LYS C 255 7.19 1.33 1.72
N HIS C 256 6.76 2.01 0.69
CA HIS C 256 6.13 1.30 -0.40
C HIS C 256 7.11 0.32 -1.06
N HIS C 257 8.40 0.63 -1.08
CA HIS C 257 9.36 -0.25 -1.69
C HIS C 257 10.07 -1.17 -0.68
N ASN C 258 9.54 -1.23 0.54
CA ASN C 258 10.13 -2.07 1.57
C ASN C 258 11.63 -1.79 1.81
N ILE C 259 12.00 -0.51 1.81
CA ILE C 259 13.38 -0.14 2.10
C ILE C 259 13.46 0.34 3.56
N PRO C 260 14.39 -0.23 4.34
CA PRO C 260 14.53 0.20 5.74
C PRO C 260 14.71 1.70 5.79
N PHE C 261 13.97 2.36 6.67
CA PHE C 261 14.07 3.80 6.82
C PHE C 261 14.47 4.03 8.28
N TYR C 262 15.69 4.49 8.47
CA TYR C 262 16.23 4.75 9.81
C TYR C 262 16.37 6.24 10.10
N VAL C 263 16.13 6.60 11.34
CA VAL C 263 16.26 7.98 11.79
C VAL C 263 17.32 7.96 12.89
N ALA C 264 18.40 8.74 12.72
CA ALA C 264 19.46 8.82 13.71
C ALA C 264 19.35 10.14 14.44
N ALA C 265 19.26 10.08 15.77
CA ALA C 265 19.11 11.28 16.59
C ALA C 265 19.44 10.99 18.04
N PRO C 266 20.05 11.98 18.73
CA PRO C 266 20.41 11.78 20.14
C PRO C 266 19.18 11.84 21.06
N LYS C 267 19.35 11.39 22.29
CA LYS C 267 18.27 11.40 23.26
C LYS C 267 17.64 12.78 23.44
N ALA C 268 18.47 13.80 23.38
CA ALA C 268 17.98 15.17 23.55
C ALA C 268 16.97 15.63 22.50
N THR C 269 16.95 14.98 21.35
CA THR C 269 16.03 15.39 20.28
C THR C 269 14.63 14.86 20.53
N PHE C 270 14.48 13.89 21.42
CA PHE C 270 13.16 13.34 21.75
C PHE C 270 12.45 14.33 22.69
N ASP C 271 11.13 14.45 22.51
CA ASP C 271 10.26 15.32 23.27
C ASP C 271 9.04 14.43 23.49
N TRP C 272 9.23 13.37 24.30
CA TRP C 272 8.21 12.38 24.58
C TRP C 272 6.99 12.87 25.35
N GLU C 273 7.05 14.07 25.88
CA GLU C 273 5.92 14.62 26.60
C GLU C 273 4.91 15.16 25.58
N ARG C 274 5.25 15.10 24.28
CA ARG C 274 4.35 15.62 23.25
C ARG C 274 3.96 14.67 22.12
N THR C 275 2.96 15.10 21.35
CA THR C 275 2.46 14.35 20.21
C THR C 275 2.56 15.32 19.02
N ALA C 276 2.42 14.81 17.79
CA ALA C 276 2.54 15.68 16.61
C ALA C 276 1.55 16.85 16.66
N LYS C 277 0.33 16.58 17.12
CA LYS C 277 -0.72 17.60 17.25
C LYS C 277 -0.23 18.87 17.96
N ASP C 278 0.71 18.70 18.88
CA ASP C 278 1.26 19.80 19.67
C ASP C 278 2.35 20.61 19.01
N VAL C 279 2.74 20.23 17.80
CA VAL C 279 3.84 20.95 17.16
C VAL C 279 3.37 21.88 16.06
N VAL C 280 3.90 23.11 16.07
CA VAL C 280 3.54 24.07 15.04
C VAL C 280 4.65 24.12 14.00
N ILE C 281 4.34 23.83 12.76
CA ILE C 281 5.39 23.93 11.75
C ILE C 281 5.41 25.35 11.18
N GLU C 282 6.56 26.00 11.33
CA GLU C 282 6.74 27.36 10.85
C GLU C 282 7.03 27.45 9.37
N GLU C 283 6.59 28.55 8.78
CA GLU C 283 6.80 28.82 7.37
C GLU C 283 8.16 29.51 7.23
N ARG C 284 8.90 29.17 6.19
CA ARG C 284 10.19 29.81 5.92
C ARG C 284 9.93 30.88 4.85
N PRO C 285 10.87 31.82 4.66
CA PRO C 285 10.74 32.91 3.68
C PRO C 285 10.32 32.49 2.27
N ARG C 286 9.28 33.14 1.75
CA ARG C 286 8.76 32.83 0.41
C ARG C 286 9.79 33.03 -0.70
N GLU C 287 10.74 33.96 -0.50
CA GLU C 287 11.76 34.21 -1.50
C GLU C 287 12.63 32.99 -1.81
N GLU C 288 12.66 32.04 -0.89
CA GLU C 288 13.46 30.83 -1.07
C GLU C 288 12.98 30.02 -2.28
N LEU C 289 11.75 30.28 -2.70
CA LEU C 289 11.17 29.59 -3.86
C LEU C 289 11.01 30.47 -5.08
N ILE C 290 11.25 31.77 -4.92
CA ILE C 290 11.09 32.73 -6.01
C ILE C 290 12.37 33.05 -6.76
N PHE C 291 13.49 32.99 -6.06
CA PHE C 291 14.80 33.24 -6.65
C PHE C 291 15.76 32.15 -6.25
N CYS C 292 16.75 31.92 -7.11
CA CYS C 292 17.82 30.97 -6.83
C CYS C 292 19.03 31.75 -7.32
N GLY C 293 19.88 32.17 -6.38
CA GLY C 293 21.01 32.98 -6.78
C GLY C 293 20.32 34.32 -7.03
N LYS C 294 20.55 34.92 -8.18
CA LYS C 294 19.88 36.18 -8.49
C LYS C 294 18.93 35.99 -9.68
N ARG C 295 18.68 34.73 -10.02
CA ARG C 295 17.78 34.39 -11.12
C ARG C 295 16.37 34.15 -10.58
N GLN C 296 15.41 34.79 -11.22
CA GLN C 296 14.02 34.67 -10.83
C GLN C 296 13.52 33.36 -11.39
N ILE C 297 13.02 32.49 -10.53
CA ILE C 297 12.50 31.19 -10.97
C ILE C 297 10.99 31.08 -10.80
N ALA C 298 10.36 32.13 -10.28
CA ALA C 298 8.91 32.16 -10.08
C ALA C 298 8.35 33.58 -10.27
N PRO C 299 7.03 33.74 -10.51
CA PRO C 299 6.59 35.13 -10.65
C PRO C 299 6.81 35.76 -9.26
N LEU C 300 7.20 37.03 -9.26
CA LEU C 300 7.49 37.75 -8.01
C LEU C 300 6.36 37.72 -6.99
N ASN C 301 5.11 37.71 -7.43
CA ASN C 301 4.01 37.71 -6.46
C ASN C 301 3.27 36.39 -6.29
N VAL C 302 3.87 35.28 -6.71
CA VAL C 302 3.18 34.01 -6.58
C VAL C 302 2.98 33.66 -5.11
N LYS C 303 1.88 32.97 -4.82
CA LYS C 303 1.61 32.55 -3.46
C LYS C 303 2.54 31.34 -3.23
N VAL C 304 3.14 31.28 -2.05
CA VAL C 304 4.09 30.22 -1.70
C VAL C 304 3.72 29.51 -0.39
N TYR C 305 3.90 28.19 -0.37
CA TYR C 305 3.71 27.43 0.84
C TYR C 305 5.12 26.87 1.07
N ASN C 306 5.75 27.26 2.17
CA ASN C 306 7.14 26.88 2.46
C ASN C 306 7.42 26.39 3.89
N PRO C 307 6.78 25.29 4.30
CA PRO C 307 7.00 24.78 5.65
C PRO C 307 8.45 24.34 5.87
N ALA C 308 8.96 24.56 7.08
CA ALA C 308 10.34 24.22 7.37
C ALA C 308 10.52 22.71 7.62
N PHE C 309 9.47 22.05 8.08
CA PHE C 309 9.55 20.61 8.38
C PHE C 309 8.26 19.91 8.04
N ASP C 310 8.30 18.58 8.10
CA ASP C 310 7.11 17.77 7.96
C ASP C 310 7.17 16.65 8.98
N PRO C 311 6.02 16.05 9.30
CA PRO C 311 6.09 14.95 10.28
C PRO C 311 6.05 13.57 9.61
N THR C 312 7.00 12.72 10.00
CA THR C 312 7.02 11.36 9.47
C THR C 312 6.48 10.46 10.57
N PRO C 313 5.35 9.81 10.33
CA PRO C 313 4.80 8.94 11.39
C PRO C 313 5.81 7.85 11.77
N LEU C 314 5.84 7.50 13.05
CA LEU C 314 6.76 6.47 13.53
C LEU C 314 6.54 5.14 12.83
N GLU C 315 5.34 4.97 12.31
CA GLU C 315 4.90 3.81 11.55
C GLU C 315 5.76 3.67 10.28
N ASN C 316 6.36 4.77 9.86
CA ASN C 316 7.20 4.78 8.65
C ASN C 316 8.67 4.70 9.00
N VAL C 317 8.98 4.51 10.28
CA VAL C 317 10.36 4.45 10.70
C VAL C 317 10.68 3.02 11.18
N THR C 318 11.65 2.41 10.52
CA THR C 318 12.05 1.02 10.81
C THR C 318 12.68 0.90 12.19
N ALA C 319 13.57 1.84 12.50
CA ALA C 319 14.22 1.91 13.81
C ALA C 319 14.84 3.28 14.06
N LEU C 320 15.07 3.57 15.33
CA LEU C 320 15.68 4.82 15.77
C LEU C 320 17.09 4.46 16.20
N ILE C 321 18.06 5.22 15.69
CA ILE C 321 19.49 5.02 16.02
C ILE C 321 19.85 6.17 16.95
N THR C 322 20.19 5.83 18.20
CA THR C 322 20.51 6.83 19.22
C THR C 322 21.85 6.48 19.88
N GLU C 323 22.38 7.38 20.71
CA GLU C 323 23.64 7.07 21.39
C GLU C 323 23.42 6.03 22.48
N TYR C 324 22.17 5.61 22.67
CA TYR C 324 21.88 4.59 23.70
C TYR C 324 21.67 3.22 23.03
N GLY C 325 21.64 3.21 21.70
CA GLY C 325 21.43 1.99 20.95
C GLY C 325 20.33 2.17 19.90
N VAL C 326 20.11 1.11 19.11
CA VAL C 326 19.08 1.08 18.09
C VAL C 326 17.78 0.71 18.78
N ILE C 327 16.73 1.47 18.54
CA ILE C 327 15.46 1.20 19.19
C ILE C 327 14.44 0.71 18.17
N TYR C 328 13.83 -0.45 18.41
CA TYR C 328 12.79 -0.97 17.52
C TYR C 328 11.40 -0.88 18.12
N PRO C 329 10.35 -1.05 17.28
CA PRO C 329 8.98 -0.99 17.81
C PRO C 329 8.85 -2.19 18.76
N PRO C 330 7.90 -2.13 19.69
CA PRO C 330 6.97 -1.01 19.90
C PRO C 330 7.66 0.18 20.58
N TYR C 331 7.64 1.32 19.91
CA TYR C 331 8.29 2.52 20.42
C TYR C 331 7.74 3.00 21.76
N GLU C 332 6.43 2.91 21.97
CA GLU C 332 5.89 3.41 23.22
C GLU C 332 6.46 2.71 24.45
N VAL C 333 7.04 1.52 24.26
CA VAL C 333 7.65 0.76 25.33
C VAL C 333 9.17 0.94 25.26
N ASN C 334 9.72 0.69 24.08
CA ASN C 334 11.17 0.74 23.90
C ASN C 334 11.84 2.09 23.96
N VAL C 335 11.20 3.15 23.50
CA VAL C 335 11.85 4.45 23.59
C VAL C 335 12.11 4.79 25.09
N PRO C 336 11.07 4.78 25.93
CA PRO C 336 11.33 5.11 27.34
C PRO C 336 12.34 4.17 27.99
N LYS C 337 12.36 2.91 27.58
CA LYS C 337 13.31 2.02 28.22
C LYS C 337 14.76 2.17 27.74
N VAL C 338 14.99 2.29 26.45
CA VAL C 338 16.37 2.41 25.98
C VAL C 338 16.99 3.77 26.30
N LEU C 339 16.18 4.82 26.33
CA LEU C 339 16.69 6.16 26.61
C LEU C 339 16.77 6.42 28.13
N LYS C 340 16.34 5.43 28.92
CA LYS C 340 16.38 5.53 30.38
C LYS C 340 15.54 6.71 30.85
N PHE C 341 14.38 6.92 30.26
CA PHE C 341 13.53 7.99 30.71
C PHE C 341 13.30 7.65 32.16
N SER D 2 -3.67 34.03 -23.33
CA SER D 2 -4.61 34.40 -24.44
C SER D 2 -3.96 34.37 -25.82
N LEU D 3 -2.64 34.50 -25.84
CA LEU D 3 -1.88 34.40 -27.08
C LEU D 3 -1.59 32.90 -27.23
N ARG D 4 -1.53 32.39 -28.47
CA ARG D 4 -1.16 30.99 -28.66
C ARG D 4 0.35 31.01 -28.39
N SER D 5 0.97 29.85 -28.13
CA SER D 5 2.41 29.79 -27.82
C SER D 5 3.30 29.93 -29.06
N ILE D 6 2.76 29.54 -30.21
CA ILE D 6 3.42 29.64 -31.49
C ILE D 6 2.29 29.83 -32.50
N PHE D 7 2.42 30.84 -33.35
CA PHE D 7 1.35 31.12 -34.32
C PHE D 7 1.86 31.97 -35.48
N TRP D 8 0.93 32.27 -36.39
CA TRP D 8 1.28 33.07 -37.54
C TRP D 8 0.41 34.31 -37.66
N ASP D 9 1.03 35.48 -37.62
CA ASP D 9 0.32 36.75 -37.80
C ASP D 9 1.24 37.61 -38.64
N ASP D 10 1.01 37.63 -39.95
CA ASP D 10 1.86 38.38 -40.88
C ASP D 10 3.30 37.99 -40.52
N GLY D 11 3.51 36.69 -40.26
CA GLY D 11 4.82 36.18 -39.90
C GLY D 11 4.74 35.15 -38.76
N LEU D 12 5.80 34.37 -38.57
CA LEU D 12 5.86 33.33 -37.53
C LEU D 12 6.23 33.89 -36.16
N LYS D 13 5.34 33.74 -35.18
CA LYS D 13 5.62 34.24 -33.84
C LYS D 13 5.61 33.14 -32.78
N LEU D 14 6.42 33.35 -31.73
CA LEU D 14 6.61 32.42 -30.60
C LEU D 14 6.74 33.14 -29.28
N ILE D 15 6.06 32.67 -28.25
CA ILE D 15 6.25 33.28 -26.94
C ILE D 15 7.64 32.76 -26.57
N ASP D 16 8.54 33.64 -26.17
CA ASP D 16 9.88 33.17 -25.80
C ASP D 16 9.85 32.69 -24.36
N GLN D 17 9.75 31.38 -24.20
CA GLN D 17 9.69 30.82 -22.85
C GLN D 17 10.93 31.03 -21.99
N THR D 18 12.08 31.27 -22.60
CA THR D 18 13.32 31.46 -21.83
C THR D 18 13.30 32.75 -21.01
N LYS D 19 12.37 33.65 -21.33
CA LYS D 19 12.26 34.94 -20.63
C LYS D 19 11.28 34.91 -19.49
N LEU D 20 10.45 33.87 -19.45
CA LEU D 20 9.47 33.73 -18.37
C LEU D 20 10.24 33.28 -17.13
N PRO D 21 9.71 33.55 -15.94
CA PRO D 21 8.46 34.25 -15.62
C PRO D 21 8.62 35.79 -15.55
N GLU D 22 9.87 36.25 -15.61
CA GLU D 22 10.16 37.68 -15.50
C GLU D 22 9.50 38.56 -16.56
N LYS D 23 9.51 38.15 -17.81
CA LYS D 23 8.85 38.98 -18.81
C LYS D 23 8.31 38.17 -19.97
N LEU D 24 7.22 38.67 -20.53
CA LEU D 24 6.56 38.03 -21.66
C LEU D 24 7.02 38.70 -22.96
N GLU D 25 7.79 37.96 -23.76
CA GLU D 25 8.27 38.49 -25.04
C GLU D 25 7.85 37.57 -26.19
N VAL D 26 7.40 38.19 -27.28
CA VAL D 26 7.01 37.43 -28.46
C VAL D 26 8.17 37.55 -29.44
N ILE D 27 8.72 36.42 -29.85
CA ILE D 27 9.83 36.42 -30.80
C ILE D 27 9.22 36.33 -32.18
N GLU D 28 9.72 37.15 -33.10
CA GLU D 28 9.21 37.13 -34.46
C GLU D 28 10.27 36.46 -35.32
N CYS D 29 10.19 35.13 -35.46
CA CYS D 29 11.15 34.40 -36.29
C CYS D 29 11.07 34.92 -37.73
N ARG D 30 12.11 34.66 -38.52
CA ARG D 30 12.15 35.10 -39.91
C ARG D 30 13.05 34.18 -40.74
N ASN D 31 13.80 33.32 -40.06
CA ASN D 31 14.71 32.37 -40.72
C ASN D 31 14.51 31.00 -40.12
N VAL D 32 14.70 29.97 -40.91
CA VAL D 32 14.59 28.62 -40.38
C VAL D 32 15.76 28.47 -39.40
N GLU D 33 16.61 29.50 -39.37
CA GLU D 33 17.76 29.48 -38.49
C GLU D 33 17.37 29.86 -37.05
N GLU D 34 16.62 30.95 -36.91
CA GLU D 34 16.16 31.40 -35.60
C GLU D 34 15.20 30.38 -34.98
N LEU D 35 14.48 29.66 -35.85
CA LEU D 35 13.51 28.68 -35.38
C LEU D 35 14.22 27.51 -34.72
N ALA D 36 15.28 27.04 -35.36
CA ALA D 36 16.06 25.93 -34.82
C ALA D 36 16.68 26.35 -33.50
N ASP D 37 17.09 27.61 -33.39
CA ASP D 37 17.68 28.11 -32.15
C ASP D 37 16.64 28.11 -31.04
N ALA D 38 15.43 28.60 -31.37
CA ALA D 38 14.33 28.66 -30.41
C ALA D 38 14.01 27.28 -29.88
N ILE D 39 14.11 26.26 -30.74
CA ILE D 39 13.85 24.89 -30.33
C ILE D 39 15.00 24.40 -29.43
N LYS D 40 16.23 24.70 -29.84
CA LYS D 40 17.42 24.30 -29.08
C LYS D 40 17.40 24.88 -27.67
N LYS D 41 17.12 26.17 -27.56
CA LYS D 41 17.11 26.83 -26.26
C LYS D 41 15.80 26.67 -25.48
N LEU D 42 14.91 25.83 -25.98
CA LEU D 42 13.64 25.59 -25.31
C LEU D 42 12.75 26.84 -25.22
N ALA D 43 12.85 27.74 -26.20
CA ALA D 43 12.00 28.94 -26.21
C ALA D 43 10.61 28.42 -26.60
N VAL D 44 10.63 27.35 -27.39
CA VAL D 44 9.45 26.64 -27.82
C VAL D 44 9.64 25.24 -27.24
N ARG D 45 8.60 24.67 -26.68
CA ARG D 45 8.72 23.34 -26.10
C ARG D 45 7.38 22.69 -25.97
N GLY D 46 7.38 21.37 -25.78
CA GLY D 46 6.15 20.63 -25.69
C GLY D 46 5.84 19.97 -27.04
N ALA D 47 5.34 18.74 -26.98
CA ALA D 47 5.04 17.96 -28.15
C ALA D 47 4.24 18.66 -29.26
N PRO D 48 3.06 19.20 -28.94
CA PRO D 48 2.25 19.88 -29.97
C PRO D 48 2.88 21.17 -30.43
N ALA D 49 3.57 21.87 -29.53
CA ALA D 49 4.21 23.11 -29.91
C ALA D 49 5.34 22.79 -30.89
N LEU D 50 6.02 21.65 -30.71
CA LEU D 50 7.10 21.27 -31.61
C LEU D 50 6.59 20.77 -32.96
N GLU D 51 5.42 20.14 -32.99
CA GLU D 51 4.90 19.68 -34.27
C GLU D 51 4.56 20.92 -35.07
N ALA D 52 4.06 21.94 -34.40
CA ALA D 52 3.69 23.20 -35.05
C ALA D 52 4.95 23.97 -35.45
N ALA D 53 6.01 23.82 -34.67
CA ALA D 53 7.27 24.47 -34.97
C ALA D 53 7.79 23.89 -36.29
N GLY D 54 7.72 22.57 -36.40
CA GLY D 54 8.16 21.88 -37.60
C GLY D 54 7.33 22.27 -38.82
N ALA D 55 6.01 22.35 -38.64
CA ALA D 55 5.12 22.72 -39.74
C ALA D 55 5.38 24.16 -40.19
N TYR D 56 5.22 25.11 -39.27
CA TYR D 56 5.45 26.52 -39.58
C TYR D 56 6.88 26.71 -40.08
N GLY D 57 7.76 25.77 -39.72
CA GLY D 57 9.14 25.85 -40.16
C GLY D 57 9.23 25.70 -41.67
N ILE D 58 8.41 24.81 -42.23
CA ILE D 58 8.41 24.61 -43.68
C ILE D 58 7.75 25.77 -44.42
N ALA D 59 6.71 26.36 -43.82
CA ALA D 59 6.04 27.49 -44.43
C ALA D 59 7.06 28.63 -44.46
N LEU D 60 7.90 28.67 -43.42
CA LEU D 60 8.93 29.68 -43.30
C LEU D 60 10.05 29.43 -44.33
N ALA D 61 10.42 28.18 -44.51
CA ALA D 61 11.46 27.82 -45.48
C ALA D 61 11.04 28.25 -46.90
N ALA D 62 9.73 28.41 -47.09
CA ALA D 62 9.18 28.80 -48.36
C ALA D 62 9.07 30.31 -48.52
N ARG D 63 9.43 31.02 -47.46
CA ARG D 63 9.36 32.48 -47.48
C ARG D 63 10.70 33.07 -47.09
N GLU D 64 11.66 32.19 -46.82
CA GLU D 64 13.00 32.61 -46.43
C GLU D 64 13.70 33.35 -47.56
N ARG D 65 14.15 32.60 -48.55
CA ARG D 65 14.87 33.16 -49.69
C ARG D 65 13.95 33.34 -50.90
N GLU D 66 14.28 34.29 -51.77
CA GLU D 66 13.42 34.49 -52.93
C GLU D 66 13.58 33.37 -53.98
N PHE D 67 12.47 32.95 -54.58
CA PHE D 67 12.47 31.92 -55.64
C PHE D 67 11.74 32.38 -56.91
N ALA D 68 12.44 32.23 -58.03
CA ALA D 68 11.97 32.59 -59.37
C ALA D 68 11.79 31.27 -60.12
N ASP D 69 11.91 30.19 -59.37
CA ASP D 69 11.78 28.84 -59.91
C ASP D 69 10.98 27.95 -58.96
N VAL D 70 10.11 27.14 -59.55
CA VAL D 70 9.25 26.22 -58.80
C VAL D 70 10.01 25.04 -58.18
N ASP D 71 10.89 24.43 -58.96
CA ASP D 71 11.64 23.28 -58.46
C ASP D 71 12.79 23.68 -57.56
N GLU D 72 13.19 24.94 -57.65
CA GLU D 72 14.28 25.42 -56.81
C GLU D 72 13.78 25.50 -55.38
N LEU D 73 12.57 26.03 -55.21
CA LEU D 73 11.94 26.19 -53.90
C LEU D 73 11.65 24.83 -53.29
N LYS D 74 11.13 23.91 -54.10
CA LYS D 74 10.82 22.58 -53.61
C LYS D 74 12.06 21.86 -53.10
N GLU D 75 13.19 22.06 -53.76
CA GLU D 75 14.42 21.41 -53.34
C GLU D 75 14.86 22.05 -52.02
N HIS D 76 14.71 23.35 -51.94
CA HIS D 76 15.07 24.11 -50.74
C HIS D 76 14.33 23.50 -49.55
N LEU D 77 13.00 23.52 -49.61
CA LEU D 77 12.15 22.97 -48.57
C LEU D 77 12.65 21.61 -48.11
N LYS D 78 13.16 20.80 -49.04
CA LYS D 78 13.68 19.49 -48.68
C LYS D 78 14.88 19.67 -47.76
N LYS D 79 15.73 20.65 -48.06
CA LYS D 79 16.91 20.91 -47.24
C LYS D 79 16.53 21.48 -45.88
N ALA D 80 15.63 22.45 -45.87
CA ALA D 80 15.18 23.09 -44.64
C ALA D 80 14.56 22.04 -43.71
N ALA D 81 13.93 21.02 -44.29
CA ALA D 81 13.31 19.96 -43.53
C ALA D 81 14.37 19.09 -42.90
N ASP D 82 15.29 18.60 -43.72
CA ASP D 82 16.35 17.75 -43.22
C ASP D 82 17.07 18.48 -42.10
N PHE D 83 17.24 19.79 -42.27
CA PHE D 83 17.93 20.63 -41.29
C PHE D 83 17.21 20.76 -39.95
N LEU D 84 15.97 21.24 -39.98
CA LEU D 84 15.19 21.39 -38.76
C LEU D 84 15.10 20.07 -38.02
N ALA D 85 14.88 18.98 -38.75
CA ALA D 85 14.78 17.66 -38.15
C ALA D 85 16.06 17.31 -37.39
N SER D 86 17.20 17.64 -37.99
CA SER D 86 18.49 17.36 -37.38
C SER D 86 18.62 17.99 -36.01
N THR D 87 17.91 19.11 -35.81
CA THR D 87 17.96 19.78 -34.52
C THR D 87 17.76 18.70 -33.47
N ARG D 88 16.69 17.92 -33.62
CA ARG D 88 16.35 16.82 -32.71
C ARG D 88 15.84 15.63 -33.53
N PRO D 89 16.77 14.89 -34.15
CA PRO D 89 16.55 13.73 -35.00
C PRO D 89 15.54 12.72 -34.47
N THR D 90 15.43 12.64 -33.16
CA THR D 90 14.54 11.69 -32.53
C THR D 90 13.14 12.21 -32.16
N ALA D 91 12.97 13.54 -32.17
CA ALA D 91 11.71 14.18 -31.84
C ALA D 91 10.59 13.80 -32.82
N VAL D 92 9.79 12.80 -32.45
CA VAL D 92 8.70 12.34 -33.28
C VAL D 92 7.78 13.48 -33.75
N ASN D 93 7.46 14.39 -32.84
CA ASN D 93 6.55 15.49 -33.14
C ASN D 93 7.10 16.51 -34.11
N LEU D 94 8.33 16.92 -33.86
CA LEU D 94 8.96 17.87 -34.77
C LEU D 94 8.94 17.18 -36.13
N PHE D 95 9.30 15.90 -36.13
CA PHE D 95 9.33 15.13 -37.36
C PHE D 95 7.98 15.13 -38.08
N VAL D 96 6.92 14.80 -37.34
CA VAL D 96 5.58 14.76 -37.91
C VAL D 96 5.20 16.08 -38.55
N GLY D 97 5.39 17.18 -37.83
CA GLY D 97 5.06 18.50 -38.37
C GLY D 97 5.82 18.77 -39.66
N ILE D 98 7.12 18.50 -39.64
CA ILE D 98 7.94 18.72 -40.83
C ILE D 98 7.39 17.94 -42.01
N GLU D 99 7.22 16.63 -41.82
CA GLU D 99 6.77 15.73 -42.88
C GLU D 99 5.40 16.07 -43.47
N ARG D 100 4.43 16.38 -42.62
CA ARG D 100 3.08 16.70 -43.08
C ARG D 100 3.05 18.02 -43.85
N ALA D 101 3.79 19.01 -43.37
CA ALA D 101 3.85 20.31 -44.04
C ALA D 101 4.57 20.15 -45.38
N LEU D 102 5.76 19.56 -45.36
CA LEU D 102 6.54 19.33 -46.57
C LEU D 102 5.64 18.64 -47.60
N ASN D 103 5.18 17.44 -47.24
CA ASN D 103 4.32 16.64 -48.09
C ASN D 103 3.16 17.45 -48.68
N ALA D 104 2.68 18.41 -47.91
CA ALA D 104 1.58 19.28 -48.35
C ALA D 104 2.07 20.34 -49.31
N ALA D 105 3.14 21.03 -48.93
CA ALA D 105 3.68 22.10 -49.75
C ALA D 105 4.22 21.61 -51.10
N LEU D 106 4.69 20.37 -51.14
CA LEU D 106 5.27 19.84 -52.36
C LEU D 106 4.23 19.53 -53.43
N LYS D 107 2.97 19.58 -53.05
CA LYS D 107 1.89 19.32 -53.99
C LYS D 107 1.66 20.57 -54.84
N GLY D 108 2.19 21.71 -54.38
CA GLY D 108 2.04 22.96 -55.10
C GLY D 108 2.80 22.95 -56.41
N GLU D 109 2.22 23.54 -57.46
CA GLU D 109 2.84 23.56 -58.79
C GLU D 109 3.45 24.91 -59.15
N SER D 110 3.24 25.90 -58.29
CA SER D 110 3.80 27.22 -58.51
C SER D 110 4.37 27.73 -57.20
N VAL D 111 5.37 28.59 -57.28
CA VAL D 111 5.99 29.15 -56.09
C VAL D 111 4.91 29.62 -55.11
N GLU D 112 4.00 30.45 -55.61
CA GLU D 112 2.91 30.99 -54.82
C GLU D 112 2.07 29.88 -54.18
N GLU D 113 1.82 28.81 -54.94
CA GLU D 113 1.02 27.69 -54.46
C GLU D 113 1.72 26.94 -53.32
N VAL D 114 2.99 26.61 -53.52
CA VAL D 114 3.77 25.93 -52.50
C VAL D 114 3.73 26.72 -51.18
N LYS D 115 3.93 28.03 -51.29
CA LYS D 115 3.89 28.90 -50.13
C LYS D 115 2.57 28.72 -49.37
N GLU D 116 1.47 28.76 -50.12
CA GLU D 116 0.12 28.62 -49.59
C GLU D 116 -0.13 27.31 -48.88
N LEU D 117 0.12 26.20 -49.57
CA LEU D 117 -0.09 24.88 -49.00
C LEU D 117 0.77 24.61 -47.77
N ALA D 118 1.96 25.21 -47.71
CA ALA D 118 2.84 25.03 -46.57
C ALA D 118 2.19 25.61 -45.31
N LEU D 119 1.79 26.87 -45.42
CA LEU D 119 1.17 27.58 -44.32
C LEU D 119 -0.20 27.01 -43.94
N ARG D 120 -0.99 26.68 -44.96
CA ARG D 120 -2.33 26.12 -44.73
C ARG D 120 -2.24 24.83 -43.91
N GLU D 121 -1.26 23.99 -44.24
CA GLU D 121 -1.08 22.74 -43.51
C GLU D 121 -0.65 23.03 -42.07
N ALA D 122 0.30 23.94 -41.89
CA ALA D 122 0.76 24.32 -40.57
C ALA D 122 -0.40 24.86 -39.75
N GLU D 123 -1.18 25.77 -40.31
CA GLU D 123 -2.31 26.33 -39.59
C GLU D 123 -3.32 25.24 -39.22
N LYS D 124 -3.48 24.25 -40.08
CA LYS D 124 -4.44 23.18 -39.79
C LYS D 124 -3.99 22.31 -38.61
N LEU D 125 -2.73 21.95 -38.59
CA LEU D 125 -2.21 21.12 -37.51
C LEU D 125 -2.32 21.86 -36.19
N ALA D 126 -2.05 23.17 -36.22
CA ALA D 126 -2.13 24.00 -35.04
C ALA D 126 -3.56 24.01 -34.51
N GLU D 127 -4.52 24.21 -35.42
CA GLU D 127 -5.96 24.24 -35.14
C GLU D 127 -6.44 22.87 -34.62
N GLU D 128 -5.93 21.81 -35.21
CA GLU D 128 -6.34 20.48 -34.75
C GLU D 128 -5.85 20.22 -33.32
N ASP D 129 -4.72 20.82 -32.93
CA ASP D 129 -4.17 20.61 -31.58
C ASP D 129 -5.08 21.27 -30.56
N VAL D 130 -5.56 22.47 -30.89
CA VAL D 130 -6.45 23.19 -29.99
C VAL D 130 -7.79 22.45 -29.84
N GLU D 131 -8.35 21.97 -30.93
CA GLU D 131 -9.60 21.24 -30.87
C GLU D 131 -9.46 20.03 -29.95
N ARG D 132 -8.32 19.37 -30.10
CA ARG D 132 -7.97 18.16 -29.35
C ARG D 132 -7.92 18.48 -27.84
N ASN D 133 -7.21 19.55 -27.49
CA ASN D 133 -7.05 19.95 -26.11
C ASN D 133 -8.34 20.40 -25.50
N ARG D 134 -9.21 20.96 -26.33
CA ARG D 134 -10.50 21.42 -25.85
C ARG D 134 -11.42 20.26 -25.55
N LYS D 135 -11.43 19.29 -26.45
CA LYS D 135 -12.24 18.09 -26.34
C LYS D 135 -11.75 17.32 -25.08
N MET D 136 -10.44 17.14 -24.98
CA MET D 136 -9.83 16.46 -23.84
C MET D 136 -10.21 17.20 -22.53
N GLY D 137 -10.07 18.51 -22.54
CA GLY D 137 -10.39 19.30 -21.37
C GLY D 137 -11.85 19.17 -20.95
N GLU D 138 -12.76 19.14 -21.91
CA GLU D 138 -14.17 19.01 -21.59
C GLU D 138 -14.45 17.63 -20.93
N TYR D 139 -13.84 16.58 -21.48
CA TYR D 139 -13.99 15.25 -20.90
C TYR D 139 -13.43 15.20 -19.47
N GLY D 140 -12.27 15.81 -19.26
CA GLY D 140 -11.69 15.76 -17.91
C GLY D 140 -12.34 16.67 -16.89
N ALA D 141 -12.87 17.80 -17.36
CA ALA D 141 -13.51 18.76 -16.46
C ALA D 141 -14.64 18.03 -15.72
N GLU D 142 -15.24 17.04 -16.39
CA GLU D 142 -16.32 16.26 -15.80
C GLU D 142 -15.89 15.51 -14.53
N LEU D 143 -14.58 15.31 -14.37
CA LEU D 143 -14.01 14.63 -13.20
C LEU D 143 -13.76 15.62 -12.05
N LEU D 144 -13.83 16.91 -12.33
CA LEU D 144 -13.56 17.91 -11.29
C LEU D 144 -14.84 18.50 -10.76
N GLU D 145 -14.83 18.83 -9.47
CA GLU D 145 -15.99 19.43 -8.83
C GLU D 145 -15.68 20.84 -8.37
N ASP D 146 -16.72 21.65 -8.23
CA ASP D 146 -16.58 23.03 -7.76
C ASP D 146 -15.82 23.01 -6.43
N GLY D 147 -14.85 23.91 -6.28
CA GLY D 147 -14.06 23.96 -5.06
C GLY D 147 -12.82 23.07 -5.03
N ASP D 148 -12.67 22.18 -6.02
CA ASP D 148 -11.50 21.28 -6.05
C ASP D 148 -10.15 21.98 -6.12
N VAL D 149 -9.17 21.43 -5.39
CA VAL D 149 -7.80 21.94 -5.41
C VAL D 149 -7.01 20.85 -6.16
N VAL D 150 -6.46 21.24 -7.31
CA VAL D 150 -5.71 20.33 -8.17
C VAL D 150 -4.21 20.50 -8.03
N LEU D 151 -3.50 19.40 -7.78
CA LEU D 151 -2.05 19.50 -7.70
C LEU D 151 -1.52 19.08 -9.08
N THR D 152 -0.53 19.80 -9.59
CA THR D 152 0.04 19.44 -10.89
C THR D 152 1.55 19.39 -10.82
N TYR D 153 2.18 18.94 -11.90
CA TYR D 153 3.64 18.77 -11.94
C TYR D 153 4.17 19.21 -13.30
N CYS D 154 5.39 19.74 -13.32
CA CYS D 154 6.00 20.24 -14.55
C CYS D 154 5.10 21.30 -15.20
N ASN D 155 4.89 21.24 -16.52
CA ASN D 155 4.08 22.26 -17.20
C ASN D 155 3.32 21.72 -18.41
N ALA D 156 2.16 21.14 -18.17
CA ALA D 156 1.35 20.56 -19.24
C ALA D 156 0.22 21.53 -19.55
N GLY D 157 0.60 22.74 -19.95
CA GLY D 157 -0.39 23.77 -20.22
C GLY D 157 -0.37 24.41 -21.59
N ARG D 158 -0.85 25.65 -21.65
CA ARG D 158 -0.94 26.34 -22.92
C ARG D 158 0.37 26.69 -23.57
N LEU D 159 1.46 26.71 -22.82
CA LEU D 159 2.77 27.01 -23.42
C LEU D 159 3.38 25.77 -24.08
N ALA D 160 3.07 24.59 -23.52
CA ALA D 160 3.58 23.32 -24.03
C ALA D 160 2.72 22.72 -25.13
N THR D 161 1.63 23.39 -25.47
CA THR D 161 0.74 22.93 -26.53
C THR D 161 0.56 24.21 -27.39
N VAL D 162 -0.24 24.17 -28.46
CA VAL D 162 -0.45 25.40 -29.24
C VAL D 162 -1.30 26.33 -28.35
N ASP D 163 -2.29 25.75 -27.68
CA ASP D 163 -3.15 26.54 -26.79
C ASP D 163 -3.94 25.62 -25.85
N TRP D 164 -4.45 26.22 -24.79
CA TRP D 164 -5.28 25.57 -23.78
C TRP D 164 -4.52 24.61 -22.85
N GLY D 165 -3.84 23.62 -23.42
CA GLY D 165 -3.08 22.72 -22.58
C GLY D 165 -3.74 21.39 -22.39
N THR D 166 -2.99 20.45 -21.80
CA THR D 166 -3.53 19.13 -21.56
C THR D 166 -4.00 19.08 -20.11
N ALA D 167 -3.09 18.80 -19.17
CA ALA D 167 -3.50 18.76 -17.76
C ALA D 167 -4.14 20.08 -17.32
N LEU D 168 -3.47 21.20 -17.65
CA LEU D 168 -3.99 22.52 -17.28
C LEU D 168 -5.21 22.90 -18.14
N GLY D 169 -5.36 22.24 -19.29
CA GLY D 169 -6.50 22.48 -20.15
C GLY D 169 -7.72 21.90 -19.47
N VAL D 170 -7.53 20.83 -18.70
CA VAL D 170 -8.66 20.23 -17.96
C VAL D 170 -9.09 21.24 -16.91
N VAL D 171 -8.11 21.90 -16.29
CA VAL D 171 -8.38 22.91 -15.29
C VAL D 171 -9.07 24.12 -15.95
N ARG D 172 -8.59 24.56 -17.12
CA ARG D 172 -9.25 25.69 -17.79
C ARG D 172 -10.70 25.35 -18.20
N SER D 173 -10.92 24.13 -18.61
CA SER D 173 -12.27 23.73 -19.01
C SER D 173 -13.24 23.72 -17.80
N ALA D 174 -12.80 23.18 -16.67
CA ALA D 174 -13.65 23.16 -15.48
C ALA D 174 -13.96 24.61 -15.04
N VAL D 175 -12.97 25.51 -15.13
CA VAL D 175 -13.20 26.91 -14.74
C VAL D 175 -14.23 27.55 -15.71
N GLU D 176 -14.08 27.28 -17.00
CA GLU D 176 -14.99 27.79 -18.03
C GLU D 176 -16.41 27.29 -17.75
N GLN D 177 -16.53 26.15 -17.08
CA GLN D 177 -17.85 25.61 -16.73
C GLN D 177 -18.40 26.35 -15.52
N GLY D 178 -17.57 27.19 -14.92
CA GLY D 178 -18.03 27.93 -13.76
C GLY D 178 -17.60 27.29 -12.45
N LYS D 179 -16.78 26.25 -12.49
CA LYS D 179 -16.37 25.62 -11.24
C LYS D 179 -15.20 26.43 -10.68
N GLU D 180 -15.13 26.57 -9.37
CA GLU D 180 -14.02 27.31 -8.76
C GLU D 180 -12.94 26.23 -8.68
N ILE D 181 -11.78 26.49 -9.29
CA ILE D 181 -10.68 25.51 -9.26
C ILE D 181 -9.41 26.23 -8.87
N ARG D 182 -8.65 25.64 -7.96
CA ARG D 182 -7.38 26.22 -7.51
C ARG D 182 -6.28 25.19 -7.76
N VAL D 183 -5.06 25.68 -7.95
CA VAL D 183 -3.94 24.78 -8.26
C VAL D 183 -2.74 24.90 -7.32
N ILE D 184 -2.11 23.77 -7.06
CA ILE D 184 -0.89 23.74 -6.28
C ILE D 184 0.09 23.21 -7.31
N ALA D 185 1.12 24.01 -7.60
CA ALA D 185 2.14 23.64 -8.58
C ALA D 185 3.47 23.32 -7.92
N CYS D 186 4.03 22.15 -8.25
CA CYS D 186 5.33 21.74 -7.73
C CYS D 186 6.32 22.44 -8.63
N GLU D 187 7.37 23.03 -8.05
CA GLU D 187 8.38 23.77 -8.82
C GLU D 187 8.99 22.98 -9.99
N THR D 188 9.12 21.66 -9.80
CA THR D 188 9.66 20.73 -10.82
C THR D 188 11.15 20.88 -11.14
N ARG D 189 11.99 20.46 -10.19
CA ARG D 189 13.43 20.50 -10.37
C ARG D 189 13.85 19.47 -11.43
N PRO D 190 15.05 19.63 -12.03
CA PRO D 190 16.00 20.71 -11.79
C PRO D 190 15.85 21.94 -12.70
N LEU D 191 14.93 21.90 -13.66
CA LEU D 191 14.77 23.04 -14.57
C LEU D 191 13.64 24.00 -14.19
N ASN D 192 12.88 23.62 -13.18
CA ASN D 192 11.81 24.46 -12.66
C ASN D 192 10.69 24.90 -13.60
N GLN D 193 10.22 23.97 -14.44
CA GLN D 193 9.11 24.28 -15.34
C GLN D 193 7.85 24.66 -14.52
N GLY D 194 7.70 24.08 -13.33
CA GLY D 194 6.53 24.39 -12.54
C GLY D 194 6.49 25.82 -12.03
N SER D 195 7.61 26.27 -11.50
CA SER D 195 7.62 27.64 -10.99
C SER D 195 7.76 28.72 -12.08
N ARG D 196 8.55 28.45 -13.12
CA ARG D 196 8.77 29.42 -14.18
C ARG D 196 7.63 29.51 -15.20
N LEU D 197 7.07 28.36 -15.53
CA LEU D 197 6.06 28.29 -16.58
C LEU D 197 4.66 28.08 -16.10
N THR D 198 4.46 27.08 -15.27
CA THR D 198 3.12 26.80 -14.80
C THR D 198 2.58 27.95 -13.98
N CYS D 199 3.36 28.41 -13.01
CA CYS D 199 2.87 29.48 -12.18
C CYS D 199 2.59 30.72 -13.03
N TRP D 200 3.44 30.97 -14.02
CA TRP D 200 3.22 32.10 -14.89
C TRP D 200 1.89 32.02 -15.66
N GLU D 201 1.69 30.96 -16.42
CA GLU D 201 0.47 30.90 -17.21
C GLU D 201 -0.81 30.92 -16.42
N LEU D 202 -0.82 30.26 -15.27
CA LEU D 202 -2.03 30.25 -14.46
C LEU D 202 -2.32 31.66 -13.93
N MET D 203 -1.30 32.32 -13.39
CA MET D 203 -1.50 33.66 -12.87
C MET D 203 -1.94 34.61 -13.98
N GLU D 204 -1.28 34.51 -15.14
CA GLU D 204 -1.67 35.34 -16.28
C GLU D 204 -3.14 35.20 -16.61
N ASP D 205 -3.66 33.99 -16.47
CA ASP D 205 -5.04 33.74 -16.80
C ASP D 205 -6.08 33.90 -15.68
N GLY D 206 -5.66 34.21 -14.46
CA GLY D 206 -6.61 34.37 -13.37
C GLY D 206 -6.95 33.12 -12.57
N ILE D 207 -6.08 32.10 -12.65
CA ILE D 207 -6.32 30.85 -11.91
C ILE D 207 -5.41 30.80 -10.69
N ASP D 208 -6.01 30.65 -9.52
CA ASP D 208 -5.25 30.63 -8.28
C ASP D 208 -4.24 29.49 -8.28
N VAL D 209 -3.00 29.79 -7.92
CA VAL D 209 -1.95 28.77 -7.86
C VAL D 209 -1.02 29.06 -6.69
N THR D 210 -0.64 27.98 -6.00
CA THR D 210 0.28 28.10 -4.88
C THR D 210 1.47 27.22 -5.24
N LEU D 211 2.65 27.81 -5.11
CA LEU D 211 3.89 27.13 -5.40
C LEU D 211 4.48 26.42 -4.15
N ILE D 212 5.01 25.21 -4.36
CA ILE D 212 5.65 24.40 -3.32
C ILE D 212 6.81 23.66 -3.98
N THR D 213 7.70 23.08 -3.18
CA THR D 213 8.80 22.31 -3.75
C THR D 213 8.22 20.94 -4.08
N ASP D 214 8.94 20.19 -4.89
CA ASP D 214 8.49 18.86 -5.24
C ASP D 214 8.34 18.00 -3.99
N SER D 215 9.29 18.13 -3.07
CA SER D 215 9.29 17.34 -1.82
C SER D 215 8.07 17.59 -0.91
N MET D 216 7.41 18.73 -1.09
CA MET D 216 6.24 19.06 -0.29
C MET D 216 4.98 18.32 -0.68
N VAL D 217 5.04 17.50 -1.71
CA VAL D 217 3.85 16.76 -2.11
C VAL D 217 3.34 15.96 -0.94
N GLY D 218 4.29 15.49 -0.11
CA GLY D 218 3.92 14.70 1.05
C GLY D 218 3.08 15.42 2.09
N ILE D 219 3.61 16.52 2.61
CA ILE D 219 2.88 17.24 3.64
C ILE D 219 1.54 17.80 3.12
N VAL D 220 1.50 18.31 1.88
CA VAL D 220 0.22 18.87 1.41
C VAL D 220 -0.87 17.82 1.35
N MET D 221 -0.51 16.56 1.10
CA MET D 221 -1.52 15.53 1.08
C MET D 221 -1.82 15.07 2.50
N GLN D 222 -0.83 15.09 3.39
CA GLN D 222 -1.09 14.70 4.78
C GLN D 222 -2.13 15.66 5.31
N LYS D 223 -1.95 16.94 4.97
CA LYS D 223 -2.85 17.99 5.44
C LYS D 223 -4.14 18.10 4.68
N GLY D 224 -4.35 17.21 3.71
CA GLY D 224 -5.59 17.21 2.94
C GLY D 224 -5.82 18.45 2.10
N MET D 225 -4.77 19.07 1.60
CA MET D 225 -4.91 20.29 0.78
C MET D 225 -5.21 19.99 -0.69
N VAL D 226 -5.03 18.74 -1.10
CA VAL D 226 -5.24 18.37 -2.50
C VAL D 226 -6.43 17.46 -2.72
N ASP D 227 -7.28 17.78 -3.71
CA ASP D 227 -8.42 16.93 -4.03
C ASP D 227 -8.11 15.94 -5.18
N LYS D 228 -7.32 16.41 -6.14
CA LYS D 228 -6.98 15.59 -7.32
C LYS D 228 -5.60 16.00 -7.84
N VAL D 229 -4.95 15.07 -8.51
CA VAL D 229 -3.66 15.33 -9.13
C VAL D 229 -3.91 15.18 -10.65
N ILE D 230 -3.44 16.13 -11.46
CA ILE D 230 -3.58 15.97 -12.90
C ILE D 230 -2.23 16.36 -13.49
N VAL D 231 -1.65 15.45 -14.29
CA VAL D 231 -0.37 15.72 -14.93
C VAL D 231 -0.48 15.33 -16.39
N GLY D 232 0.54 15.71 -17.17
CA GLY D 232 0.54 15.36 -18.57
C GLY D 232 1.38 14.09 -18.76
N ALA D 233 1.80 13.83 -20.00
CA ALA D 233 2.59 12.63 -20.28
C ALA D 233 3.47 12.88 -21.49
N ASP D 234 4.64 12.27 -21.50
CA ASP D 234 5.54 12.43 -22.61
C ASP D 234 5.40 11.22 -23.50
N ARG D 235 5.04 10.10 -22.89
CA ARG D 235 4.83 8.88 -23.64
C ARG D 235 4.11 7.87 -22.77
N ILE D 236 3.12 7.20 -23.35
CA ILE D 236 2.35 6.22 -22.59
C ILE D 236 2.49 4.84 -23.24
N VAL D 237 3.12 3.92 -22.52
CA VAL D 237 3.32 2.57 -23.05
C VAL D 237 2.36 1.64 -22.32
N ARG D 238 2.32 0.37 -22.67
CA ARG D 238 1.30 -0.53 -22.08
C ARG D 238 1.27 -0.72 -20.57
N ASP D 239 2.40 -0.53 -19.91
CA ASP D 239 2.42 -0.66 -18.46
C ASP D 239 2.80 0.63 -17.73
N ALA D 240 3.04 1.73 -18.44
CA ALA D 240 3.43 2.95 -17.73
C ALA D 240 3.32 4.28 -18.48
N VAL D 241 3.32 5.36 -17.70
CA VAL D 241 3.26 6.71 -18.20
C VAL D 241 4.62 7.35 -17.91
N PHE D 242 5.35 7.69 -18.97
CA PHE D 242 6.62 8.38 -18.82
C PHE D 242 6.33 9.87 -18.85
N ASN D 243 6.90 10.59 -17.89
CA ASN D 243 6.69 12.03 -17.79
C ASN D 243 7.86 12.62 -17.04
N LYS D 244 7.96 13.96 -17.00
CA LYS D 244 9.05 14.65 -16.29
C LYS D 244 9.42 13.93 -14.97
N ILE D 245 10.73 13.68 -14.73
CA ILE D 245 11.15 12.96 -13.49
C ILE D 245 10.46 13.59 -12.31
N GLY D 246 10.01 12.74 -11.39
CA GLY D 246 9.32 13.22 -10.20
C GLY D 246 7.84 12.86 -10.21
N THR D 247 7.29 12.70 -11.40
CA THR D 247 5.88 12.38 -11.55
C THR D 247 5.55 11.08 -10.80
N TYR D 248 6.41 10.08 -10.95
CA TYR D 248 6.18 8.82 -10.26
C TYR D 248 6.11 9.02 -8.76
N THR D 249 7.02 9.84 -8.22
CA THR D 249 7.03 10.10 -6.78
C THR D 249 5.66 10.65 -6.33
N VAL D 250 5.13 11.62 -7.06
CA VAL D 250 3.81 12.18 -6.76
C VAL D 250 2.74 11.08 -6.79
N SER D 251 2.82 10.20 -7.78
CA SER D 251 1.82 9.13 -7.93
C SER D 251 1.84 8.18 -6.73
N VAL D 252 3.03 7.98 -6.13
CA VAL D 252 3.14 7.08 -4.98
C VAL D 252 2.46 7.70 -3.76
N VAL D 253 2.73 8.98 -3.51
CA VAL D 253 2.12 9.65 -2.38
C VAL D 253 0.59 9.76 -2.60
N ALA D 254 0.18 10.12 -3.81
CA ALA D 254 -1.25 10.25 -4.15
C ALA D 254 -1.99 8.93 -3.88
N LYS D 255 -1.39 7.84 -4.34
CA LYS D 255 -2.03 6.54 -4.17
C LYS D 255 -2.19 6.19 -2.68
N HIS D 256 -1.16 6.47 -1.89
CA HIS D 256 -1.24 6.15 -0.47
C HIS D 256 -2.31 6.98 0.25
N HIS D 257 -2.57 8.16 -0.26
CA HIS D 257 -3.59 9.02 0.34
C HIS D 257 -4.93 8.95 -0.37
N ASN D 258 -5.13 7.95 -1.24
CA ASN D 258 -6.38 7.82 -1.96
C ASN D 258 -6.77 9.10 -2.71
N ILE D 259 -5.79 9.77 -3.30
CA ILE D 259 -6.06 10.98 -4.07
C ILE D 259 -6.05 10.62 -5.57
N PRO D 260 -7.15 10.88 -6.28
CA PRO D 260 -7.19 10.55 -7.72
C PRO D 260 -5.96 11.15 -8.42
N PHE D 261 -5.38 10.34 -9.31
CA PHE D 261 -4.20 10.71 -10.08
C PHE D 261 -4.57 10.56 -11.54
N TYR D 262 -4.78 11.69 -12.21
CA TYR D 262 -5.17 11.67 -13.61
C TYR D 262 -4.02 12.06 -14.52
N VAL D 263 -3.95 11.39 -15.67
CA VAL D 263 -2.94 11.73 -16.66
C VAL D 263 -3.67 12.20 -17.91
N ALA D 264 -3.41 13.43 -18.34
CA ALA D 264 -4.07 13.96 -19.53
C ALA D 264 -3.10 13.96 -20.70
N ALA D 265 -3.47 13.24 -21.76
CA ALA D 265 -2.64 13.13 -22.96
C ALA D 265 -3.48 12.66 -24.14
N PRO D 266 -3.15 13.18 -25.33
CA PRO D 266 -3.87 12.83 -26.54
C PRO D 266 -3.43 11.46 -27.05
N LYS D 267 -4.24 10.90 -27.94
CA LYS D 267 -3.94 9.63 -28.54
C LYS D 267 -2.52 9.50 -29.08
N ALA D 268 -2.03 10.54 -29.74
CA ALA D 268 -0.71 10.50 -30.34
C ALA D 268 0.44 10.32 -29.37
N THR D 269 0.17 10.52 -28.08
CA THR D 269 1.20 10.39 -27.06
C THR D 269 1.33 8.91 -26.64
N PHE D 270 0.35 8.09 -27.02
CA PHE D 270 0.43 6.66 -26.69
C PHE D 270 1.40 5.96 -27.67
N ASP D 271 2.09 4.94 -27.17
CA ASP D 271 3.06 4.16 -27.96
C ASP D 271 2.73 2.75 -27.47
N TRP D 272 1.50 2.33 -27.77
CA TRP D 272 0.97 1.06 -27.28
C TRP D 272 1.67 -0.22 -27.67
N GLU D 273 2.52 -0.15 -28.68
CA GLU D 273 3.30 -1.32 -29.11
C GLU D 273 4.47 -1.57 -28.13
N ARG D 274 4.81 -0.57 -27.32
CA ARG D 274 5.93 -0.70 -26.37
C ARG D 274 5.53 -0.95 -24.91
N THR D 275 6.51 -1.36 -24.09
CA THR D 275 6.34 -1.48 -22.65
C THR D 275 7.48 -0.66 -22.06
N ALA D 276 7.46 -0.40 -20.75
CA ALA D 276 8.49 0.40 -20.13
C ALA D 276 9.92 -0.09 -20.41
N LYS D 277 10.09 -1.40 -20.38
CA LYS D 277 11.39 -2.02 -20.63
C LYS D 277 12.02 -1.61 -21.97
N ASP D 278 11.21 -1.22 -22.94
CA ASP D 278 11.71 -0.81 -24.26
C ASP D 278 12.27 0.60 -24.29
N VAL D 279 11.97 1.38 -23.24
CA VAL D 279 12.33 2.81 -23.21
C VAL D 279 13.65 3.17 -22.55
N VAL D 280 14.48 3.94 -23.23
CA VAL D 280 15.74 4.35 -22.65
C VAL D 280 15.50 5.76 -22.11
N ILE D 281 15.74 6.00 -20.83
CA ILE D 281 15.53 7.34 -20.30
C ILE D 281 16.88 8.03 -20.40
N GLU D 282 16.97 9.13 -21.11
CA GLU D 282 18.28 9.77 -21.22
C GLU D 282 18.62 10.65 -20.01
N GLU D 283 19.93 10.85 -19.82
CA GLU D 283 20.46 11.68 -18.75
C GLU D 283 20.50 13.12 -19.23
N ARG D 284 20.13 14.07 -18.37
CA ARG D 284 20.22 15.46 -18.79
C ARG D 284 21.56 16.01 -18.26
N PRO D 285 22.01 17.17 -18.76
CA PRO D 285 23.29 17.73 -18.30
C PRO D 285 23.46 17.79 -16.79
N ARG D 286 24.62 17.34 -16.31
CA ARG D 286 24.90 17.34 -14.88
C ARG D 286 24.94 18.74 -14.28
N GLU D 287 25.27 19.73 -15.08
CA GLU D 287 25.35 21.08 -14.54
C GLU D 287 24.00 21.58 -14.05
N GLU D 288 22.90 20.96 -14.51
CA GLU D 288 21.56 21.35 -14.05
C GLU D 288 21.43 21.14 -12.52
N LEU D 289 22.31 20.34 -11.93
CA LEU D 289 22.30 20.11 -10.48
C LEU D 289 23.48 20.78 -9.76
N ILE D 290 24.44 21.28 -10.52
CA ILE D 290 25.63 21.89 -9.92
C ILE D 290 25.51 23.40 -9.74
N PHE D 291 24.67 24.03 -10.57
CA PHE D 291 24.44 25.47 -10.55
C PHE D 291 22.94 25.79 -10.68
N CYS D 292 22.55 26.90 -10.08
CA CYS D 292 21.19 27.38 -10.21
C CYS D 292 21.43 28.83 -10.57
N GLY D 293 21.34 29.13 -11.87
CA GLY D 293 21.64 30.46 -12.33
C GLY D 293 23.15 30.38 -12.43
N LYS D 294 23.86 31.21 -11.68
CA LYS D 294 25.32 31.13 -11.70
C LYS D 294 25.91 30.92 -10.32
N ARG D 295 25.03 30.65 -9.36
CA ARG D 295 25.45 30.35 -8.00
C ARG D 295 25.76 28.86 -8.00
N GLN D 296 26.95 28.49 -7.53
CA GLN D 296 27.36 27.09 -7.46
C GLN D 296 26.63 26.50 -6.24
N ILE D 297 25.81 25.45 -6.45
CA ILE D 297 25.07 24.83 -5.36
C ILE D 297 25.55 23.42 -4.94
N ALA D 298 26.60 22.93 -5.60
CA ALA D 298 27.15 21.62 -5.27
C ALA D 298 28.60 21.60 -5.70
N PRO D 299 29.40 20.67 -5.16
CA PRO D 299 30.82 20.57 -5.54
C PRO D 299 30.92 20.39 -7.07
N LEU D 300 31.90 21.03 -7.69
CA LEU D 300 32.07 20.98 -9.13
C LEU D 300 32.17 19.58 -9.70
N ASN D 301 32.90 18.73 -8.99
CA ASN D 301 33.15 17.36 -9.40
C ASN D 301 32.19 16.32 -8.90
N VAL D 302 31.07 16.71 -8.32
CA VAL D 302 30.15 15.72 -7.77
C VAL D 302 29.53 14.81 -8.84
N LYS D 303 29.33 13.53 -8.50
CA LYS D 303 28.69 12.62 -9.43
C LYS D 303 27.20 12.95 -9.37
N VAL D 304 26.59 13.07 -10.54
CA VAL D 304 25.18 13.41 -10.65
C VAL D 304 24.39 12.35 -11.40
N TYR D 305 23.18 12.08 -10.93
CA TYR D 305 22.31 11.16 -11.64
C TYR D 305 21.16 12.11 -11.98
N ASN D 306 20.90 12.30 -13.26
CA ASN D 306 19.88 13.25 -13.67
C ASN D 306 18.96 12.76 -14.80
N PRO D 307 18.16 11.72 -14.51
CA PRO D 307 17.23 11.20 -15.55
C PRO D 307 16.19 12.25 -15.94
N ALA D 308 15.89 12.32 -17.23
CA ALA D 308 14.92 13.29 -17.72
C ALA D 308 13.46 12.94 -17.36
N PHE D 309 13.16 11.65 -17.26
CA PHE D 309 11.82 11.19 -16.98
C PHE D 309 11.77 9.99 -16.04
N ASP D 310 10.57 9.68 -15.54
CA ASP D 310 10.40 8.43 -14.80
C ASP D 310 9.14 7.75 -15.29
N PRO D 311 9.02 6.45 -15.04
CA PRO D 311 7.81 5.76 -15.49
C PRO D 311 6.83 5.60 -14.32
N THR D 312 5.59 6.01 -14.51
CA THR D 312 4.58 5.85 -13.47
C THR D 312 3.76 4.66 -13.92
N PRO D 313 3.77 3.57 -13.13
CA PRO D 313 3.00 2.37 -13.50
C PRO D 313 1.52 2.74 -13.69
N LEU D 314 0.85 2.11 -14.65
CA LEU D 314 -0.58 2.43 -14.88
C LEU D 314 -1.42 2.10 -13.64
N GLU D 315 -0.93 1.20 -12.80
CA GLU D 315 -1.60 0.82 -11.56
C GLU D 315 -1.70 2.04 -10.66
N ASN D 316 -0.85 3.04 -10.88
CA ASN D 316 -0.91 4.26 -10.06
C ASN D 316 -1.69 5.37 -10.73
N VAL D 317 -2.30 5.07 -11.87
CA VAL D 317 -3.09 6.08 -12.60
C VAL D 317 -4.58 5.74 -12.52
N THR D 318 -5.34 6.65 -11.91
CA THR D 318 -6.80 6.53 -11.71
C THR D 318 -7.57 6.50 -13.04
N ALA D 319 -7.20 7.41 -13.94
CA ALA D 319 -7.82 7.42 -15.27
C ALA D 319 -6.95 8.24 -16.23
N LEU D 320 -7.09 7.93 -17.53
CA LEU D 320 -6.39 8.63 -18.60
C LEU D 320 -7.41 9.56 -19.29
N ILE D 321 -7.09 10.84 -19.40
CA ILE D 321 -8.01 11.79 -20.01
C ILE D 321 -7.50 12.09 -21.42
N THR D 322 -8.26 11.66 -22.43
CA THR D 322 -7.84 11.88 -23.83
C THR D 322 -8.92 12.60 -24.65
N GLU D 323 -8.63 12.89 -25.91
CA GLU D 323 -9.63 13.58 -26.73
C GLU D 323 -10.71 12.62 -27.20
N TYR D 324 -10.52 11.33 -26.92
CA TYR D 324 -11.51 10.34 -27.26
C TYR D 324 -12.38 10.03 -26.05
N GLY D 325 -12.03 10.61 -24.91
CA GLY D 325 -12.78 10.36 -23.69
C GLY D 325 -11.90 9.90 -22.54
N VAL D 326 -12.50 9.70 -21.37
CA VAL D 326 -11.73 9.25 -20.19
C VAL D 326 -11.61 7.74 -20.25
N ILE D 327 -10.42 7.23 -20.00
CA ILE D 327 -10.20 5.79 -20.05
C ILE D 327 -9.91 5.28 -18.65
N TYR D 328 -10.58 4.20 -18.27
CA TYR D 328 -10.42 3.59 -16.97
C TYR D 328 -9.83 2.19 -17.08
N PRO D 329 -9.34 1.66 -15.94
CA PRO D 329 -8.76 0.32 -15.88
C PRO D 329 -9.93 -0.63 -16.20
N PRO D 330 -9.64 -1.79 -16.77
CA PRO D 330 -8.32 -2.33 -17.16
C PRO D 330 -7.87 -1.67 -18.47
N TYR D 331 -6.73 -0.98 -18.43
CA TYR D 331 -6.24 -0.29 -19.63
C TYR D 331 -5.89 -1.21 -20.81
N GLU D 332 -5.51 -2.45 -20.51
CA GLU D 332 -5.15 -3.41 -21.55
C GLU D 332 -6.36 -3.59 -22.49
N VAL D 333 -7.55 -3.38 -21.97
CA VAL D 333 -8.76 -3.51 -22.81
C VAL D 333 -9.24 -2.14 -23.26
N ASN D 334 -9.39 -1.23 -22.31
CA ASN D 334 -9.94 0.09 -22.61
C ASN D 334 -9.16 1.09 -23.45
N VAL D 335 -7.84 1.01 -23.44
CA VAL D 335 -7.07 1.94 -24.23
C VAL D 335 -7.32 1.64 -25.74
N PRO D 336 -7.19 0.37 -26.17
CA PRO D 336 -7.45 0.13 -27.60
C PRO D 336 -8.92 0.41 -27.93
N LYS D 337 -9.83 0.06 -27.02
CA LYS D 337 -11.24 0.33 -27.27
C LYS D 337 -11.54 1.83 -27.42
N VAL D 338 -11.20 2.62 -26.42
CA VAL D 338 -11.48 4.05 -26.48
C VAL D 338 -10.73 4.82 -27.55
N LEU D 339 -9.46 4.47 -27.75
CA LEU D 339 -8.62 5.14 -28.74
C LEU D 339 -8.81 4.59 -30.15
N LYS D 340 -9.47 3.43 -30.23
CA LYS D 340 -9.74 2.74 -31.50
C LYS D 340 -8.51 2.16 -32.19
N PHE D 341 -7.73 1.38 -31.46
CA PHE D 341 -6.54 0.78 -32.03
C PHE D 341 -6.95 -0.45 -32.84
#